data_8BXU
# 
_entry.id   8BXU 
# 
_audit_conform.dict_name       mmcif_pdbx.dic 
_audit_conform.dict_version    5.397 
_audit_conform.dict_location   http://mmcif.pdb.org/dictionaries/ascii/mmcif_pdbx.dic 
# 
loop_
_database_2.database_id 
_database_2.database_code 
_database_2.pdbx_database_accession 
_database_2.pdbx_DOI 
PDB   8BXU         pdb_00008bxu 10.2210/pdb8bxu/pdb 
WWPDB D_1292127312 ?            ?                   
# 
loop_
_pdbx_audit_revision_history.ordinal 
_pdbx_audit_revision_history.data_content_type 
_pdbx_audit_revision_history.major_revision 
_pdbx_audit_revision_history.minor_revision 
_pdbx_audit_revision_history.revision_date 
1 'Structure model' 1 0 2023-03-22 
2 'Structure model' 1 1 2023-03-29 
3 'Structure model' 1 2 2023-04-12 
4 'Structure model' 1 3 2024-10-16 
# 
_pdbx_audit_revision_details.ordinal             1 
_pdbx_audit_revision_details.revision_ordinal    1 
_pdbx_audit_revision_details.data_content_type   'Structure model' 
_pdbx_audit_revision_details.provider            repository 
_pdbx_audit_revision_details.type                'Initial release' 
_pdbx_audit_revision_details.description         ? 
_pdbx_audit_revision_details.details             ? 
# 
loop_
_pdbx_audit_revision_group.ordinal 
_pdbx_audit_revision_group.revision_ordinal 
_pdbx_audit_revision_group.data_content_type 
_pdbx_audit_revision_group.group 
1 2 'Structure model' 'Database references' 
2 3 'Structure model' 'Database references' 
3 4 'Structure model' 'Data collection'     
4 4 'Structure model' 'Structure summary'   
# 
loop_
_pdbx_audit_revision_category.ordinal 
_pdbx_audit_revision_category.revision_ordinal 
_pdbx_audit_revision_category.data_content_type 
_pdbx_audit_revision_category.category 
1 2 'Structure model' citation                  
2 2 'Structure model' citation_author           
3 3 'Structure model' citation                  
4 4 'Structure model' chem_comp_atom            
5 4 'Structure model' chem_comp_bond            
6 4 'Structure model' pdbx_entry_details        
7 4 'Structure model' pdbx_modification_feature 
# 
loop_
_pdbx_audit_revision_item.ordinal 
_pdbx_audit_revision_item.revision_ordinal 
_pdbx_audit_revision_item.data_content_type 
_pdbx_audit_revision_item.item 
1 2 'Structure model' '_citation.page_last'                          
2 2 'Structure model' '_citation.pdbx_database_id_PubMed'            
3 2 'Structure model' '_citation.title'                              
4 2 'Structure model' '_citation_author.name'                        
5 3 'Structure model' '_citation.journal_volume'                     
6 4 'Structure model' '_pdbx_entry_details.has_protein_modification' 
# 
_pdbx_database_status.status_code                     REL 
_pdbx_database_status.status_code_sf                  REL 
_pdbx_database_status.status_code_mr                  ? 
_pdbx_database_status.entry_id                        8BXU 
_pdbx_database_status.recvd_initial_deposition_date   2022-12-09 
_pdbx_database_status.SG_entry                        N 
_pdbx_database_status.deposit_site                    PDBE 
_pdbx_database_status.process_site                    PDBE 
_pdbx_database_status.status_code_cs                  ? 
_pdbx_database_status.status_code_nmr_data            ? 
_pdbx_database_status.methods_development_category    ? 
_pdbx_database_status.pdb_format_compatible           N 
# 
_pdbx_contact_author.id                 2 
_pdbx_contact_author.email              sez@eie.gr 
_pdbx_contact_author.name_first         Spyros 
_pdbx_contact_author.name_last          Zographos 
_pdbx_contact_author.name_mi            E. 
_pdbx_contact_author.role               'principal investigator/group leader' 
_pdbx_contact_author.identifier_ORCID   0000-0001-8455-2352 
# 
loop_
_audit_author.name 
_audit_author.pdbx_ordinal 
_audit_author.identifier_ORCID 
'Liggri, P.G.V.'  1 0000-0002-8927-7895 
'Tsitsanou, K.E.' 2 0000-0001-9657-1390 
'Zographos, S.E.' 3 0000-0001-8455-2352 
# 
_citation.abstract                  ? 
_citation.abstract_id_CAS           ? 
_citation.book_id_ISBN              ? 
_citation.book_publisher            ? 
_citation.book_publisher_city       ? 
_citation.book_title                ? 
_citation.coordinate_linkage        ? 
_citation.country                   UK 
_citation.database_id_Medline       ? 
_citation.details                   ? 
_citation.id                        primary 
_citation.journal_abbrev            Int.J.Biol.Macromol. 
_citation.journal_id_ASTM           IJBMDR 
_citation.journal_id_CSD            0708 
_citation.journal_id_ISSN           0141-8130 
_citation.journal_full              ? 
_citation.journal_issue             ? 
_citation.journal_volume            237 
_citation.language                  ? 
_citation.page_first                124009 
_citation.page_last                 124009 
_citation.title                     
;The structure of AgamOBP5 in complex with the natural insect repellents Carvacrol and Thymol: Crystallographic, fluorescence and thermodynamic binding studies.
;
_citation.year                      2023 
_citation.database_id_CSD           ? 
_citation.pdbx_database_id_DOI      10.1016/j.ijbiomac.2023.124009 
_citation.pdbx_database_id_PubMed   36921814 
_citation.pdbx_database_id_patent   ? 
_citation.unpublished_flag          ? 
# 
loop_
_citation_author.citation_id 
_citation_author.name 
_citation_author.ordinal 
_citation_author.identifier_ORCID 
primary 'Liggri, P.G.V.'  1 ? 
primary 'Tsitsanou, K.E.' 2 ? 
primary 'Stamati, E.C.V.' 3 ? 
primary 'Saitta, F.'      4 ? 
primary 'Drakou, C.E.'    5 ? 
primary 'Leonidas, D.D.'  6 ? 
primary 'Fessas, D.'      7 ? 
primary 'Zographos, S.E.' 8 ? 
# 
loop_
_entity.id 
_entity.type 
_entity.src_method 
_entity.pdbx_description 
_entity.formula_weight 
_entity.pdbx_number_of_molecules 
_entity.pdbx_ec 
_entity.pdbx_mutation 
_entity.pdbx_fragment 
_entity.details 
1 polymer     man 'Odorant binding protein'       14105.488 1   ? ? ? ? 
2 non-polymer syn '(4S)-2-METHYL-2,4-PENTANEDIOL' 118.174   3   ? ? ? ? 
3 non-polymer syn 'SODIUM ION'                    22.990    1   ? ? ? ? 
4 non-polymer syn 2-ETHOXYETHANOL                 90.121    1   ? ? ? ? 
5 water       nat water                           18.015    126 ? ? ? ? 
# 
_entity_poly.entity_id                      1 
_entity_poly.type                           'polypeptide(L)' 
_entity_poly.nstd_linkage                   no 
_entity_poly.nstd_monomer                   no 
_entity_poly.pdbx_seq_one_letter_code       
;AMTRKQLINSMDMMRSACAPKFKVSTEMLDNLRGGIFAEDRELKCYTMCIAQMAGTMNKKGEINVQKTLAQMDAMLPPDM
RDKAKEAIHSCRDVQGRYKDSCDKTFYSTKCLAEYDRDVFLFP
;
_entity_poly.pdbx_seq_one_letter_code_can   
;AMTRKQLINSMDMMRSACAPKFKVSTEMLDNLRGGIFAEDRELKCYTMCIAQMAGTMNKKGEINVQKTLAQMDAMLPPDM
RDKAKEAIHSCRDVQGRYKDSCDKTFYSTKCLAEYDRDVFLFP
;
_entity_poly.pdbx_strand_id                 AAA 
_entity_poly.pdbx_target_identifier         ? 
# 
loop_
_pdbx_entity_nonpoly.entity_id 
_pdbx_entity_nonpoly.name 
_pdbx_entity_nonpoly.comp_id 
2 '(4S)-2-METHYL-2,4-PENTANEDIOL' MPD 
3 'SODIUM ION'                    NA  
4 2-ETHOXYETHANOL                 ETX 
5 water                           HOH 
# 
loop_
_entity_poly_seq.entity_id 
_entity_poly_seq.num 
_entity_poly_seq.mon_id 
_entity_poly_seq.hetero 
1 1   ALA n 
1 2   MET n 
1 3   THR n 
1 4   ARG n 
1 5   LYS n 
1 6   GLN n 
1 7   LEU n 
1 8   ILE n 
1 9   ASN n 
1 10  SER n 
1 11  MET n 
1 12  ASP n 
1 13  MET n 
1 14  MET n 
1 15  ARG n 
1 16  SER n 
1 17  ALA n 
1 18  CYS n 
1 19  ALA n 
1 20  PRO n 
1 21  LYS n 
1 22  PHE n 
1 23  LYS n 
1 24  VAL n 
1 25  SER n 
1 26  THR n 
1 27  GLU n 
1 28  MET n 
1 29  LEU n 
1 30  ASP n 
1 31  ASN n 
1 32  LEU n 
1 33  ARG n 
1 34  GLY n 
1 35  GLY n 
1 36  ILE n 
1 37  PHE n 
1 38  ALA n 
1 39  GLU n 
1 40  ASP n 
1 41  ARG n 
1 42  GLU n 
1 43  LEU n 
1 44  LYS n 
1 45  CYS n 
1 46  TYR n 
1 47  THR n 
1 48  MET n 
1 49  CYS n 
1 50  ILE n 
1 51  ALA n 
1 52  GLN n 
1 53  MET n 
1 54  ALA n 
1 55  GLY n 
1 56  THR n 
1 57  MET n 
1 58  ASN n 
1 59  LYS n 
1 60  LYS n 
1 61  GLY n 
1 62  GLU n 
1 63  ILE n 
1 64  ASN n 
1 65  VAL n 
1 66  GLN n 
1 67  LYS n 
1 68  THR n 
1 69  LEU n 
1 70  ALA n 
1 71  GLN n 
1 72  MET n 
1 73  ASP n 
1 74  ALA n 
1 75  MET n 
1 76  LEU n 
1 77  PRO n 
1 78  PRO n 
1 79  ASP n 
1 80  MET n 
1 81  ARG n 
1 82  ASP n 
1 83  LYS n 
1 84  ALA n 
1 85  LYS n 
1 86  GLU n 
1 87  ALA n 
1 88  ILE n 
1 89  HIS n 
1 90  SER n 
1 91  CYS n 
1 92  ARG n 
1 93  ASP n 
1 94  VAL n 
1 95  GLN n 
1 96  GLY n 
1 97  ARG n 
1 98  TYR n 
1 99  LYS n 
1 100 ASP n 
1 101 SER n 
1 102 CYS n 
1 103 ASP n 
1 104 LYS n 
1 105 THR n 
1 106 PHE n 
1 107 TYR n 
1 108 SER n 
1 109 THR n 
1 110 LYS n 
1 111 CYS n 
1 112 LEU n 
1 113 ALA n 
1 114 GLU n 
1 115 TYR n 
1 116 ASP n 
1 117 ARG n 
1 118 ASP n 
1 119 VAL n 
1 120 PHE n 
1 121 LEU n 
1 122 PHE n 
1 123 PRO n 
# 
_entity_src_gen.entity_id                          1 
_entity_src_gen.pdbx_src_id                        1 
_entity_src_gen.pdbx_alt_source_flag               sample 
_entity_src_gen.pdbx_seq_type                      'Biological sequence' 
_entity_src_gen.pdbx_beg_seq_num                   1 
_entity_src_gen.pdbx_end_seq_num                   123 
_entity_src_gen.gene_src_common_name               'African malaria mosquito' 
_entity_src_gen.gene_src_genus                     ? 
_entity_src_gen.pdbx_gene_src_gene                 OBP-5 
_entity_src_gen.gene_src_species                   ? 
_entity_src_gen.gene_src_strain                    ? 
_entity_src_gen.gene_src_tissue                    ? 
_entity_src_gen.gene_src_tissue_fraction           ? 
_entity_src_gen.gene_src_details                   ? 
_entity_src_gen.pdbx_gene_src_fragment             ? 
_entity_src_gen.pdbx_gene_src_scientific_name      'Anopheles gambiae' 
_entity_src_gen.pdbx_gene_src_ncbi_taxonomy_id     7165 
_entity_src_gen.pdbx_gene_src_variant              ? 
_entity_src_gen.pdbx_gene_src_cell_line            ? 
_entity_src_gen.pdbx_gene_src_atcc                 ? 
_entity_src_gen.pdbx_gene_src_organ                ? 
_entity_src_gen.pdbx_gene_src_organelle            ? 
_entity_src_gen.pdbx_gene_src_cell                 ? 
_entity_src_gen.pdbx_gene_src_cellular_location    ? 
_entity_src_gen.host_org_common_name               ? 
_entity_src_gen.pdbx_host_org_scientific_name      'Escherichia coli' 
_entity_src_gen.pdbx_host_org_ncbi_taxonomy_id     562 
_entity_src_gen.host_org_genus                     ? 
_entity_src_gen.pdbx_host_org_gene                 ? 
_entity_src_gen.pdbx_host_org_organ                ? 
_entity_src_gen.host_org_species                   ? 
_entity_src_gen.pdbx_host_org_tissue               ? 
_entity_src_gen.pdbx_host_org_tissue_fraction      ? 
_entity_src_gen.pdbx_host_org_strain               ? 
_entity_src_gen.pdbx_host_org_variant              ? 
_entity_src_gen.pdbx_host_org_cell_line            ? 
_entity_src_gen.pdbx_host_org_atcc                 ? 
_entity_src_gen.pdbx_host_org_culture_collection   ? 
_entity_src_gen.pdbx_host_org_cell                 ? 
_entity_src_gen.pdbx_host_org_organelle            ? 
_entity_src_gen.pdbx_host_org_cellular_location    ? 
_entity_src_gen.pdbx_host_org_vector_type          ? 
_entity_src_gen.pdbx_host_org_vector               ? 
_entity_src_gen.host_org_details                   ? 
_entity_src_gen.expression_system_id               ? 
_entity_src_gen.plasmid_name                       ? 
_entity_src_gen.plasmid_details                    ? 
_entity_src_gen.pdbx_description                   ? 
# 
loop_
_chem_comp.id 
_chem_comp.type 
_chem_comp.mon_nstd_flag 
_chem_comp.name 
_chem_comp.pdbx_synonyms 
_chem_comp.formula 
_chem_comp.formula_weight 
ALA 'L-peptide linking' y ALANINE                         ? 'C3 H7 N O2'     89.093  
ARG 'L-peptide linking' y ARGININE                        ? 'C6 H15 N4 O2 1' 175.209 
ASN 'L-peptide linking' y ASPARAGINE                      ? 'C4 H8 N2 O3'    132.118 
ASP 'L-peptide linking' y 'ASPARTIC ACID'                 ? 'C4 H7 N O4'     133.103 
CYS 'L-peptide linking' y CYSTEINE                        ? 'C3 H7 N O2 S'   121.158 
ETX non-polymer         . 2-ETHOXYETHANOL                 ? 'C4 H10 O2'      90.121  
GLN 'L-peptide linking' y GLUTAMINE                       ? 'C5 H10 N2 O3'   146.144 
GLU 'L-peptide linking' y 'GLUTAMIC ACID'                 ? 'C5 H9 N O4'     147.129 
GLY 'peptide linking'   y GLYCINE                         ? 'C2 H5 N O2'     75.067  
HIS 'L-peptide linking' y HISTIDINE                       ? 'C6 H10 N3 O2 1' 156.162 
HOH non-polymer         . WATER                           ? 'H2 O'           18.015  
ILE 'L-peptide linking' y ISOLEUCINE                      ? 'C6 H13 N O2'    131.173 
LEU 'L-peptide linking' y LEUCINE                         ? 'C6 H13 N O2'    131.173 
LYS 'L-peptide linking' y LYSINE                          ? 'C6 H15 N2 O2 1' 147.195 
MET 'L-peptide linking' y METHIONINE                      ? 'C5 H11 N O2 S'  149.211 
MPD non-polymer         . '(4S)-2-METHYL-2,4-PENTANEDIOL' ? 'C6 H14 O2'      118.174 
NA  non-polymer         . 'SODIUM ION'                    ? 'Na 1'           22.990  
PHE 'L-peptide linking' y PHENYLALANINE                   ? 'C9 H11 N O2'    165.189 
PRO 'L-peptide linking' y PROLINE                         ? 'C5 H9 N O2'     115.130 
SER 'L-peptide linking' y SERINE                          ? 'C3 H7 N O3'     105.093 
THR 'L-peptide linking' y THREONINE                       ? 'C4 H9 N O3'     119.119 
TYR 'L-peptide linking' y TYROSINE                        ? 'C9 H11 N O3'    181.189 
VAL 'L-peptide linking' y VALINE                          ? 'C5 H11 N O2'    117.146 
# 
loop_
_pdbx_poly_seq_scheme.asym_id 
_pdbx_poly_seq_scheme.entity_id 
_pdbx_poly_seq_scheme.seq_id 
_pdbx_poly_seq_scheme.mon_id 
_pdbx_poly_seq_scheme.ndb_seq_num 
_pdbx_poly_seq_scheme.pdb_seq_num 
_pdbx_poly_seq_scheme.auth_seq_num 
_pdbx_poly_seq_scheme.pdb_mon_id 
_pdbx_poly_seq_scheme.auth_mon_id 
_pdbx_poly_seq_scheme.pdb_strand_id 
_pdbx_poly_seq_scheme.pdb_ins_code 
_pdbx_poly_seq_scheme.hetero 
A 1 1   ALA 1   1   1   ALA ALA AAA . n 
A 1 2   MET 2   2   2   MET MET AAA . n 
A 1 3   THR 3   3   3   THR THR AAA . n 
A 1 4   ARG 4   4   4   ARG ARG AAA . n 
A 1 5   LYS 5   5   5   LYS LYS AAA . n 
A 1 6   GLN 6   6   6   GLN GLN AAA . n 
A 1 7   LEU 7   7   7   LEU LEU AAA . n 
A 1 8   ILE 8   8   8   ILE ILE AAA . n 
A 1 9   ASN 9   9   9   ASN ASN AAA . n 
A 1 10  SER 10  10  10  SER SER AAA . n 
A 1 11  MET 11  11  11  MET MET AAA . n 
A 1 12  ASP 12  12  12  ASP ASP AAA . n 
A 1 13  MET 13  13  13  MET MET AAA . n 
A 1 14  MET 14  14  14  MET MET AAA . n 
A 1 15  ARG 15  15  15  ARG ARG AAA . n 
A 1 16  SER 16  16  16  SER SER AAA . n 
A 1 17  ALA 17  17  17  ALA ALA AAA . n 
A 1 18  CYS 18  18  18  CYS CYS AAA . n 
A 1 19  ALA 19  19  19  ALA ALA AAA . n 
A 1 20  PRO 20  20  20  PRO PRO AAA . n 
A 1 21  LYS 21  21  21  LYS LYS AAA . n 
A 1 22  PHE 22  22  22  PHE PHE AAA . n 
A 1 23  LYS 23  23  23  LYS LYS AAA . n 
A 1 24  VAL 24  24  24  VAL VAL AAA . n 
A 1 25  SER 25  25  25  SER SER AAA . n 
A 1 26  THR 26  26  26  THR THR AAA . n 
A 1 27  GLU 27  27  27  GLU GLU AAA . n 
A 1 28  MET 28  28  28  MET MET AAA . n 
A 1 29  LEU 29  29  29  LEU LEU AAA . n 
A 1 30  ASP 30  30  30  ASP ASP AAA . n 
A 1 31  ASN 31  31  31  ASN ASN AAA . n 
A 1 32  LEU 32  32  32  LEU LEU AAA . n 
A 1 33  ARG 33  33  33  ARG ARG AAA . n 
A 1 34  GLY 34  34  34  GLY GLY AAA . n 
A 1 35  GLY 35  35  35  GLY GLY AAA . n 
A 1 36  ILE 36  36  36  ILE ILE AAA . n 
A 1 37  PHE 37  37  37  PHE PHE AAA . n 
A 1 38  ALA 38  38  38  ALA ALA AAA . n 
A 1 39  GLU 39  39  39  GLU GLU AAA . n 
A 1 40  ASP 40  40  40  ASP ASP AAA . n 
A 1 41  ARG 41  41  41  ARG ARG AAA . n 
A 1 42  GLU 42  42  42  GLU GLU AAA . n 
A 1 43  LEU 43  43  43  LEU LEU AAA . n 
A 1 44  LYS 44  44  44  LYS LYS AAA . n 
A 1 45  CYS 45  45  45  CYS CYS AAA . n 
A 1 46  TYR 46  46  46  TYR TYR AAA . n 
A 1 47  THR 47  47  47  THR THR AAA . n 
A 1 48  MET 48  48  48  MET MET AAA . n 
A 1 49  CYS 49  49  49  CYS CYS AAA . n 
A 1 50  ILE 50  50  50  ILE ILE AAA . n 
A 1 51  ALA 51  51  51  ALA ALA AAA . n 
A 1 52  GLN 52  52  52  GLN GLN AAA . n 
A 1 53  MET 53  53  53  MET MET AAA . n 
A 1 54  ALA 54  54  54  ALA ALA AAA . n 
A 1 55  GLY 55  55  55  GLY GLY AAA . n 
A 1 56  THR 56  56  56  THR THR AAA . n 
A 1 57  MET 57  57  57  MET MET AAA . n 
A 1 58  ASN 58  58  58  ASN ASN AAA . n 
A 1 59  LYS 59  59  59  LYS LYS AAA . n 
A 1 60  LYS 60  60  60  LYS LYS AAA . n 
A 1 61  GLY 61  61  61  GLY GLY AAA . n 
A 1 62  GLU 62  62  62  GLU GLU AAA . n 
A 1 63  ILE 63  63  63  ILE ILE AAA . n 
A 1 64  ASN 64  64  64  ASN ASN AAA . n 
A 1 65  VAL 65  65  65  VAL VAL AAA . n 
A 1 66  GLN 66  66  66  GLN GLN AAA . n 
A 1 67  LYS 67  67  67  LYS LYS AAA . n 
A 1 68  THR 68  68  68  THR THR AAA . n 
A 1 69  LEU 69  69  69  LEU LEU AAA . n 
A 1 70  ALA 70  70  70  ALA ALA AAA . n 
A 1 71  GLN 71  71  71  GLN GLN AAA . n 
A 1 72  MET 72  72  72  MET MET AAA . n 
A 1 73  ASP 73  73  73  ASP ASP AAA . n 
A 1 74  ALA 74  74  74  ALA ALA AAA . n 
A 1 75  MET 75  75  75  MET MET AAA . n 
A 1 76  LEU 76  76  76  LEU LEU AAA . n 
A 1 77  PRO 77  77  77  PRO PRO AAA . n 
A 1 78  PRO 78  78  78  PRO PRO AAA . n 
A 1 79  ASP 79  79  79  ASP ASP AAA . n 
A 1 80  MET 80  80  80  MET MET AAA . n 
A 1 81  ARG 81  81  81  ARG ARG AAA . n 
A 1 82  ASP 82  82  82  ASP ASP AAA . n 
A 1 83  LYS 83  83  83  LYS LYS AAA . n 
A 1 84  ALA 84  84  84  ALA ALA AAA . n 
A 1 85  LYS 85  85  85  LYS LYS AAA . n 
A 1 86  GLU 86  86  86  GLU GLU AAA . n 
A 1 87  ALA 87  87  87  ALA ALA AAA . n 
A 1 88  ILE 88  88  88  ILE ILE AAA . n 
A 1 89  HIS 89  89  89  HIS HIS AAA . n 
A 1 90  SER 90  90  90  SER SER AAA . n 
A 1 91  CYS 91  91  91  CYS CYS AAA . n 
A 1 92  ARG 92  92  92  ARG ARG AAA . n 
A 1 93  ASP 93  93  93  ASP ASP AAA . n 
A 1 94  VAL 94  94  94  VAL VAL AAA . n 
A 1 95  GLN 95  95  95  GLN GLN AAA . n 
A 1 96  GLY 96  96  96  GLY GLY AAA . n 
A 1 97  ARG 97  97  97  ARG ARG AAA . n 
A 1 98  TYR 98  98  98  TYR TYR AAA . n 
A 1 99  LYS 99  99  99  LYS LYS AAA . n 
A 1 100 ASP 100 100 100 ASP ASP AAA . n 
A 1 101 SER 101 101 101 SER SER AAA . n 
A 1 102 CYS 102 102 102 CYS CYS AAA . n 
A 1 103 ASP 103 103 103 ASP ASP AAA . n 
A 1 104 LYS 104 104 104 LYS LYS AAA . n 
A 1 105 THR 105 105 105 THR THR AAA . n 
A 1 106 PHE 106 106 106 PHE PHE AAA . n 
A 1 107 TYR 107 107 107 TYR TYR AAA . n 
A 1 108 SER 108 108 108 SER SER AAA . n 
A 1 109 THR 109 109 109 THR THR AAA . n 
A 1 110 LYS 110 110 110 LYS LYS AAA . n 
A 1 111 CYS 111 111 111 CYS CYS AAA . n 
A 1 112 LEU 112 112 112 LEU LEU AAA . n 
A 1 113 ALA 113 113 113 ALA ALA AAA . n 
A 1 114 GLU 114 114 114 GLU GLU AAA . n 
A 1 115 TYR 115 115 115 TYR TYR AAA . n 
A 1 116 ASP 116 116 116 ASP ASP AAA . n 
A 1 117 ARG 117 117 117 ARG ARG AAA . n 
A 1 118 ASP 118 118 118 ASP ASP AAA . n 
A 1 119 VAL 119 119 119 VAL VAL AAA . n 
A 1 120 PHE 120 120 120 PHE PHE AAA . n 
A 1 121 LEU 121 121 121 LEU LEU AAA . n 
A 1 122 PHE 122 122 122 PHE PHE AAA . n 
A 1 123 PRO 123 123 123 PRO PRO AAA . n 
# 
_pdbx_entity_instance_feature.ordinal        1 
_pdbx_entity_instance_feature.comp_id        MPD 
_pdbx_entity_instance_feature.asym_id        ? 
_pdbx_entity_instance_feature.seq_num        ? 
_pdbx_entity_instance_feature.auth_comp_id   MPD 
_pdbx_entity_instance_feature.auth_asym_id   ? 
_pdbx_entity_instance_feature.auth_seq_num   ? 
_pdbx_entity_instance_feature.feature_type   'SUBJECT OF INVESTIGATION' 
_pdbx_entity_instance_feature.details        ? 
# 
loop_
_pdbx_nonpoly_scheme.asym_id 
_pdbx_nonpoly_scheme.entity_id 
_pdbx_nonpoly_scheme.mon_id 
_pdbx_nonpoly_scheme.ndb_seq_num 
_pdbx_nonpoly_scheme.pdb_seq_num 
_pdbx_nonpoly_scheme.auth_seq_num 
_pdbx_nonpoly_scheme.pdb_mon_id 
_pdbx_nonpoly_scheme.auth_mon_id 
_pdbx_nonpoly_scheme.pdb_strand_id 
_pdbx_nonpoly_scheme.pdb_ins_code 
B 2 MPD 1   201 1   MPD MPD AAA . 
C 2 MPD 1   202 2   MPD MPD AAA . 
D 2 MPD 1   203 3   MPD MPD AAA . 
E 3 NA  1   204 2   NA  NA  AAA . 
F 4 ETX 1   205 1   ETX PEU AAA . 
G 5 HOH 1   301 111 HOH HOH AAA . 
G 5 HOH 2   302 95  HOH HOH AAA . 
G 5 HOH 3   303 89  HOH HOH AAA . 
G 5 HOH 4   304 49  HOH HOH AAA . 
G 5 HOH 5   305 76  HOH HOH AAA . 
G 5 HOH 6   306 126 HOH HOH AAA . 
G 5 HOH 7   307 71  HOH HOH AAA . 
G 5 HOH 8   308 66  HOH HOH AAA . 
G 5 HOH 9   309 68  HOH HOH AAA . 
G 5 HOH 10  310 98  HOH HOH AAA . 
G 5 HOH 11  311 92  HOH HOH AAA . 
G 5 HOH 12  312 124 HOH HOH AAA . 
G 5 HOH 13  313 83  HOH HOH AAA . 
G 5 HOH 14  314 64  HOH HOH AAA . 
G 5 HOH 15  315 59  HOH HOH AAA . 
G 5 HOH 16  316 84  HOH HOH AAA . 
G 5 HOH 17  317 88  HOH HOH AAA . 
G 5 HOH 18  318 40  HOH HOH AAA . 
G 5 HOH 19  319 16  HOH HOH AAA . 
G 5 HOH 20  320 30  HOH HOH AAA . 
G 5 HOH 21  321 6   HOH HOH AAA . 
G 5 HOH 22  322 100 HOH HOH AAA . 
G 5 HOH 23  323 35  HOH HOH AAA . 
G 5 HOH 24  324 4   HOH HOH AAA . 
G 5 HOH 25  325 14  HOH HOH AAA . 
G 5 HOH 26  326 104 HOH HOH AAA . 
G 5 HOH 27  327 82  HOH HOH AAA . 
G 5 HOH 28  328 70  HOH HOH AAA . 
G 5 HOH 29  329 125 HOH HOH AAA . 
G 5 HOH 30  330 2   HOH HOH AAA . 
G 5 HOH 31  331 105 HOH HOH AAA . 
G 5 HOH 32  332 29  HOH HOH AAA . 
G 5 HOH 33  333 56  HOH HOH AAA . 
G 5 HOH 34  334 46  HOH HOH AAA . 
G 5 HOH 35  335 101 HOH HOH AAA . 
G 5 HOH 36  336 55  HOH HOH AAA . 
G 5 HOH 37  337 103 HOH HOH AAA . 
G 5 HOH 38  338 8   HOH HOH AAA . 
G 5 HOH 39  339 17  HOH HOH AAA . 
G 5 HOH 40  340 51  HOH HOH AAA . 
G 5 HOH 41  341 19  HOH HOH AAA . 
G 5 HOH 42  342 115 HOH HOH AAA . 
G 5 HOH 43  343 42  HOH HOH AAA . 
G 5 HOH 44  344 22  HOH HOH AAA . 
G 5 HOH 45  345 44  HOH HOH AAA . 
G 5 HOH 46  346 33  HOH HOH AAA . 
G 5 HOH 47  347 23  HOH HOH AAA . 
G 5 HOH 48  348 10  HOH HOH AAA . 
G 5 HOH 49  349 12  HOH HOH AAA . 
G 5 HOH 50  350 11  HOH HOH AAA . 
G 5 HOH 51  351 93  HOH HOH AAA . 
G 5 HOH 52  352 25  HOH HOH AAA . 
G 5 HOH 53  353 110 HOH HOH AAA . 
G 5 HOH 54  354 26  HOH HOH AAA . 
G 5 HOH 55  355 63  HOH HOH AAA . 
G 5 HOH 56  356 107 HOH HOH AAA . 
G 5 HOH 57  357 57  HOH HOH AAA . 
G 5 HOH 58  358 77  HOH HOH AAA . 
G 5 HOH 59  359 43  HOH HOH AAA . 
G 5 HOH 60  360 1   HOH HOH AAA . 
G 5 HOH 61  361 74  HOH HOH AAA . 
G 5 HOH 62  362 73  HOH HOH AAA . 
G 5 HOH 63  363 13  HOH HOH AAA . 
G 5 HOH 64  364 86  HOH HOH AAA . 
G 5 HOH 65  365 54  HOH HOH AAA . 
G 5 HOH 66  366 41  HOH HOH AAA . 
G 5 HOH 67  367 5   HOH HOH AAA . 
G 5 HOH 68  368 117 HOH HOH AAA . 
G 5 HOH 69  369 61  HOH HOH AAA . 
G 5 HOH 70  370 20  HOH HOH AAA . 
G 5 HOH 71  371 62  HOH HOH AAA . 
G 5 HOH 72  372 47  HOH HOH AAA . 
G 5 HOH 73  373 21  HOH HOH AAA . 
G 5 HOH 74  374 102 HOH HOH AAA . 
G 5 HOH 75  375 24  HOH HOH AAA . 
G 5 HOH 76  376 58  HOH HOH AAA . 
G 5 HOH 77  377 67  HOH HOH AAA . 
G 5 HOH 78  378 81  HOH HOH AAA . 
G 5 HOH 79  379 65  HOH HOH AAA . 
G 5 HOH 80  380 15  HOH HOH AAA . 
G 5 HOH 81  381 28  HOH HOH AAA . 
G 5 HOH 82  382 108 HOH HOH AAA . 
G 5 HOH 83  383 85  HOH HOH AAA . 
G 5 HOH 84  384 53  HOH HOH AAA . 
G 5 HOH 85  385 31  HOH HOH AAA . 
G 5 HOH 86  386 38  HOH HOH AAA . 
G 5 HOH 87  387 87  HOH HOH AAA . 
G 5 HOH 88  388 32  HOH HOH AAA . 
G 5 HOH 89  389 72  HOH HOH AAA . 
G 5 HOH 90  390 99  HOH HOH AAA . 
G 5 HOH 91  391 36  HOH HOH AAA . 
G 5 HOH 92  392 27  HOH HOH AAA . 
G 5 HOH 93  393 39  HOH HOH AAA . 
G 5 HOH 94  394 97  HOH HOH AAA . 
G 5 HOH 95  395 114 HOH HOH AAA . 
G 5 HOH 96  396 123 HOH HOH AAA . 
G 5 HOH 97  397 48  HOH HOH AAA . 
G 5 HOH 98  398 90  HOH HOH AAA . 
G 5 HOH 99  399 109 HOH HOH AAA . 
G 5 HOH 100 400 18  HOH HOH AAA . 
G 5 HOH 101 401 34  HOH HOH AAA . 
G 5 HOH 102 402 122 HOH HOH AAA . 
G 5 HOH 103 403 7   HOH HOH AAA . 
G 5 HOH 104 404 9   HOH HOH AAA . 
G 5 HOH 105 405 112 HOH HOH AAA . 
G 5 HOH 106 406 45  HOH HOH AAA . 
G 5 HOH 107 407 94  HOH HOH AAA . 
G 5 HOH 108 408 78  HOH HOH AAA . 
G 5 HOH 109 409 3   HOH HOH AAA . 
G 5 HOH 110 410 116 HOH HOH AAA . 
G 5 HOH 111 411 118 HOH HOH AAA . 
G 5 HOH 112 412 113 HOH HOH AAA . 
G 5 HOH 113 413 50  HOH HOH AAA . 
G 5 HOH 114 414 96  HOH HOH AAA . 
G 5 HOH 115 415 60  HOH HOH AAA . 
G 5 HOH 116 416 69  HOH HOH AAA . 
G 5 HOH 117 417 37  HOH HOH AAA . 
G 5 HOH 118 418 120 HOH HOH AAA . 
G 5 HOH 119 419 91  HOH HOH AAA . 
G 5 HOH 120 420 119 HOH HOH AAA . 
G 5 HOH 121 421 75  HOH HOH AAA . 
G 5 HOH 122 422 52  HOH HOH AAA . 
G 5 HOH 123 423 80  HOH HOH AAA . 
G 5 HOH 124 424 79  HOH HOH AAA . 
G 5 HOH 125 425 106 HOH HOH AAA . 
G 5 HOH 126 426 121 HOH HOH AAA . 
# 
loop_
_software.citation_id 
_software.classification 
_software.compiler_name 
_software.compiler_version 
_software.contact_author 
_software.contact_author_email 
_software.date 
_software.description 
_software.dependencies 
_software.hardware 
_software.language 
_software.location 
_software.mods 
_software.name 
_software.os 
_software.os_version 
_software.type 
_software.version 
_software.pdbx_ordinal 
? refinement       ? ? ? ? ? ? ? ? ? ? ? REFMAC ? ? ? 5.8.0257 1 
? 'data reduction' ? ? ? ? ? ? ? ? ? ? ? XDS    ? ? ? .        2 
? 'data scaling'   ? ? ? ? ? ? ? ? ? ? ? SCALA  ? ? ? .        3 
? phasing          ? ? ? ? ? ? ? ? ? ? ? MOLREP ? ? ? .        4 
# 
_cell.angle_alpha                  90.000 
_cell.angle_alpha_esd              ? 
_cell.angle_beta                   100.490 
_cell.angle_beta_esd               ? 
_cell.angle_gamma                  90.000 
_cell.angle_gamma_esd              ? 
_cell.entry_id                     8BXU 
_cell.details                      ? 
_cell.formula_units_Z              ? 
_cell.length_a                     33.943 
_cell.length_a_esd                 ? 
_cell.length_b                     35.509 
_cell.length_b_esd                 ? 
_cell.length_c                     55.063 
_cell.length_c_esd                 ? 
_cell.volume                       ? 
_cell.volume_esd                   ? 
_cell.Z_PDB                        2 
_cell.reciprocal_angle_alpha       ? 
_cell.reciprocal_angle_beta        ? 
_cell.reciprocal_angle_gamma       ? 
_cell.reciprocal_angle_alpha_esd   ? 
_cell.reciprocal_angle_beta_esd    ? 
_cell.reciprocal_angle_gamma_esd   ? 
_cell.reciprocal_length_a          ? 
_cell.reciprocal_length_b          ? 
_cell.reciprocal_length_c          ? 
_cell.reciprocal_length_a_esd      ? 
_cell.reciprocal_length_b_esd      ? 
_cell.reciprocal_length_c_esd      ? 
_cell.pdbx_unique_axis             ? 
_cell.pdbx_esd_method              ? 
# 
_symmetry.entry_id                         8BXU 
_symmetry.cell_setting                     ? 
_symmetry.Int_Tables_number                4 
_symmetry.space_group_name_Hall            ? 
_symmetry.space_group_name_H-M             'P 1 21 1' 
_symmetry.pdbx_full_space_group_name_H-M   ? 
# 
_exptl.absorpt_coefficient_mu     ? 
_exptl.absorpt_correction_T_max   ? 
_exptl.absorpt_correction_T_min   ? 
_exptl.absorpt_correction_type    ? 
_exptl.absorpt_process_details    ? 
_exptl.entry_id                   8BXU 
_exptl.crystals_number            1 
_exptl.details                    ? 
_exptl.method                     'X-RAY DIFFRACTION' 
_exptl.method_details             ? 
# 
_exptl_crystal.colour                       ? 
_exptl_crystal.density_diffrn               ? 
_exptl_crystal.density_Matthews             2.31 
_exptl_crystal.density_method               ? 
_exptl_crystal.density_percent_sol          46.83 
_exptl_crystal.description                  ? 
_exptl_crystal.F_000                        ? 
_exptl_crystal.id                           1 
_exptl_crystal.preparation                  ? 
_exptl_crystal.size_max                     ? 
_exptl_crystal.size_mid                     ? 
_exptl_crystal.size_min                     ? 
_exptl_crystal.size_rad                     ? 
_exptl_crystal.colour_lustre                ? 
_exptl_crystal.colour_modifier              ? 
_exptl_crystal.colour_primary               ? 
_exptl_crystal.density_meas                 ? 
_exptl_crystal.density_meas_esd             ? 
_exptl_crystal.density_meas_gt              ? 
_exptl_crystal.density_meas_lt              ? 
_exptl_crystal.density_meas_temp            ? 
_exptl_crystal.density_meas_temp_esd        ? 
_exptl_crystal.density_meas_temp_gt         ? 
_exptl_crystal.density_meas_temp_lt         ? 
_exptl_crystal.pdbx_crystal_image_url       ? 
_exptl_crystal.pdbx_crystal_image_format    ? 
_exptl_crystal.pdbx_mosaicity               ? 
_exptl_crystal.pdbx_mosaicity_esd           ? 
_exptl_crystal.pdbx_mosaic_method           ? 
_exptl_crystal.pdbx_mosaic_block_size       ? 
_exptl_crystal.pdbx_mosaic_block_size_esd   ? 
# 
_exptl_crystal_grow.apparatus       ? 
_exptl_crystal_grow.atmosphere      ? 
_exptl_crystal_grow.crystal_id      1 
_exptl_crystal_grow.details         ? 
_exptl_crystal_grow.method          'VAPOR DIFFUSION, SITTING DROP' 
_exptl_crystal_grow.method_ref      ? 
_exptl_crystal_grow.pH              8.5 
_exptl_crystal_grow.pressure        ? 
_exptl_crystal_grow.pressure_esd    ? 
_exptl_crystal_grow.seeding         ? 
_exptl_crystal_grow.seeding_ref     ? 
_exptl_crystal_grow.temp_details    ? 
_exptl_crystal_grow.temp_esd        ? 
_exptl_crystal_grow.time            ? 
_exptl_crystal_grow.pdbx_details    
;0.12M Monosaccharides (0.02 M each of D-Glucose, D-Mannose, D-Galactose, L-Fucose, D-Xylose and N-Acetyl-D-Glucosamine), 0.1 M Bicine/Trizma base, pH 8.5, 12.5% (w/v) PEG 1000, 12.5% (w/v) PEG 3350 and 12.5% (v/v) MPD (2-Methyl-2,4-pentanediol)
;
_exptl_crystal_grow.pdbx_pH_range   ? 
_exptl_crystal_grow.temp            293 
# 
_diffrn.ambient_environment              ? 
_diffrn.ambient_temp                     100 
_diffrn.ambient_temp_details             ? 
_diffrn.ambient_temp_esd                 ? 
_diffrn.crystal_id                       1 
_diffrn.crystal_support                  ? 
_diffrn.crystal_treatment                ? 
_diffrn.details                          ? 
_diffrn.id                               1 
_diffrn.ambient_pressure                 ? 
_diffrn.ambient_pressure_esd             ? 
_diffrn.ambient_pressure_gt              ? 
_diffrn.ambient_pressure_lt              ? 
_diffrn.ambient_temp_gt                  ? 
_diffrn.ambient_temp_lt                  ? 
_diffrn.pdbx_serial_crystal_experiment   N 
# 
_diffrn_detector.details                      ? 
_diffrn_detector.detector                     PIXEL 
_diffrn_detector.diffrn_id                    1 
_diffrn_detector.type                         'DECTRIS EIGER2 X 16M' 
_diffrn_detector.area_resol_mean              ? 
_diffrn_detector.dtime                        ? 
_diffrn_detector.pdbx_frames_total            ? 
_diffrn_detector.pdbx_collection_time_total   ? 
_diffrn_detector.pdbx_collection_date         2017-10-10 
_diffrn_detector.pdbx_frequency               ? 
# 
_diffrn_radiation.collimation                      ? 
_diffrn_radiation.diffrn_id                        1 
_diffrn_radiation.filter_edge                      ? 
_diffrn_radiation.inhomogeneity                    ? 
_diffrn_radiation.monochromator                    ? 
_diffrn_radiation.polarisn_norm                    ? 
_diffrn_radiation.polarisn_ratio                   ? 
_diffrn_radiation.probe                            ? 
_diffrn_radiation.type                             ? 
_diffrn_radiation.xray_symbol                      ? 
_diffrn_radiation.wavelength_id                    1 
_diffrn_radiation.pdbx_monochromatic_or_laue_m_l   M 
_diffrn_radiation.pdbx_wavelength_list             ? 
_diffrn_radiation.pdbx_wavelength                  ? 
_diffrn_radiation.pdbx_diffrn_protocol             'SINGLE WAVELENGTH' 
_diffrn_radiation.pdbx_analyzer                    ? 
_diffrn_radiation.pdbx_scattering_type             x-ray 
# 
_diffrn_radiation_wavelength.id           1 
_diffrn_radiation_wavelength.wavelength   0.9762 
_diffrn_radiation_wavelength.wt           1.0 
# 
_diffrn_source.current                     ? 
_diffrn_source.details                     ? 
_diffrn_source.diffrn_id                   1 
_diffrn_source.power                       ? 
_diffrn_source.size                        ? 
_diffrn_source.source                      SYNCHROTRON 
_diffrn_source.target                      ? 
_diffrn_source.type                        'DIAMOND BEAMLINE I03' 
_diffrn_source.voltage                     ? 
_diffrn_source.take-off_angle              ? 
_diffrn_source.pdbx_wavelength_list        0.9762 
_diffrn_source.pdbx_wavelength             ? 
_diffrn_source.pdbx_synchrotron_beamline   I03 
_diffrn_source.pdbx_synchrotron_site       Diamond 
# 
_reflns.B_iso_Wilson_estimate                          ? 
_reflns.entry_id                                       8BXU 
_reflns.data_reduction_details                         ? 
_reflns.data_reduction_method                          ? 
_reflns.d_resolution_high                              1.35 
_reflns.d_resolution_low                               54.14 
_reflns.details                                        ? 
_reflns.limit_h_max                                    ? 
_reflns.limit_h_min                                    ? 
_reflns.limit_k_max                                    ? 
_reflns.limit_k_min                                    ? 
_reflns.limit_l_max                                    ? 
_reflns.limit_l_min                                    ? 
_reflns.number_all                                     ? 
_reflns.number_obs                                     27461 
_reflns.observed_criterion                             ? 
_reflns.observed_criterion_F_max                       ? 
_reflns.observed_criterion_F_min                       ? 
_reflns.observed_criterion_I_max                       ? 
_reflns.observed_criterion_I_min                       ? 
_reflns.observed_criterion_sigma_F                     ? 
_reflns.observed_criterion_sigma_I                     ? 
_reflns.percent_possible_obs                           96.5 
_reflns.R_free_details                                 ? 
_reflns.Rmerge_F_all                                   ? 
_reflns.Rmerge_F_obs                                   ? 
_reflns.Friedel_coverage                               ? 
_reflns.number_gt                                      ? 
_reflns.threshold_expression                           ? 
_reflns.pdbx_redundancy                                2.8 
_reflns.pdbx_netI_over_av_sigmaI                       ? 
_reflns.pdbx_netI_over_sigmaI                          12.7 
_reflns.pdbx_res_netI_over_av_sigmaI_2                 ? 
_reflns.pdbx_res_netI_over_sigmaI_2                    ? 
_reflns.pdbx_chi_squared                               ? 
_reflns.pdbx_scaling_rejects                           ? 
_reflns.pdbx_d_res_high_opt                            ? 
_reflns.pdbx_d_res_low_opt                             ? 
_reflns.pdbx_d_res_opt_method                          ? 
_reflns.phase_calculation_details                      ? 
_reflns.pdbx_Rrim_I_all                                ? 
_reflns.pdbx_Rpim_I_all                                ? 
_reflns.pdbx_d_opt                                     ? 
_reflns.pdbx_number_measured_all                       ? 
_reflns.pdbx_diffrn_id                                 1 
_reflns.pdbx_ordinal                                   1 
_reflns.pdbx_CC_half                                   0.999 
_reflns.pdbx_CC_star                                   ? 
_reflns.pdbx_R_split                                   ? 
_reflns.pdbx_Rmerge_I_obs                              ? 
_reflns.pdbx_Rmerge_I_all                              ? 
_reflns.pdbx_Rsym_value                                ? 
_reflns.pdbx_CC_split_method                           ? 
_reflns.pdbx_aniso_diffraction_limit_axis_1_ortho[1]   ? 
_reflns.pdbx_aniso_diffraction_limit_axis_1_ortho[2]   ? 
_reflns.pdbx_aniso_diffraction_limit_axis_1_ortho[3]   ? 
_reflns.pdbx_aniso_diffraction_limit_axis_2_ortho[1]   ? 
_reflns.pdbx_aniso_diffraction_limit_axis_2_ortho[2]   ? 
_reflns.pdbx_aniso_diffraction_limit_axis_2_ortho[3]   ? 
_reflns.pdbx_aniso_diffraction_limit_axis_3_ortho[1]   ? 
_reflns.pdbx_aniso_diffraction_limit_axis_3_ortho[2]   ? 
_reflns.pdbx_aniso_diffraction_limit_axis_3_ortho[3]   ? 
_reflns.pdbx_aniso_diffraction_limit_1                 ? 
_reflns.pdbx_aniso_diffraction_limit_2                 ? 
_reflns.pdbx_aniso_diffraction_limit_3                 ? 
_reflns.pdbx_aniso_B_tensor_eigenvector_1_ortho[1]     ? 
_reflns.pdbx_aniso_B_tensor_eigenvector_1_ortho[2]     ? 
_reflns.pdbx_aniso_B_tensor_eigenvector_1_ortho[3]     ? 
_reflns.pdbx_aniso_B_tensor_eigenvector_2_ortho[1]     ? 
_reflns.pdbx_aniso_B_tensor_eigenvector_2_ortho[2]     ? 
_reflns.pdbx_aniso_B_tensor_eigenvector_2_ortho[3]     ? 
_reflns.pdbx_aniso_B_tensor_eigenvector_3_ortho[1]     ? 
_reflns.pdbx_aniso_B_tensor_eigenvector_3_ortho[2]     ? 
_reflns.pdbx_aniso_B_tensor_eigenvector_3_ortho[3]     ? 
_reflns.pdbx_aniso_B_tensor_eigenvalue_1               ? 
_reflns.pdbx_aniso_B_tensor_eigenvalue_2               ? 
_reflns.pdbx_aniso_B_tensor_eigenvalue_3               ? 
_reflns.pdbx_orthogonalization_convention              ? 
_reflns.pdbx_percent_possible_ellipsoidal              ? 
_reflns.pdbx_percent_possible_spherical                ? 
_reflns.pdbx_percent_possible_ellipsoidal_anomalous    ? 
_reflns.pdbx_percent_possible_spherical_anomalous      ? 
_reflns.pdbx_redundancy_anomalous                      ? 
_reflns.pdbx_CC_half_anomalous                         ? 
_reflns.pdbx_absDiff_over_sigma_anomalous              ? 
_reflns.pdbx_percent_possible_anomalous                ? 
_reflns.pdbx_observed_signal_threshold                 ? 
_reflns.pdbx_signal_type                               ? 
_reflns.pdbx_signal_details                            ? 
_reflns.pdbx_signal_software_id                        ? 
# 
_reflns_shell.d_res_high                                    1.35 
_reflns_shell.d_res_low                                     1.42 
_reflns_shell.meanI_over_sigI_all                           ? 
_reflns_shell.meanI_over_sigI_obs                           2.0 
_reflns_shell.number_measured_all                           ? 
_reflns_shell.number_measured_obs                           ? 
_reflns_shell.number_possible                               ? 
_reflns_shell.number_unique_all                             ? 
_reflns_shell.number_unique_obs                             3964 
_reflns_shell.percent_possible_obs                          ? 
_reflns_shell.Rmerge_F_all                                  ? 
_reflns_shell.Rmerge_F_obs                                  ? 
_reflns_shell.meanI_over_sigI_gt                            ? 
_reflns_shell.meanI_over_uI_all                             ? 
_reflns_shell.meanI_over_uI_gt                              ? 
_reflns_shell.number_measured_gt                            ? 
_reflns_shell.number_unique_gt                              ? 
_reflns_shell.percent_possible_gt                           ? 
_reflns_shell.Rmerge_F_gt                                   ? 
_reflns_shell.Rmerge_I_gt                                   ? 
_reflns_shell.pdbx_redundancy                               ? 
_reflns_shell.pdbx_chi_squared                              ? 
_reflns_shell.pdbx_netI_over_sigmaI_all                     ? 
_reflns_shell.pdbx_netI_over_sigmaI_obs                     ? 
_reflns_shell.pdbx_Rrim_I_all                               ? 
_reflns_shell.pdbx_Rpim_I_all                               ? 
_reflns_shell.pdbx_rejects                                  ? 
_reflns_shell.pdbx_ordinal                                  1 
_reflns_shell.pdbx_diffrn_id                                1 
_reflns_shell.pdbx_CC_half                                  0.749 
_reflns_shell.pdbx_CC_star                                  ? 
_reflns_shell.pdbx_R_split                                  ? 
_reflns_shell.percent_possible_all                          95.9 
_reflns_shell.Rmerge_I_all                                  ? 
_reflns_shell.Rmerge_I_obs                                  ? 
_reflns_shell.pdbx_Rsym_value                               ? 
_reflns_shell.pdbx_percent_possible_ellipsoidal             ? 
_reflns_shell.pdbx_percent_possible_spherical               ? 
_reflns_shell.pdbx_percent_possible_ellipsoidal_anomalous   ? 
_reflns_shell.pdbx_percent_possible_spherical_anomalous     ? 
_reflns_shell.pdbx_redundancy_anomalous                     ? 
_reflns_shell.pdbx_CC_half_anomalous                        ? 
_reflns_shell.pdbx_absDiff_over_sigma_anomalous             ? 
_reflns_shell.pdbx_percent_possible_anomalous               ? 
# 
_refine.aniso_B[1][1]                            0.772 
_refine.aniso_B[1][2]                            0.000 
_refine.aniso_B[1][3]                            0.383 
_refine.aniso_B[2][2]                            0.138 
_refine.aniso_B[2][3]                            0.000 
_refine.aniso_B[3][3]                            -0.985 
_refine.B_iso_max                                ? 
_refine.B_iso_mean                               21.070 
_refine.B_iso_min                                ? 
_refine.correlation_coeff_Fo_to_Fc               0.974 
_refine.correlation_coeff_Fo_to_Fc_free          0.964 
_refine.details                                  'Hydrogens have been added in their riding positions' 
_refine.diff_density_max                         ? 
_refine.diff_density_max_esd                     ? 
_refine.diff_density_min                         ? 
_refine.diff_density_min_esd                     ? 
_refine.diff_density_rms                         ? 
_refine.diff_density_rms_esd                     ? 
_refine.entry_id                                 8BXU 
_refine.pdbx_refine_id                           'X-RAY DIFFRACTION' 
_refine.ls_abs_structure_details                 ? 
_refine.ls_abs_structure_Flack                   ? 
_refine.ls_abs_structure_Flack_esd               ? 
_refine.ls_abs_structure_Rogers                  ? 
_refine.ls_abs_structure_Rogers_esd              ? 
_refine.ls_d_res_high                            1.350 
_refine.ls_d_res_low                             33.398 
_refine.ls_extinction_coef                       ? 
_refine.ls_extinction_coef_esd                   ? 
_refine.ls_extinction_expression                 ? 
_refine.ls_extinction_method                     ? 
_refine.ls_goodness_of_fit_all                   ? 
_refine.ls_goodness_of_fit_all_esd               ? 
_refine.ls_goodness_of_fit_obs                   ? 
_refine.ls_goodness_of_fit_obs_esd               ? 
_refine.ls_hydrogen_treatment                    ? 
_refine.ls_matrix_type                           ? 
_refine.ls_number_constraints                    ? 
_refine.ls_number_parameters                     ? 
_refine.ls_number_reflns_all                     ? 
_refine.ls_number_reflns_obs                     27448 
_refine.ls_number_reflns_R_free                  1393 
_refine.ls_number_reflns_R_work                  26055 
_refine.ls_number_restraints                     ? 
_refine.ls_percent_reflns_obs                    96.076 
_refine.ls_percent_reflns_R_free                 5.075 
_refine.ls_R_factor_all                          0.167 
_refine.ls_R_factor_obs                          ? 
_refine.ls_R_factor_R_free                       0.1941 
_refine.ls_R_factor_R_free_error                 ? 
_refine.ls_R_factor_R_free_error_details         ? 
_refine.ls_R_factor_R_work                       0.1657 
_refine.ls_R_Fsqd_factor_obs                     ? 
_refine.ls_R_I_factor_obs                        ? 
_refine.ls_redundancy_reflns_all                 ? 
_refine.ls_redundancy_reflns_obs                 ? 
_refine.ls_restrained_S_all                      ? 
_refine.ls_restrained_S_obs                      ? 
_refine.ls_shift_over_esd_max                    ? 
_refine.ls_shift_over_esd_mean                   ? 
_refine.ls_structure_factor_coef                 ? 
_refine.ls_weighting_details                     ? 
_refine.ls_weighting_scheme                      ? 
_refine.ls_wR_factor_all                         ? 
_refine.ls_wR_factor_obs                         ? 
_refine.ls_wR_factor_R_free                      ? 
_refine.ls_wR_factor_R_work                      ? 
_refine.occupancy_max                            ? 
_refine.occupancy_min                            ? 
_refine.solvent_model_details                    'MASK BULK SOLVENT' 
_refine.solvent_model_param_bsol                 ? 
_refine.solvent_model_param_ksol                 ? 
_refine.pdbx_R_complete                          ? 
_refine.ls_R_factor_gt                           ? 
_refine.ls_goodness_of_fit_gt                    ? 
_refine.ls_goodness_of_fit_ref                   ? 
_refine.ls_shift_over_su_max                     ? 
_refine.ls_shift_over_su_max_lt                  ? 
_refine.ls_shift_over_su_mean                    ? 
_refine.ls_shift_over_su_mean_lt                 ? 
_refine.pdbx_ls_sigma_I                          ? 
_refine.pdbx_ls_sigma_F                          ? 
_refine.pdbx_ls_sigma_Fsqd                       ? 
_refine.pdbx_data_cutoff_high_absF               ? 
_refine.pdbx_data_cutoff_high_rms_absF           ? 
_refine.pdbx_data_cutoff_low_absF                ? 
_refine.pdbx_isotropic_thermal_model             ? 
_refine.pdbx_ls_cross_valid_method               'FREE R-VALUE' 
_refine.pdbx_method_to_determine_struct          'MOLECULAR REPLACEMENT' 
_refine.pdbx_starting_model                      ? 
_refine.pdbx_stereochemistry_target_values       ? 
_refine.pdbx_R_Free_selection_details            ? 
_refine.pdbx_stereochem_target_val_spec_case     ? 
_refine.pdbx_overall_ESU_R                       0.056 
_refine.pdbx_overall_ESU_R_Free                  0.059 
_refine.pdbx_solvent_vdw_probe_radii             1.200 
_refine.pdbx_solvent_ion_probe_radii             0.800 
_refine.pdbx_solvent_shrinkage_radii             0.800 
_refine.pdbx_real_space_R                        ? 
_refine.pdbx_density_correlation                 ? 
_refine.pdbx_pd_number_of_powder_patterns        ? 
_refine.pdbx_pd_number_of_points                 ? 
_refine.pdbx_pd_meas_number_of_points            ? 
_refine.pdbx_pd_proc_ls_prof_R_factor            ? 
_refine.pdbx_pd_proc_ls_prof_wR_factor           ? 
_refine.pdbx_pd_Marquardt_correlation_coeff      ? 
_refine.pdbx_pd_Fsqrd_R_factor                   ? 
_refine.pdbx_pd_ls_matrix_band_width             ? 
_refine.pdbx_overall_phase_error                 ? 
_refine.pdbx_overall_SU_R_free_Cruickshank_DPI   ? 
_refine.pdbx_overall_SU_R_free_Blow_DPI          ? 
_refine.pdbx_overall_SU_R_Blow_DPI               ? 
_refine.pdbx_TLS_residual_ADP_flag               ? 
_refine.pdbx_diffrn_id                           1 
_refine.overall_SU_B                             1.148 
_refine.overall_SU_ML                            0.045 
_refine.overall_SU_R_Cruickshank_DPI             ? 
_refine.overall_SU_R_free                        ? 
_refine.overall_FOM_free_R_set                   ? 
_refine.overall_FOM_work_R_set                   ? 
_refine.pdbx_average_fsc_overall                 ? 
_refine.pdbx_average_fsc_work                    ? 
_refine.pdbx_average_fsc_free                    ? 
# 
_refine_hist.pdbx_refine_id                   'X-RAY DIFFRACTION' 
_refine_hist.cycle_id                         LAST 
_refine_hist.pdbx_number_atoms_protein        973 
_refine_hist.pdbx_number_atoms_nucleic_acid   0 
_refine_hist.pdbx_number_atoms_ligand         31 
_refine_hist.number_atoms_solvent             126 
_refine_hist.number_atoms_total               1130 
_refine_hist.d_res_high                       1.350 
_refine_hist.d_res_low                        33.398 
# 
loop_
_refine_ls_restr.pdbx_refine_id 
_refine_ls_restr.criterion 
_refine_ls_restr.dev_ideal 
_refine_ls_restr.dev_ideal_target 
_refine_ls_restr.number 
_refine_ls_restr.rejects 
_refine_ls_restr.type 
_refine_ls_restr.weight 
_refine_ls_restr.pdbx_restraint_function 
'X-RAY DIFFRACTION' ? 0.013  0.013  1144 ? r_bond_refined_d               ? ? 
'X-RAY DIFFRACTION' ? 0.001  0.017  1112 ? r_bond_other_d                 ? ? 
'X-RAY DIFFRACTION' ? 1.890  1.663  1545 ? r_angle_refined_deg            ? ? 
'X-RAY DIFFRACTION' ? 1.563  1.591  2596 ? r_angle_other_deg              ? ? 
'X-RAY DIFFRACTION' ? 6.108  5.000  150  ? r_dihedral_angle_1_deg         ? ? 
'X-RAY DIFFRACTION' ? 27.656 22.075 53   ? r_dihedral_angle_2_deg         ? ? 
'X-RAY DIFFRACTION' ? 12.967 15.000 237  ? r_dihedral_angle_3_deg         ? ? 
'X-RAY DIFFRACTION' ? 22.110 15.000 8    ? r_dihedral_angle_4_deg         ? ? 
'X-RAY DIFFRACTION' ? 0.092  0.200  150  ? r_chiral_restr                 ? ? 
'X-RAY DIFFRACTION' ? 0.010  0.020  1291 ? r_gen_planes_refined           ? ? 
'X-RAY DIFFRACTION' ? 0.002  0.020  229  ? r_gen_planes_other             ? ? 
'X-RAY DIFFRACTION' ? 0.276  0.200  283  ? r_nbd_refined                  ? ? 
'X-RAY DIFFRACTION' ? 0.195  0.200  1028 ? r_symmetry_nbd_other           ? ? 
'X-RAY DIFFRACTION' ? 0.175  0.200  532  ? r_nbtor_refined                ? ? 
'X-RAY DIFFRACTION' ? 0.082  0.200  499  ? r_symmetry_nbtor_other         ? ? 
'X-RAY DIFFRACTION' ? 0.136  0.200  82   ? r_xyhbond_nbd_refined          ? ? 
'X-RAY DIFFRACTION' ? 0.101  0.200  1    ? r_metal_ion_refined            ? ? 
'X-RAY DIFFRACTION' ? 0.293  0.200  9    ? r_symmetry_nbd_refined         ? ? 
'X-RAY DIFFRACTION' ? 0.244  0.200  33   ? r_nbd_other                    ? ? 
'X-RAY DIFFRACTION' ? 0.144  0.200  9    ? r_symmetry_xyhbond_nbd_refined ? ? 
'X-RAY DIFFRACTION' ? 1.809  1.905  564  ? r_mcbond_it                    ? ? 
'X-RAY DIFFRACTION' ? 1.810  1.906  563  ? r_mcbond_other                 ? ? 
'X-RAY DIFFRACTION' ? 2.594  2.852  726  ? r_mcangle_it                   ? ? 
'X-RAY DIFFRACTION' ? 2.592  2.852  727  ? r_mcangle_other                ? ? 
'X-RAY DIFFRACTION' ? 3.323  2.365  580  ? r_scbond_it                    ? ? 
'X-RAY DIFFRACTION' ? 3.321  2.367  581  ? r_scbond_other                 ? ? 
'X-RAY DIFFRACTION' ? 5.063  3.358  819  ? r_scangle_it                   ? ? 
'X-RAY DIFFRACTION' ? 5.060  3.363  820  ? r_scangle_other                ? ? 
'X-RAY DIFFRACTION' ? 5.974  24.203 1351 ? r_lrange_it                    ? ? 
'X-RAY DIFFRACTION' ? 5.885  23.715 1329 ? r_lrange_other                 ? ? 
# 
loop_
_refine_ls_shell.pdbx_refine_id 
_refine_ls_shell.d_res_high 
_refine_ls_shell.d_res_low 
_refine_ls_shell.number_reflns_all 
_refine_ls_shell.number_reflns_obs 
_refine_ls_shell.number_reflns_R_free 
_refine_ls_shell.number_reflns_R_work 
_refine_ls_shell.percent_reflns_obs 
_refine_ls_shell.percent_reflns_R_free 
_refine_ls_shell.R_factor_all 
_refine_ls_shell.R_factor_obs 
_refine_ls_shell.R_factor_R_free_error 
_refine_ls_shell.R_factor_R_work 
_refine_ls_shell.redundancy_reflns_all 
_refine_ls_shell.redundancy_reflns_obs 
_refine_ls_shell.wR_factor_all 
_refine_ls_shell.wR_factor_obs 
_refine_ls_shell.wR_factor_R_free 
_refine_ls_shell.wR_factor_R_work 
_refine_ls_shell.pdbx_R_complete 
_refine_ls_shell.pdbx_total_number_of_bins_used 
_refine_ls_shell.pdbx_phase_error 
_refine_ls_shell.pdbx_fsc_work 
_refine_ls_shell.pdbx_fsc_free 
_refine_ls_shell.R_factor_R_free 
'X-RAY DIFFRACTION' 1.350 1.385 . . 94  1898 95.6772 . . . . 0.269 . . . . . . . . . . . 0.312 
'X-RAY DIFFRACTION' 1.385 1.423 . . 114 1854 95.2104 . . . . 0.253 . . . . . . . . . . . 0.301 
'X-RAY DIFFRACTION' 1.423 1.464 . . 78  1801 95.7208 . . . . 0.225 . . . . . . . . . . . 0.246 
'X-RAY DIFFRACTION' 1.509 1.559 . . 88  1749 96.1277 . . . . 0.192 . . . . . . . . . . . 0.260 
'X-RAY DIFFRACTION' 1.559 1.613 . . 92  1632 95.6184 . . . . 0.178 . . . . . . . . . . . 0.199 
'X-RAY DIFFRACTION' 1.613 1.674 . . 94  1587 96.2772 . . . . 0.176 . . . . . . . . . . . 0.218 
'X-RAY DIFFRACTION' 1.674 1.743 . . 82  1547 96.6192 . . . . 0.173 . . . . . . . . . . . 0.235 
'X-RAY DIFFRACTION' 1.743 1.820 . . 86  1482 96.6112 . . . . 0.167 . . . . . . . . . . . 0.231 
'X-RAY DIFFRACTION' 1.820 1.909 . . 74  1418 96.6947 . . . . 0.163 . . . . . . . . . . . 0.194 
'X-RAY DIFFRACTION' 1.909 2.012 . . 70  1341 95.7259 . . . . 0.161 . . . . . . . . . . . 0.191 
'X-RAY DIFFRACTION' 2.281 2.463 . . 52  1139 96.4372 . . . . 0.136 . . . . . . . . . . . 0.169 
'X-RAY DIFFRACTION' 2.463 2.698 . . 65  1033 96.9965 . . . . 0.147 . . . . . . . . . . . 0.169 
'X-RAY DIFFRACTION' 3.015 3.480 . . 41  841  95.9739 . . . . 0.167 . . . . . . . . . . . 0.212 
'X-RAY DIFFRACTION' 3.480 4.257 . . 40  699  95.6016 . . . . 0.142 . . . . . . . . . . . 0.218 
'X-RAY DIFFRACTION' 4.257 6.002 . . 31  555  96.8595 . . . . 0.180 . . . . . . . . . . . 0.220 
# 
_struct.entry_id                     8BXU 
_struct.title                        
'Crystal structure of Odorant Binding Protein 5 from Anopheles gambiae (AgamOBP5) with MPD (2-Methyl-2,4-pentanediol)' 
_struct.pdbx_model_details           ? 
_struct.pdbx_formula_weight          ? 
_struct.pdbx_formula_weight_method   ? 
_struct.pdbx_model_type_details      ? 
_struct.pdbx_CASP_flag               N 
# 
_struct_keywords.entry_id        8BXU 
_struct_keywords.text            'Odorant Binding Protein (OBP), mosquito, olfaction, TRANSPORT PROTEIN' 
_struct_keywords.pdbx_keywords   'TRANSPORT PROTEIN' 
# 
loop_
_struct_asym.id 
_struct_asym.pdbx_blank_PDB_chainid_flag 
_struct_asym.pdbx_modified 
_struct_asym.entity_id 
_struct_asym.details 
A N N 1 ? 
B N N 2 ? 
C N N 2 ? 
D N N 2 ? 
E N N 3 ? 
F N N 4 ? 
G N N 5 ? 
# 
_struct_ref.id                         1 
_struct_ref.db_name                    UNP 
_struct_ref.db_code                    Q8T6R6_ANOGA 
_struct_ref.pdbx_db_accession          Q8T6R6 
_struct_ref.pdbx_db_isoform            ? 
_struct_ref.entity_id                  1 
_struct_ref.pdbx_seq_one_letter_code   
;AMTRKQLINSMDMMRSACAPKFKVSTEMLDNLRGGIFAEDRELKCYTMCIAQMAGTMNKKGEINVQKTLAQMDAMLPPDM
RDKAKEAIHSCRDVQGRYKDSCDKTFYSTKCLAEYDRDVFLFP
;
_struct_ref.pdbx_align_begin           32 
# 
_struct_ref_seq.align_id                      1 
_struct_ref_seq.ref_id                        1 
_struct_ref_seq.pdbx_PDB_id_code              8BXU 
_struct_ref_seq.pdbx_strand_id                AAA 
_struct_ref_seq.seq_align_beg                 1 
_struct_ref_seq.pdbx_seq_align_beg_ins_code   ? 
_struct_ref_seq.seq_align_end                 123 
_struct_ref_seq.pdbx_seq_align_end_ins_code   ? 
_struct_ref_seq.pdbx_db_accession             Q8T6R6 
_struct_ref_seq.db_align_beg                  32 
_struct_ref_seq.pdbx_db_align_beg_ins_code    ? 
_struct_ref_seq.db_align_end                  154 
_struct_ref_seq.pdbx_db_align_end_ins_code    ? 
_struct_ref_seq.pdbx_auth_seq_align_beg       1 
_struct_ref_seq.pdbx_auth_seq_align_end       123 
# 
_pdbx_struct_assembly.id                   1 
_pdbx_struct_assembly.details              author_and_software_defined_assembly 
_pdbx_struct_assembly.method_details       PISA 
_pdbx_struct_assembly.oligomeric_details   monomeric 
_pdbx_struct_assembly.oligomeric_count     1 
# 
loop_
_pdbx_struct_assembly_prop.biol_id 
_pdbx_struct_assembly_prop.type 
_pdbx_struct_assembly_prop.value 
_pdbx_struct_assembly_prop.details 
1 'ABSA (A^2)' 1450 ? 
1 MORE         -48  ? 
1 'SSA (A^2)'  6610 ? 
# 
_pdbx_struct_assembly_gen.assembly_id       1 
_pdbx_struct_assembly_gen.oper_expression   1 
_pdbx_struct_assembly_gen.asym_id_list      A,B,C,D,E,F,G 
# 
_pdbx_struct_assembly_auth_evidence.id                     1 
_pdbx_struct_assembly_auth_evidence.assembly_id            1 
_pdbx_struct_assembly_auth_evidence.experimental_support   none 
_pdbx_struct_assembly_auth_evidence.details                ? 
# 
_pdbx_struct_oper_list.id                   1 
_pdbx_struct_oper_list.type                 'identity operation' 
_pdbx_struct_oper_list.name                 1_555 
_pdbx_struct_oper_list.symmetry_operation   x,y,z 
_pdbx_struct_oper_list.matrix[1][1]         1.0000000000 
_pdbx_struct_oper_list.matrix[1][2]         0.0000000000 
_pdbx_struct_oper_list.matrix[1][3]         0.0000000000 
_pdbx_struct_oper_list.vector[1]            0.0000000000 
_pdbx_struct_oper_list.matrix[2][1]         0.0000000000 
_pdbx_struct_oper_list.matrix[2][2]         1.0000000000 
_pdbx_struct_oper_list.matrix[2][3]         0.0000000000 
_pdbx_struct_oper_list.vector[2]            0.0000000000 
_pdbx_struct_oper_list.matrix[3][1]         0.0000000000 
_pdbx_struct_oper_list.matrix[3][2]         0.0000000000 
_pdbx_struct_oper_list.matrix[3][3]         1.0000000000 
_pdbx_struct_oper_list.vector[3]            0.0000000000 
# 
loop_
_struct_conf.conf_type_id 
_struct_conf.id 
_struct_conf.pdbx_PDB_helix_id 
_struct_conf.beg_label_comp_id 
_struct_conf.beg_label_asym_id 
_struct_conf.beg_label_seq_id 
_struct_conf.pdbx_beg_PDB_ins_code 
_struct_conf.end_label_comp_id 
_struct_conf.end_label_asym_id 
_struct_conf.end_label_seq_id 
_struct_conf.pdbx_end_PDB_ins_code 
_struct_conf.beg_auth_comp_id 
_struct_conf.beg_auth_asym_id 
_struct_conf.beg_auth_seq_id 
_struct_conf.end_auth_comp_id 
_struct_conf.end_auth_asym_id 
_struct_conf.end_auth_seq_id 
_struct_conf.pdbx_PDB_helix_class 
_struct_conf.details 
_struct_conf.pdbx_PDB_helix_length 
HELX_P HELX_P1 AA1 THR A 3   ? ALA A 19  ? THR AAA 3   ALA AAA 19  1 ? 17 
HELX_P HELX_P2 AA2 PRO A 20  ? PHE A 22  ? PRO AAA 20  PHE AAA 22  5 ? 3  
HELX_P HELX_P3 AA3 SER A 25  ? GLY A 34  ? SER AAA 25  GLY AAA 34  1 ? 10 
HELX_P HELX_P4 AA4 ASP A 40  ? ALA A 54  ? ASP AAA 40  ALA AAA 54  1 ? 15 
HELX_P HELX_P5 AA5 ASN A 64  ? LEU A 76  ? ASN AAA 64  LEU AAA 76  1 ? 13 
HELX_P HELX_P6 AA6 PRO A 77  ? CYS A 91  ? PRO AAA 77  CYS AAA 91  1 ? 15 
HELX_P HELX_P7 AA7 VAL A 94  ? TYR A 98  ? VAL AAA 94  TYR AAA 98  5 ? 5  
HELX_P HELX_P8 AA8 ASP A 100 ? ASP A 116 ? ASP AAA 100 ASP AAA 116 1 ? 17 
# 
_struct_conf_type.id          HELX_P 
_struct_conf_type.criteria    ? 
_struct_conf_type.reference   ? 
# 
loop_
_struct_conn.id 
_struct_conn.conn_type_id 
_struct_conn.pdbx_leaving_atom_flag 
_struct_conn.pdbx_PDB_id 
_struct_conn.ptnr1_label_asym_id 
_struct_conn.ptnr1_label_comp_id 
_struct_conn.ptnr1_label_seq_id 
_struct_conn.ptnr1_label_atom_id 
_struct_conn.pdbx_ptnr1_label_alt_id 
_struct_conn.pdbx_ptnr1_PDB_ins_code 
_struct_conn.pdbx_ptnr1_standard_comp_id 
_struct_conn.ptnr1_symmetry 
_struct_conn.ptnr2_label_asym_id 
_struct_conn.ptnr2_label_comp_id 
_struct_conn.ptnr2_label_seq_id 
_struct_conn.ptnr2_label_atom_id 
_struct_conn.pdbx_ptnr2_label_alt_id 
_struct_conn.pdbx_ptnr2_PDB_ins_code 
_struct_conn.ptnr1_auth_asym_id 
_struct_conn.ptnr1_auth_comp_id 
_struct_conn.ptnr1_auth_seq_id 
_struct_conn.ptnr2_auth_asym_id 
_struct_conn.ptnr2_auth_comp_id 
_struct_conn.ptnr2_auth_seq_id 
_struct_conn.ptnr2_symmetry 
_struct_conn.pdbx_ptnr3_label_atom_id 
_struct_conn.pdbx_ptnr3_label_seq_id 
_struct_conn.pdbx_ptnr3_label_comp_id 
_struct_conn.pdbx_ptnr3_label_asym_id 
_struct_conn.pdbx_ptnr3_label_alt_id 
_struct_conn.pdbx_ptnr3_PDB_ins_code 
_struct_conn.details 
_struct_conn.pdbx_dist_value 
_struct_conn.pdbx_value_order 
_struct_conn.pdbx_role 
disulf1 disulf ? ? A CYS 18  SG  ? ? ? 1_555 A CYS 49  SG ? ? AAA CYS 18  AAA CYS 49  1_555 ? ? ? ? ? ? ? 2.066 ? ? 
disulf2 disulf ? ? A CYS 45  SG  ? ? ? 1_555 A CYS 102 SG ? ? AAA CYS 45  AAA CYS 102 1_555 ? ? ? ? ? ? ? 2.063 ? ? 
disulf3 disulf ? ? A CYS 91  SG  ? ? ? 1_555 A CYS 111 SG ? ? AAA CYS 91  AAA CYS 111 1_555 ? ? ? ? ? ? ? 2.069 ? ? 
metalc1 metalc ? ? A GLU 86  OE1 ? ? ? 1_555 E NA  .   NA ? ? AAA GLU 86  AAA NA  204 1_555 ? ? ? ? ? ? ? 2.308 ? ? 
metalc2 metalc ? ? A TYR 115 OH  ? ? ? 1_555 E NA  .   NA ? ? AAA TYR 115 AAA NA  204 1_555 ? ? ? ? ? ? ? 2.634 ? ? 
metalc3 metalc ? ? E NA  .   NA  ? ? ? 1_555 G HOH .   O  ? ? AAA NA  204 AAA HOH 407 2_645 ? ? ? ? ? ? ? 2.506 ? ? 
# 
loop_
_struct_conn_type.id 
_struct_conn_type.criteria 
_struct_conn_type.reference 
disulf ? ? 
metalc ? ? 
# 
loop_
_pdbx_struct_conn_angle.id 
_pdbx_struct_conn_angle.ptnr1_label_atom_id 
_pdbx_struct_conn_angle.ptnr1_label_alt_id 
_pdbx_struct_conn_angle.ptnr1_label_asym_id 
_pdbx_struct_conn_angle.ptnr1_label_comp_id 
_pdbx_struct_conn_angle.ptnr1_label_seq_id 
_pdbx_struct_conn_angle.ptnr1_auth_atom_id 
_pdbx_struct_conn_angle.ptnr1_auth_asym_id 
_pdbx_struct_conn_angle.ptnr1_auth_comp_id 
_pdbx_struct_conn_angle.ptnr1_auth_seq_id 
_pdbx_struct_conn_angle.ptnr1_PDB_ins_code 
_pdbx_struct_conn_angle.ptnr1_symmetry 
_pdbx_struct_conn_angle.ptnr2_label_atom_id 
_pdbx_struct_conn_angle.ptnr2_label_alt_id 
_pdbx_struct_conn_angle.ptnr2_label_asym_id 
_pdbx_struct_conn_angle.ptnr2_label_comp_id 
_pdbx_struct_conn_angle.ptnr2_label_seq_id 
_pdbx_struct_conn_angle.ptnr2_auth_atom_id 
_pdbx_struct_conn_angle.ptnr2_auth_asym_id 
_pdbx_struct_conn_angle.ptnr2_auth_comp_id 
_pdbx_struct_conn_angle.ptnr2_auth_seq_id 
_pdbx_struct_conn_angle.ptnr2_PDB_ins_code 
_pdbx_struct_conn_angle.ptnr2_symmetry 
_pdbx_struct_conn_angle.ptnr3_label_atom_id 
_pdbx_struct_conn_angle.ptnr3_label_alt_id 
_pdbx_struct_conn_angle.ptnr3_label_asym_id 
_pdbx_struct_conn_angle.ptnr3_label_comp_id 
_pdbx_struct_conn_angle.ptnr3_label_seq_id 
_pdbx_struct_conn_angle.ptnr3_auth_atom_id 
_pdbx_struct_conn_angle.ptnr3_auth_asym_id 
_pdbx_struct_conn_angle.ptnr3_auth_comp_id 
_pdbx_struct_conn_angle.ptnr3_auth_seq_id 
_pdbx_struct_conn_angle.ptnr3_PDB_ins_code 
_pdbx_struct_conn_angle.ptnr3_symmetry 
_pdbx_struct_conn_angle.value 
_pdbx_struct_conn_angle.value_esd 
1 OE1 ? A GLU 86  ? AAA GLU 86  ? 1_555 NA ? E NA . ? AAA NA 204 ? 1_555 OH ? A TYR 115 ? AAA TYR 115 ? 1_555 128.2 ? 
2 OE1 ? A GLU 86  ? AAA GLU 86  ? 1_555 NA ? E NA . ? AAA NA 204 ? 1_555 O  ? G HOH .   ? AAA HOH 407 ? 2_645 112.2 ? 
3 OH  ? A TYR 115 ? AAA TYR 115 ? 1_555 NA ? E NA . ? AAA NA 204 ? 1_555 O  ? G HOH .   ? AAA HOH 407 ? 2_645 119.0 ? 
# 
loop_
_pdbx_modification_feature.ordinal 
_pdbx_modification_feature.label_comp_id 
_pdbx_modification_feature.label_asym_id 
_pdbx_modification_feature.label_seq_id 
_pdbx_modification_feature.label_alt_id 
_pdbx_modification_feature.modified_residue_label_comp_id 
_pdbx_modification_feature.modified_residue_label_asym_id 
_pdbx_modification_feature.modified_residue_label_seq_id 
_pdbx_modification_feature.modified_residue_label_alt_id 
_pdbx_modification_feature.auth_comp_id 
_pdbx_modification_feature.auth_asym_id 
_pdbx_modification_feature.auth_seq_id 
_pdbx_modification_feature.PDB_ins_code 
_pdbx_modification_feature.symmetry 
_pdbx_modification_feature.modified_residue_auth_comp_id 
_pdbx_modification_feature.modified_residue_auth_asym_id 
_pdbx_modification_feature.modified_residue_auth_seq_id 
_pdbx_modification_feature.modified_residue_PDB_ins_code 
_pdbx_modification_feature.modified_residue_symmetry 
_pdbx_modification_feature.comp_id_linking_atom 
_pdbx_modification_feature.modified_residue_id_linking_atom 
_pdbx_modification_feature.modified_residue_id 
_pdbx_modification_feature.ref_pcm_id 
_pdbx_modification_feature.ref_comp_id 
_pdbx_modification_feature.type 
_pdbx_modification_feature.category 
1 CYS A 18 ? CYS A 49  ? CYS AAA 18 ? 1_555 CYS AAA 49  ? 1_555 SG SG . . . None 'Disulfide bridge' 
2 CYS A 45 ? CYS A 102 ? CYS AAA 45 ? 1_555 CYS AAA 102 ? 1_555 SG SG . . . None 'Disulfide bridge' 
3 CYS A 91 ? CYS A 111 ? CYS AAA 91 ? 1_555 CYS AAA 111 ? 1_555 SG SG . . . None 'Disulfide bridge' 
# 
_pdbx_entry_details.entry_id                   8BXU 
_pdbx_entry_details.has_ligand_of_interest     Y 
_pdbx_entry_details.compound_details           ? 
_pdbx_entry_details.source_details             ? 
_pdbx_entry_details.nonpolymer_details         ? 
_pdbx_entry_details.sequence_details           ? 
_pdbx_entry_details.has_protein_modification   Y 
# 
loop_
_chem_comp_atom.comp_id 
_chem_comp_atom.atom_id 
_chem_comp_atom.type_symbol 
_chem_comp_atom.pdbx_aromatic_flag 
_chem_comp_atom.pdbx_stereo_config 
_chem_comp_atom.pdbx_ordinal 
ALA N    N  N N 1   
ALA CA   C  N S 2   
ALA C    C  N N 3   
ALA O    O  N N 4   
ALA CB   C  N N 5   
ALA OXT  O  N N 6   
ALA H    H  N N 7   
ALA H2   H  N N 8   
ALA HA   H  N N 9   
ALA HB1  H  N N 10  
ALA HB2  H  N N 11  
ALA HB3  H  N N 12  
ALA HXT  H  N N 13  
ARG N    N  N N 14  
ARG CA   C  N S 15  
ARG C    C  N N 16  
ARG O    O  N N 17  
ARG CB   C  N N 18  
ARG CG   C  N N 19  
ARG CD   C  N N 20  
ARG NE   N  N N 21  
ARG CZ   C  N N 22  
ARG NH1  N  N N 23  
ARG NH2  N  N N 24  
ARG OXT  O  N N 25  
ARG H    H  N N 26  
ARG H2   H  N N 27  
ARG HA   H  N N 28  
ARG HB2  H  N N 29  
ARG HB3  H  N N 30  
ARG HG2  H  N N 31  
ARG HG3  H  N N 32  
ARG HD2  H  N N 33  
ARG HD3  H  N N 34  
ARG HE   H  N N 35  
ARG HH11 H  N N 36  
ARG HH12 H  N N 37  
ARG HH21 H  N N 38  
ARG HH22 H  N N 39  
ARG HXT  H  N N 40  
ASN N    N  N N 41  
ASN CA   C  N S 42  
ASN C    C  N N 43  
ASN O    O  N N 44  
ASN CB   C  N N 45  
ASN CG   C  N N 46  
ASN OD1  O  N N 47  
ASN ND2  N  N N 48  
ASN OXT  O  N N 49  
ASN H    H  N N 50  
ASN H2   H  N N 51  
ASN HA   H  N N 52  
ASN HB2  H  N N 53  
ASN HB3  H  N N 54  
ASN HD21 H  N N 55  
ASN HD22 H  N N 56  
ASN HXT  H  N N 57  
ASP N    N  N N 58  
ASP CA   C  N S 59  
ASP C    C  N N 60  
ASP O    O  N N 61  
ASP CB   C  N N 62  
ASP CG   C  N N 63  
ASP OD1  O  N N 64  
ASP OD2  O  N N 65  
ASP OXT  O  N N 66  
ASP H    H  N N 67  
ASP H2   H  N N 68  
ASP HA   H  N N 69  
ASP HB2  H  N N 70  
ASP HB3  H  N N 71  
ASP HD2  H  N N 72  
ASP HXT  H  N N 73  
CYS N    N  N N 74  
CYS CA   C  N R 75  
CYS C    C  N N 76  
CYS O    O  N N 77  
CYS CB   C  N N 78  
CYS SG   S  N N 79  
CYS OXT  O  N N 80  
CYS H    H  N N 81  
CYS H2   H  N N 82  
CYS HA   H  N N 83  
CYS HB2  H  N N 84  
CYS HB3  H  N N 85  
CYS HG   H  N N 86  
CYS HXT  H  N N 87  
ETX C2   C  N N 88  
ETX O2   O  N N 89  
ETX C3   C  N N 90  
ETX C4   C  N N 91  
ETX O1   O  N N 92  
ETX C1   C  N N 93  
ETX H21  H  N N 94  
ETX H22  H  N N 95  
ETX H31  H  N N 96  
ETX H32  H  N N 97  
ETX H41  H  N N 98  
ETX H42  H  N N 99  
ETX H43  H  N N 100 
ETX HO1  H  N N 101 
ETX H11  H  N N 102 
ETX H12  H  N N 103 
GLN N    N  N N 104 
GLN CA   C  N S 105 
GLN C    C  N N 106 
GLN O    O  N N 107 
GLN CB   C  N N 108 
GLN CG   C  N N 109 
GLN CD   C  N N 110 
GLN OE1  O  N N 111 
GLN NE2  N  N N 112 
GLN OXT  O  N N 113 
GLN H    H  N N 114 
GLN H2   H  N N 115 
GLN HA   H  N N 116 
GLN HB2  H  N N 117 
GLN HB3  H  N N 118 
GLN HG2  H  N N 119 
GLN HG3  H  N N 120 
GLN HE21 H  N N 121 
GLN HE22 H  N N 122 
GLN HXT  H  N N 123 
GLU N    N  N N 124 
GLU CA   C  N S 125 
GLU C    C  N N 126 
GLU O    O  N N 127 
GLU CB   C  N N 128 
GLU CG   C  N N 129 
GLU CD   C  N N 130 
GLU OE1  O  N N 131 
GLU OE2  O  N N 132 
GLU OXT  O  N N 133 
GLU H    H  N N 134 
GLU H2   H  N N 135 
GLU HA   H  N N 136 
GLU HB2  H  N N 137 
GLU HB3  H  N N 138 
GLU HG2  H  N N 139 
GLU HG3  H  N N 140 
GLU HE2  H  N N 141 
GLU HXT  H  N N 142 
GLY N    N  N N 143 
GLY CA   C  N N 144 
GLY C    C  N N 145 
GLY O    O  N N 146 
GLY OXT  O  N N 147 
GLY H    H  N N 148 
GLY H2   H  N N 149 
GLY HA2  H  N N 150 
GLY HA3  H  N N 151 
GLY HXT  H  N N 152 
HIS N    N  N N 153 
HIS CA   C  N S 154 
HIS C    C  N N 155 
HIS O    O  N N 156 
HIS CB   C  N N 157 
HIS CG   C  Y N 158 
HIS ND1  N  Y N 159 
HIS CD2  C  Y N 160 
HIS CE1  C  Y N 161 
HIS NE2  N  Y N 162 
HIS OXT  O  N N 163 
HIS H    H  N N 164 
HIS H2   H  N N 165 
HIS HA   H  N N 166 
HIS HB2  H  N N 167 
HIS HB3  H  N N 168 
HIS HD1  H  N N 169 
HIS HD2  H  N N 170 
HIS HE1  H  N N 171 
HIS HE2  H  N N 172 
HIS HXT  H  N N 173 
HOH O    O  N N 174 
HOH H1   H  N N 175 
HOH H2   H  N N 176 
ILE N    N  N N 177 
ILE CA   C  N S 178 
ILE C    C  N N 179 
ILE O    O  N N 180 
ILE CB   C  N S 181 
ILE CG1  C  N N 182 
ILE CG2  C  N N 183 
ILE CD1  C  N N 184 
ILE OXT  O  N N 185 
ILE H    H  N N 186 
ILE H2   H  N N 187 
ILE HA   H  N N 188 
ILE HB   H  N N 189 
ILE HG12 H  N N 190 
ILE HG13 H  N N 191 
ILE HG21 H  N N 192 
ILE HG22 H  N N 193 
ILE HG23 H  N N 194 
ILE HD11 H  N N 195 
ILE HD12 H  N N 196 
ILE HD13 H  N N 197 
ILE HXT  H  N N 198 
LEU N    N  N N 199 
LEU CA   C  N S 200 
LEU C    C  N N 201 
LEU O    O  N N 202 
LEU CB   C  N N 203 
LEU CG   C  N N 204 
LEU CD1  C  N N 205 
LEU CD2  C  N N 206 
LEU OXT  O  N N 207 
LEU H    H  N N 208 
LEU H2   H  N N 209 
LEU HA   H  N N 210 
LEU HB2  H  N N 211 
LEU HB3  H  N N 212 
LEU HG   H  N N 213 
LEU HD11 H  N N 214 
LEU HD12 H  N N 215 
LEU HD13 H  N N 216 
LEU HD21 H  N N 217 
LEU HD22 H  N N 218 
LEU HD23 H  N N 219 
LEU HXT  H  N N 220 
LYS N    N  N N 221 
LYS CA   C  N S 222 
LYS C    C  N N 223 
LYS O    O  N N 224 
LYS CB   C  N N 225 
LYS CG   C  N N 226 
LYS CD   C  N N 227 
LYS CE   C  N N 228 
LYS NZ   N  N N 229 
LYS OXT  O  N N 230 
LYS H    H  N N 231 
LYS H2   H  N N 232 
LYS HA   H  N N 233 
LYS HB2  H  N N 234 
LYS HB3  H  N N 235 
LYS HG2  H  N N 236 
LYS HG3  H  N N 237 
LYS HD2  H  N N 238 
LYS HD3  H  N N 239 
LYS HE2  H  N N 240 
LYS HE3  H  N N 241 
LYS HZ1  H  N N 242 
LYS HZ2  H  N N 243 
LYS HZ3  H  N N 244 
LYS HXT  H  N N 245 
MET N    N  N N 246 
MET CA   C  N S 247 
MET C    C  N N 248 
MET O    O  N N 249 
MET CB   C  N N 250 
MET CG   C  N N 251 
MET SD   S  N N 252 
MET CE   C  N N 253 
MET OXT  O  N N 254 
MET H    H  N N 255 
MET H2   H  N N 256 
MET HA   H  N N 257 
MET HB2  H  N N 258 
MET HB3  H  N N 259 
MET HG2  H  N N 260 
MET HG3  H  N N 261 
MET HE1  H  N N 262 
MET HE2  H  N N 263 
MET HE3  H  N N 264 
MET HXT  H  N N 265 
MPD C1   C  N N 266 
MPD C2   C  N N 267 
MPD O2   O  N N 268 
MPD CM   C  N N 269 
MPD C3   C  N N 270 
MPD C4   C  N S 271 
MPD O4   O  N N 272 
MPD C5   C  N N 273 
MPD H11  H  N N 274 
MPD H12  H  N N 275 
MPD H13  H  N N 276 
MPD HO2  H  N N 277 
MPD HM1  H  N N 278 
MPD HM2  H  N N 279 
MPD HM3  H  N N 280 
MPD H31  H  N N 281 
MPD H32  H  N N 282 
MPD H4   H  N N 283 
MPD HO4  H  N N 284 
MPD H51  H  N N 285 
MPD H52  H  N N 286 
MPD H53  H  N N 287 
NA  NA   NA N N 288 
PHE N    N  N N 289 
PHE CA   C  N S 290 
PHE C    C  N N 291 
PHE O    O  N N 292 
PHE CB   C  N N 293 
PHE CG   C  Y N 294 
PHE CD1  C  Y N 295 
PHE CD2  C  Y N 296 
PHE CE1  C  Y N 297 
PHE CE2  C  Y N 298 
PHE CZ   C  Y N 299 
PHE OXT  O  N N 300 
PHE H    H  N N 301 
PHE H2   H  N N 302 
PHE HA   H  N N 303 
PHE HB2  H  N N 304 
PHE HB3  H  N N 305 
PHE HD1  H  N N 306 
PHE HD2  H  N N 307 
PHE HE1  H  N N 308 
PHE HE2  H  N N 309 
PHE HZ   H  N N 310 
PHE HXT  H  N N 311 
PRO N    N  N N 312 
PRO CA   C  N S 313 
PRO C    C  N N 314 
PRO O    O  N N 315 
PRO CB   C  N N 316 
PRO CG   C  N N 317 
PRO CD   C  N N 318 
PRO OXT  O  N N 319 
PRO H    H  N N 320 
PRO HA   H  N N 321 
PRO HB2  H  N N 322 
PRO HB3  H  N N 323 
PRO HG2  H  N N 324 
PRO HG3  H  N N 325 
PRO HD2  H  N N 326 
PRO HD3  H  N N 327 
PRO HXT  H  N N 328 
SER N    N  N N 329 
SER CA   C  N S 330 
SER C    C  N N 331 
SER O    O  N N 332 
SER CB   C  N N 333 
SER OG   O  N N 334 
SER OXT  O  N N 335 
SER H    H  N N 336 
SER H2   H  N N 337 
SER HA   H  N N 338 
SER HB2  H  N N 339 
SER HB3  H  N N 340 
SER HG   H  N N 341 
SER HXT  H  N N 342 
THR N    N  N N 343 
THR CA   C  N S 344 
THR C    C  N N 345 
THR O    O  N N 346 
THR CB   C  N R 347 
THR OG1  O  N N 348 
THR CG2  C  N N 349 
THR OXT  O  N N 350 
THR H    H  N N 351 
THR H2   H  N N 352 
THR HA   H  N N 353 
THR HB   H  N N 354 
THR HG1  H  N N 355 
THR HG21 H  N N 356 
THR HG22 H  N N 357 
THR HG23 H  N N 358 
THR HXT  H  N N 359 
TYR N    N  N N 360 
TYR CA   C  N S 361 
TYR C    C  N N 362 
TYR O    O  N N 363 
TYR CB   C  N N 364 
TYR CG   C  Y N 365 
TYR CD1  C  Y N 366 
TYR CD2  C  Y N 367 
TYR CE1  C  Y N 368 
TYR CE2  C  Y N 369 
TYR CZ   C  Y N 370 
TYR OH   O  N N 371 
TYR OXT  O  N N 372 
TYR H    H  N N 373 
TYR H2   H  N N 374 
TYR HA   H  N N 375 
TYR HB2  H  N N 376 
TYR HB3  H  N N 377 
TYR HD1  H  N N 378 
TYR HD2  H  N N 379 
TYR HE1  H  N N 380 
TYR HE2  H  N N 381 
TYR HH   H  N N 382 
TYR HXT  H  N N 383 
VAL N    N  N N 384 
VAL CA   C  N S 385 
VAL C    C  N N 386 
VAL O    O  N N 387 
VAL CB   C  N N 388 
VAL CG1  C  N N 389 
VAL CG2  C  N N 390 
VAL OXT  O  N N 391 
VAL H    H  N N 392 
VAL H2   H  N N 393 
VAL HA   H  N N 394 
VAL HB   H  N N 395 
VAL HG11 H  N N 396 
VAL HG12 H  N N 397 
VAL HG13 H  N N 398 
VAL HG21 H  N N 399 
VAL HG22 H  N N 400 
VAL HG23 H  N N 401 
VAL HXT  H  N N 402 
# 
loop_
_chem_comp_bond.comp_id 
_chem_comp_bond.atom_id_1 
_chem_comp_bond.atom_id_2 
_chem_comp_bond.value_order 
_chem_comp_bond.pdbx_aromatic_flag 
_chem_comp_bond.pdbx_stereo_config 
_chem_comp_bond.pdbx_ordinal 
ALA N   CA   sing N N 1   
ALA N   H    sing N N 2   
ALA N   H2   sing N N 3   
ALA CA  C    sing N N 4   
ALA CA  CB   sing N N 5   
ALA CA  HA   sing N N 6   
ALA C   O    doub N N 7   
ALA C   OXT  sing N N 8   
ALA CB  HB1  sing N N 9   
ALA CB  HB2  sing N N 10  
ALA CB  HB3  sing N N 11  
ALA OXT HXT  sing N N 12  
ARG N   CA   sing N N 13  
ARG N   H    sing N N 14  
ARG N   H2   sing N N 15  
ARG CA  C    sing N N 16  
ARG CA  CB   sing N N 17  
ARG CA  HA   sing N N 18  
ARG C   O    doub N N 19  
ARG C   OXT  sing N N 20  
ARG CB  CG   sing N N 21  
ARG CB  HB2  sing N N 22  
ARG CB  HB3  sing N N 23  
ARG CG  CD   sing N N 24  
ARG CG  HG2  sing N N 25  
ARG CG  HG3  sing N N 26  
ARG CD  NE   sing N N 27  
ARG CD  HD2  sing N N 28  
ARG CD  HD3  sing N N 29  
ARG NE  CZ   sing N N 30  
ARG NE  HE   sing N N 31  
ARG CZ  NH1  sing N N 32  
ARG CZ  NH2  doub N N 33  
ARG NH1 HH11 sing N N 34  
ARG NH1 HH12 sing N N 35  
ARG NH2 HH21 sing N N 36  
ARG NH2 HH22 sing N N 37  
ARG OXT HXT  sing N N 38  
ASN N   CA   sing N N 39  
ASN N   H    sing N N 40  
ASN N   H2   sing N N 41  
ASN CA  C    sing N N 42  
ASN CA  CB   sing N N 43  
ASN CA  HA   sing N N 44  
ASN C   O    doub N N 45  
ASN C   OXT  sing N N 46  
ASN CB  CG   sing N N 47  
ASN CB  HB2  sing N N 48  
ASN CB  HB3  sing N N 49  
ASN CG  OD1  doub N N 50  
ASN CG  ND2  sing N N 51  
ASN ND2 HD21 sing N N 52  
ASN ND2 HD22 sing N N 53  
ASN OXT HXT  sing N N 54  
ASP N   CA   sing N N 55  
ASP N   H    sing N N 56  
ASP N   H2   sing N N 57  
ASP CA  C    sing N N 58  
ASP CA  CB   sing N N 59  
ASP CA  HA   sing N N 60  
ASP C   O    doub N N 61  
ASP C   OXT  sing N N 62  
ASP CB  CG   sing N N 63  
ASP CB  HB2  sing N N 64  
ASP CB  HB3  sing N N 65  
ASP CG  OD1  doub N N 66  
ASP CG  OD2  sing N N 67  
ASP OD2 HD2  sing N N 68  
ASP OXT HXT  sing N N 69  
CYS N   CA   sing N N 70  
CYS N   H    sing N N 71  
CYS N   H2   sing N N 72  
CYS CA  C    sing N N 73  
CYS CA  CB   sing N N 74  
CYS CA  HA   sing N N 75  
CYS C   O    doub N N 76  
CYS C   OXT  sing N N 77  
CYS CB  SG   sing N N 78  
CYS CB  HB2  sing N N 79  
CYS CB  HB3  sing N N 80  
CYS SG  HG   sing N N 81  
CYS OXT HXT  sing N N 82  
ETX C2  O2   sing N N 83  
ETX C2  C1   sing N N 84  
ETX C2  H21  sing N N 85  
ETX C2  H22  sing N N 86  
ETX O2  C3   sing N N 87  
ETX C3  C4   sing N N 88  
ETX C3  H31  sing N N 89  
ETX C3  H32  sing N N 90  
ETX C4  H41  sing N N 91  
ETX C4  H42  sing N N 92  
ETX C4  H43  sing N N 93  
ETX O1  C1   sing N N 94  
ETX O1  HO1  sing N N 95  
ETX C1  H11  sing N N 96  
ETX C1  H12  sing N N 97  
GLN N   CA   sing N N 98  
GLN N   H    sing N N 99  
GLN N   H2   sing N N 100 
GLN CA  C    sing N N 101 
GLN CA  CB   sing N N 102 
GLN CA  HA   sing N N 103 
GLN C   O    doub N N 104 
GLN C   OXT  sing N N 105 
GLN CB  CG   sing N N 106 
GLN CB  HB2  sing N N 107 
GLN CB  HB3  sing N N 108 
GLN CG  CD   sing N N 109 
GLN CG  HG2  sing N N 110 
GLN CG  HG3  sing N N 111 
GLN CD  OE1  doub N N 112 
GLN CD  NE2  sing N N 113 
GLN NE2 HE21 sing N N 114 
GLN NE2 HE22 sing N N 115 
GLN OXT HXT  sing N N 116 
GLU N   CA   sing N N 117 
GLU N   H    sing N N 118 
GLU N   H2   sing N N 119 
GLU CA  C    sing N N 120 
GLU CA  CB   sing N N 121 
GLU CA  HA   sing N N 122 
GLU C   O    doub N N 123 
GLU C   OXT  sing N N 124 
GLU CB  CG   sing N N 125 
GLU CB  HB2  sing N N 126 
GLU CB  HB3  sing N N 127 
GLU CG  CD   sing N N 128 
GLU CG  HG2  sing N N 129 
GLU CG  HG3  sing N N 130 
GLU CD  OE1  doub N N 131 
GLU CD  OE2  sing N N 132 
GLU OE2 HE2  sing N N 133 
GLU OXT HXT  sing N N 134 
GLY N   CA   sing N N 135 
GLY N   H    sing N N 136 
GLY N   H2   sing N N 137 
GLY CA  C    sing N N 138 
GLY CA  HA2  sing N N 139 
GLY CA  HA3  sing N N 140 
GLY C   O    doub N N 141 
GLY C   OXT  sing N N 142 
GLY OXT HXT  sing N N 143 
HIS N   CA   sing N N 144 
HIS N   H    sing N N 145 
HIS N   H2   sing N N 146 
HIS CA  C    sing N N 147 
HIS CA  CB   sing N N 148 
HIS CA  HA   sing N N 149 
HIS C   O    doub N N 150 
HIS C   OXT  sing N N 151 
HIS CB  CG   sing N N 152 
HIS CB  HB2  sing N N 153 
HIS CB  HB3  sing N N 154 
HIS CG  ND1  sing Y N 155 
HIS CG  CD2  doub Y N 156 
HIS ND1 CE1  doub Y N 157 
HIS ND1 HD1  sing N N 158 
HIS CD2 NE2  sing Y N 159 
HIS CD2 HD2  sing N N 160 
HIS CE1 NE2  sing Y N 161 
HIS CE1 HE1  sing N N 162 
HIS NE2 HE2  sing N N 163 
HIS OXT HXT  sing N N 164 
HOH O   H1   sing N N 165 
HOH O   H2   sing N N 166 
ILE N   CA   sing N N 167 
ILE N   H    sing N N 168 
ILE N   H2   sing N N 169 
ILE CA  C    sing N N 170 
ILE CA  CB   sing N N 171 
ILE CA  HA   sing N N 172 
ILE C   O    doub N N 173 
ILE C   OXT  sing N N 174 
ILE CB  CG1  sing N N 175 
ILE CB  CG2  sing N N 176 
ILE CB  HB   sing N N 177 
ILE CG1 CD1  sing N N 178 
ILE CG1 HG12 sing N N 179 
ILE CG1 HG13 sing N N 180 
ILE CG2 HG21 sing N N 181 
ILE CG2 HG22 sing N N 182 
ILE CG2 HG23 sing N N 183 
ILE CD1 HD11 sing N N 184 
ILE CD1 HD12 sing N N 185 
ILE CD1 HD13 sing N N 186 
ILE OXT HXT  sing N N 187 
LEU N   CA   sing N N 188 
LEU N   H    sing N N 189 
LEU N   H2   sing N N 190 
LEU CA  C    sing N N 191 
LEU CA  CB   sing N N 192 
LEU CA  HA   sing N N 193 
LEU C   O    doub N N 194 
LEU C   OXT  sing N N 195 
LEU CB  CG   sing N N 196 
LEU CB  HB2  sing N N 197 
LEU CB  HB3  sing N N 198 
LEU CG  CD1  sing N N 199 
LEU CG  CD2  sing N N 200 
LEU CG  HG   sing N N 201 
LEU CD1 HD11 sing N N 202 
LEU CD1 HD12 sing N N 203 
LEU CD1 HD13 sing N N 204 
LEU CD2 HD21 sing N N 205 
LEU CD2 HD22 sing N N 206 
LEU CD2 HD23 sing N N 207 
LEU OXT HXT  sing N N 208 
LYS N   CA   sing N N 209 
LYS N   H    sing N N 210 
LYS N   H2   sing N N 211 
LYS CA  C    sing N N 212 
LYS CA  CB   sing N N 213 
LYS CA  HA   sing N N 214 
LYS C   O    doub N N 215 
LYS C   OXT  sing N N 216 
LYS CB  CG   sing N N 217 
LYS CB  HB2  sing N N 218 
LYS CB  HB3  sing N N 219 
LYS CG  CD   sing N N 220 
LYS CG  HG2  sing N N 221 
LYS CG  HG3  sing N N 222 
LYS CD  CE   sing N N 223 
LYS CD  HD2  sing N N 224 
LYS CD  HD3  sing N N 225 
LYS CE  NZ   sing N N 226 
LYS CE  HE2  sing N N 227 
LYS CE  HE3  sing N N 228 
LYS NZ  HZ1  sing N N 229 
LYS NZ  HZ2  sing N N 230 
LYS NZ  HZ3  sing N N 231 
LYS OXT HXT  sing N N 232 
MET N   CA   sing N N 233 
MET N   H    sing N N 234 
MET N   H2   sing N N 235 
MET CA  C    sing N N 236 
MET CA  CB   sing N N 237 
MET CA  HA   sing N N 238 
MET C   O    doub N N 239 
MET C   OXT  sing N N 240 
MET CB  CG   sing N N 241 
MET CB  HB2  sing N N 242 
MET CB  HB3  sing N N 243 
MET CG  SD   sing N N 244 
MET CG  HG2  sing N N 245 
MET CG  HG3  sing N N 246 
MET SD  CE   sing N N 247 
MET CE  HE1  sing N N 248 
MET CE  HE2  sing N N 249 
MET CE  HE3  sing N N 250 
MET OXT HXT  sing N N 251 
MPD C1  C2   sing N N 252 
MPD C1  H11  sing N N 253 
MPD C1  H12  sing N N 254 
MPD C1  H13  sing N N 255 
MPD C2  O2   sing N N 256 
MPD C2  CM   sing N N 257 
MPD C2  C3   sing N N 258 
MPD O2  HO2  sing N N 259 
MPD CM  HM1  sing N N 260 
MPD CM  HM2  sing N N 261 
MPD CM  HM3  sing N N 262 
MPD C3  C4   sing N N 263 
MPD C3  H31  sing N N 264 
MPD C3  H32  sing N N 265 
MPD C4  O4   sing N N 266 
MPD C4  C5   sing N N 267 
MPD C4  H4   sing N N 268 
MPD O4  HO4  sing N N 269 
MPD C5  H51  sing N N 270 
MPD C5  H52  sing N N 271 
MPD C5  H53  sing N N 272 
PHE N   CA   sing N N 273 
PHE N   H    sing N N 274 
PHE N   H2   sing N N 275 
PHE CA  C    sing N N 276 
PHE CA  CB   sing N N 277 
PHE CA  HA   sing N N 278 
PHE C   O    doub N N 279 
PHE C   OXT  sing N N 280 
PHE CB  CG   sing N N 281 
PHE CB  HB2  sing N N 282 
PHE CB  HB3  sing N N 283 
PHE CG  CD1  doub Y N 284 
PHE CG  CD2  sing Y N 285 
PHE CD1 CE1  sing Y N 286 
PHE CD1 HD1  sing N N 287 
PHE CD2 CE2  doub Y N 288 
PHE CD2 HD2  sing N N 289 
PHE CE1 CZ   doub Y N 290 
PHE CE1 HE1  sing N N 291 
PHE CE2 CZ   sing Y N 292 
PHE CE2 HE2  sing N N 293 
PHE CZ  HZ   sing N N 294 
PHE OXT HXT  sing N N 295 
PRO N   CA   sing N N 296 
PRO N   CD   sing N N 297 
PRO N   H    sing N N 298 
PRO CA  C    sing N N 299 
PRO CA  CB   sing N N 300 
PRO CA  HA   sing N N 301 
PRO C   O    doub N N 302 
PRO C   OXT  sing N N 303 
PRO CB  CG   sing N N 304 
PRO CB  HB2  sing N N 305 
PRO CB  HB3  sing N N 306 
PRO CG  CD   sing N N 307 
PRO CG  HG2  sing N N 308 
PRO CG  HG3  sing N N 309 
PRO CD  HD2  sing N N 310 
PRO CD  HD3  sing N N 311 
PRO OXT HXT  sing N N 312 
SER N   CA   sing N N 313 
SER N   H    sing N N 314 
SER N   H2   sing N N 315 
SER CA  C    sing N N 316 
SER CA  CB   sing N N 317 
SER CA  HA   sing N N 318 
SER C   O    doub N N 319 
SER C   OXT  sing N N 320 
SER CB  OG   sing N N 321 
SER CB  HB2  sing N N 322 
SER CB  HB3  sing N N 323 
SER OG  HG   sing N N 324 
SER OXT HXT  sing N N 325 
THR N   CA   sing N N 326 
THR N   H    sing N N 327 
THR N   H2   sing N N 328 
THR CA  C    sing N N 329 
THR CA  CB   sing N N 330 
THR CA  HA   sing N N 331 
THR C   O    doub N N 332 
THR C   OXT  sing N N 333 
THR CB  OG1  sing N N 334 
THR CB  CG2  sing N N 335 
THR CB  HB   sing N N 336 
THR OG1 HG1  sing N N 337 
THR CG2 HG21 sing N N 338 
THR CG2 HG22 sing N N 339 
THR CG2 HG23 sing N N 340 
THR OXT HXT  sing N N 341 
TYR N   CA   sing N N 342 
TYR N   H    sing N N 343 
TYR N   H2   sing N N 344 
TYR CA  C    sing N N 345 
TYR CA  CB   sing N N 346 
TYR CA  HA   sing N N 347 
TYR C   O    doub N N 348 
TYR C   OXT  sing N N 349 
TYR CB  CG   sing N N 350 
TYR CB  HB2  sing N N 351 
TYR CB  HB3  sing N N 352 
TYR CG  CD1  doub Y N 353 
TYR CG  CD2  sing Y N 354 
TYR CD1 CE1  sing Y N 355 
TYR CD1 HD1  sing N N 356 
TYR CD2 CE2  doub Y N 357 
TYR CD2 HD2  sing N N 358 
TYR CE1 CZ   doub Y N 359 
TYR CE1 HE1  sing N N 360 
TYR CE2 CZ   sing Y N 361 
TYR CE2 HE2  sing N N 362 
TYR CZ  OH   sing N N 363 
TYR OH  HH   sing N N 364 
TYR OXT HXT  sing N N 365 
VAL N   CA   sing N N 366 
VAL N   H    sing N N 367 
VAL N   H2   sing N N 368 
VAL CA  C    sing N N 369 
VAL CA  CB   sing N N 370 
VAL CA  HA   sing N N 371 
VAL C   O    doub N N 372 
VAL C   OXT  sing N N 373 
VAL CB  CG1  sing N N 374 
VAL CB  CG2  sing N N 375 
VAL CB  HB   sing N N 376 
VAL CG1 HG11 sing N N 377 
VAL CG1 HG12 sing N N 378 
VAL CG1 HG13 sing N N 379 
VAL CG2 HG21 sing N N 380 
VAL CG2 HG22 sing N N 381 
VAL CG2 HG23 sing N N 382 
VAL OXT HXT  sing N N 383 
# 
loop_
_pdbx_audit_support.funding_organization 
_pdbx_audit_support.country 
_pdbx_audit_support.grant_number 
_pdbx_audit_support.ordinal 
'Other government' Greece T1EDK-00996 1 
'Other government' Greece MIS5000432  2 
# 
_pdbx_initial_refinement_model.id               1 
_pdbx_initial_refinement_model.entity_id_list   ? 
_pdbx_initial_refinement_model.type             'experimental model' 
_pdbx_initial_refinement_model.source_name      PDB 
_pdbx_initial_refinement_model.accession_code   3Q8I 
_pdbx_initial_refinement_model.details          ? 
# 
_atom_sites.entry_id                    8BXU 
_atom_sites.Cartn_transf_matrix[1][1]   ? 
_atom_sites.Cartn_transf_matrix[1][2]   ? 
_atom_sites.Cartn_transf_matrix[1][3]   ? 
_atom_sites.Cartn_transf_matrix[2][1]   ? 
_atom_sites.Cartn_transf_matrix[2][2]   ? 
_atom_sites.Cartn_transf_matrix[2][3]   ? 
_atom_sites.Cartn_transf_matrix[3][1]   ? 
_atom_sites.Cartn_transf_matrix[3][2]   ? 
_atom_sites.Cartn_transf_matrix[3][3]   ? 
_atom_sites.Cartn_transf_vector[1]      ? 
_atom_sites.Cartn_transf_vector[2]      ? 
_atom_sites.Cartn_transf_vector[3]      ? 
_atom_sites.fract_transf_matrix[1][1]   -0.01123775 
_atom_sites.fract_transf_matrix[1][2]   -0.00385724 
_atom_sites.fract_transf_matrix[1][3]   -0.02750531 
_atom_sites.fract_transf_matrix[2][1]   -0.01933591 
_atom_sites.fract_transf_matrix[2][2]   -0.01765141 
_atom_sites.fract_transf_matrix[2][3]   0.01037537 
_atom_sites.fract_transf_matrix[3][1]   -0.01257255 
_atom_sites.fract_transf_matrix[3][2]   0.01352380 
_atom_sites.fract_transf_matrix[3][3]   -0.00042287 
_atom_sites.fract_transf_vector[1]      0.313985 
_atom_sites.fract_transf_vector[2]      0.018597 
_atom_sites.fract_transf_vector[3]      0.243079 
_atom_sites.solution_primary            ? 
_atom_sites.solution_secondary          ? 
_atom_sites.solution_hydrogens          ? 
_atom_sites.special_details             ? 
# 
loop_
_atom_type.symbol 
_atom_type.pdbx_scat_Z 
_atom_type.pdbx_N_electrons 
_atom_type.scat_Cromer_Mann_a1 
_atom_type.scat_Cromer_Mann_b1 
_atom_type.scat_Cromer_Mann_a2 
_atom_type.scat_Cromer_Mann_b2 
_atom_type.scat_Cromer_Mann_a3 
_atom_type.scat_Cromer_Mann_b3 
_atom_type.scat_Cromer_Mann_a4 
_atom_type.scat_Cromer_Mann_b4 
_atom_type.scat_Cromer_Mann_c 
C  6  6  2.310  20.844 1.020 10.208 1.589 0.569  0.865 51.651  0.216   
H  1  1  0.493  10.511 0.323 26.126 0.140 3.142  0.041 57.800  0.003   
N  7  7  12.222 0.006  3.135 9.893  2.014 28.997 1.167 0.583   -11.538 
NA 11 11 4.766  3.285  3.176 8.842  1.268 0.314  1.114 129.424 0.733   
O  8  8  3.049  13.277 2.287 5.701  1.546 0.324  0.867 32.909  0.251   
S  16 16 6.905  1.468  5.203 22.215 1.438 0.254  1.586 56.172  1.049   
# 
loop_
_atom_site.group_PDB 
_atom_site.id 
_atom_site.type_symbol 
_atom_site.label_atom_id 
_atom_site.label_alt_id 
_atom_site.label_comp_id 
_atom_site.label_asym_id 
_atom_site.label_entity_id 
_atom_site.label_seq_id 
_atom_site.pdbx_PDB_ins_code 
_atom_site.Cartn_x 
_atom_site.Cartn_y 
_atom_site.Cartn_z 
_atom_site.occupancy 
_atom_site.B_iso_or_equiv 
_atom_site.pdbx_formal_charge 
_atom_site.auth_seq_id 
_atom_site.auth_comp_id 
_atom_site.auth_asym_id 
_atom_site.auth_atom_id 
_atom_site.pdbx_PDB_model_num 
_atom_site.calc_flag 
ATOM   1    N  N   . ALA A 1 1   ? 0.279   -18.742 3.350   1.000 37.847 ? 1   ALA AAA N   1 ? 
ATOM   2    C  CA  . ALA A 1 1   ? -0.254  -17.390 3.213   1.000 38.306 ? 1   ALA AAA CA  1 ? 
ATOM   3    C  C   . ALA A 1 1   ? -1.578  -17.512 2.471   1.000 31.376 ? 1   ALA AAA C   1 ? 
ATOM   4    O  O   . ALA A 1 1   ? -2.027  -18.664 2.204   1.000 35.377 ? 1   ALA AAA O   1 ? 
ATOM   5    C  CB  . ALA A 1 1   ? 0.689   -16.457 2.470   1.000 38.164 ? 1   ALA AAA CB  1 ? 
ATOM   6    N  N   . MET A 1 2   ? -2.159  -16.342 2.219   1.000 34.631 ? 2   MET AAA N   1 ? 
ATOM   7    C  CA  . MET A 1 2   ? -3.532  -16.197 1.752   1.000 31.785 ? 2   MET AAA CA  1 ? 
ATOM   8    C  C   . MET A 1 2   ? -3.585  -16.652 0.281   1.000 27.169 ? 2   MET AAA C   1 ? 
ATOM   9    O  O   . MET A 1 2   ? -2.566  -16.589 -0.441  1.000 28.929 ? 2   MET AAA O   1 ? 
ATOM   10   C  CB  . MET A 1 2   ? -4.013  -14.750 1.950   1.000 33.921 ? 2   MET AAA CB  1 ? 
ATOM   11   C  CG  . MET A 1 2   ? -4.231  -14.363 3.443   1.000 37.811 ? 2   MET AAA CG  1 ? 
ATOM   12   S  SD  . MET A 1 2   ? -5.141  -12.783 3.694   1.000 42.272 ? 2   MET AAA SD  1 ? 
ATOM   13   C  CE  . MET A 1 2   ? -3.933  -11.593 3.122   1.000 31.680 ? 2   MET AAA CE  1 ? 
ATOM   14   N  N   . THR A 1 3   ? -4.755  -17.111 -0.148  1.000 23.398 ? 3   THR AAA N   1 ? 
ATOM   15   C  CA  . THR A 1 3   ? -5.112  -17.141 -1.575  1.000 22.789 ? 3   THR AAA CA  1 ? 
ATOM   16   C  C   . THR A 1 3   ? -5.405  -15.721 -2.077  1.000 22.670 ? 3   THR AAA C   1 ? 
ATOM   17   O  O   . THR A 1 3   ? -5.516  -14.776 -1.253  1.000 22.018 ? 3   THR AAA O   1 ? 
ATOM   18   C  CB  . THR A 1 3   ? -6.369  -17.964 -1.828  1.000 24.346 ? 3   THR AAA CB  1 ? 
ATOM   19   O  OG1 . THR A 1 3   ? -7.469  -17.332 -1.159  1.000 23.932 ? 3   THR AAA OG1 1 ? 
ATOM   20   C  CG2 . THR A 1 3   ? -6.244  -19.376 -1.290  1.000 26.432 ? 3   THR AAA CG2 1 ? 
ATOM   21   N  N   . ARG A 1 4   ? -5.483  -15.549 -3.392  1.000 21.458 ? 4   ARG AAA N   1 ? 
ATOM   22   C  CA  . ARG A 1 4   ? -5.857  -14.238 -3.973  1.000 24.867 ? 4   ARG AAA CA  1 ? 
ATOM   23   C  C   . ARG A 1 4   ? -7.187  -13.797 -3.359  1.000 24.805 ? 4   ARG AAA C   1 ? 
ATOM   24   O  O   . ARG A 1 4   ? -7.303  -12.587 -2.974  1.000 24.728 ? 4   ARG AAA O   1 ? 
ATOM   25   C  CB  . ARG A 1 4   ? -5.944  -14.254 -5.506  1.000 29.845 ? 4   ARG AAA CB  1 ? 
ATOM   26   C  CG  . ARG A 1 4   ? -5.898  -12.842 -6.097  1.000 39.245 ? 4   ARG AAA CG  1 ? 
ATOM   27   C  CD  . ARG A 1 4   ? -5.905  -12.802 -7.619  1.000 48.969 ? 4   ARG AAA CD  1 ? 
ATOM   28   N  NE  . ARG A 1 4   ? -5.815  -11.457 -8.205  1.000 51.771 ? 4   ARG AAA NE  1 ? 
ATOM   29   C  CZ  . ARG A 1 4   ? -4.700  -10.718 -8.242  1.000 56.518 ? 4   ARG AAA CZ  1 ? 
ATOM   30   N  NH1 . ARG A 1 4   ? -3.582  -11.169 -7.698  1.000 58.457 ? 4   ARG AAA NH1 1 ? 
ATOM   31   N  NH2 . ARG A 1 4   ? -4.705  -9.526  -8.825  1.000 56.226 ? 4   ARG AAA NH2 1 ? 
ATOM   32   N  N   . LYS A 1 5   ? -8.192  -14.663 -3.308  1.000 25.822 ? 5   LYS AAA N   1 ? 
ATOM   33   C  CA  . LYS A 1 5   ? -9.533  -14.280 -2.747  1.000 28.360 ? 5   LYS AAA CA  1 ? 
ATOM   34   C  C   . LYS A 1 5   ? -9.381  -13.809 -1.302  1.000 24.150 ? 5   LYS AAA C   1 ? 
ATOM   35   O  O   . LYS A 1 5   ? -10.009 -12.778 -0.891  1.000 22.966 ? 5   LYS AAA O   1 ? 
ATOM   36   C  CB  . LYS A 1 5   ? -10.499 -15.465 -2.794  1.000 33.997 ? 5   LYS AAA CB  1 ? 
ATOM   37   C  CG  . LYS A 1 5   ? -11.888 -15.210 -2.213  1.000 43.615 ? 5   LYS AAA CG  1 ? 
ATOM   38   C  CD  . LYS A 1 5   ? -12.682 -16.505 -1.993  1.000 51.387 ? 5   LYS AAA CD  1 ? 
ATOM   39   C  CE  . LYS A 1 5   ? -14.137 -16.278 -1.638  1.000 55.554 ? 5   LYS AAA CE  1 ? 
ATOM   40   N  NZ  . LYS A 1 5   ? -14.868 -15.603 -2.740  1.000 63.239 ? 5   LYS AAA NZ  1 ? 
ATOM   41   N  N   . GLN A 1 6   ? -8.603  -14.512 -0.492  1.000 21.285 ? 6   GLN AAA N   1 ? 
ATOM   42   C  CA  . GLN A 1 6   ? -8.392  -14.133 0.918   1.000 23.608 ? 6   GLN AAA CA  1 ? 
ATOM   43   C  C   . GLN A 1 6   ? -7.689  -12.781 0.980   1.000 21.272 ? 6   GLN AAA C   1 ? 
ATOM   44   O  O   . GLN A 1 6   ? -8.102  -11.948 1.798   1.000 22.021 ? 6   GLN AAA O   1 ? 
ATOM   45   C  CB  . GLN A 1 6   ? -7.607  -15.200 1.647   1.000 24.635 ? 6   GLN AAA CB  1 ? 
ATOM   46   C  CG  . GLN A 1 6   ? -8.457  -16.456 1.829   1.000 26.567 ? 6   GLN AAA CG  1 ? 
ATOM   47   C  CD  . GLN A 1 6   ? -7.663  -17.603 2.411   1.000 30.019 ? 6   GLN AAA CD  1 ? 
ATOM   48   O  OE1 . GLN A 1 6   ? -6.440  -17.659 2.336   1.000 26.182 ? 6   GLN AAA OE1 1 ? 
ATOM   49   N  NE2 . GLN A 1 6   ? -8.390  -18.547 2.998   1.000 34.019 ? 6   GLN AAA NE2 1 ? 
ATOM   50   N  N   . LEU A 1 7   ? -6.725  -12.539 0.107   1.000 19.663 ? 7   LEU AAA N   1 ? 
ATOM   51   C  CA  . LEU A 1 7   ? -6.013  -11.242 0.100   1.000 19.088 ? 7   LEU AAA CA  1 ? 
ATOM   52   C  C   . LEU A 1 7   ? -6.992  -10.105 -0.222  1.000 19.468 ? 7   LEU AAA C   1 ? 
ATOM   53   O  O   . LEU A 1 7   ? -6.983  -9.086  0.478   1.000 19.313 ? 7   LEU AAA O   1 ? 
ATOM   54   C  CB  . LEU A 1 7   ? -4.911  -11.281 -0.951  1.000 20.736 ? 7   LEU AAA CB  1 ? 
ATOM   55   C  CG  . LEU A 1 7   ? -4.152  -9.969  -1.120  1.000 22.521 ? 7   LEU AAA CG  1 ? 
ATOM   56   C  CD1 . LEU A 1 7   ? -3.399  -9.583  0.124   1.000 23.870 ? 7   LEU AAA CD1 1 ? 
ATOM   57   C  CD2 . LEU A 1 7   ? -3.177  -10.099 -2.275  1.000 23.337 ? 7   LEU AAA CD2 1 ? 
ATOM   58   N  N   A ILE A 1 8   ? -7.846  -10.311 -1.221  0.500 19.483 ? 8   ILE AAA N   1 ? 
ATOM   59   N  N   B ILE A 1 8   ? -7.775  -10.265 -1.280  0.500 19.746 ? 8   ILE AAA N   1 ? 
ATOM   60   C  CA  A ILE A 1 8   ? -8.851  -9.286  -1.653  0.500 19.827 ? 8   ILE AAA CA  1 ? 
ATOM   61   C  CA  B ILE A 1 8   ? -8.709  -9.192  -1.749  0.500 19.859 ? 8   ILE AAA CA  1 ? 
ATOM   62   C  C   A ILE A 1 8   ? -9.791  -9.017  -0.473  0.500 20.498 ? 8   ILE AAA C   1 ? 
ATOM   63   C  C   B ILE A 1 8   ? -9.702  -8.933  -0.618  0.500 21.074 ? 8   ILE AAA C   1 ? 
ATOM   64   O  O   A ILE A 1 8   ? -10.026 -7.823  -0.145  0.500 18.387 ? 8   ILE AAA O   1 ? 
ATOM   65   O  O   B ILE A 1 8   ? -10.006 -7.751  -0.295  0.500 19.473 ? 8   ILE AAA O   1 ? 
ATOM   66   C  CB  A ILE A 1 8   ? -9.614  -9.716  -2.923  0.500 21.788 ? 8   ILE AAA CB  1 ? 
ATOM   67   C  CB  B ILE A 1 8   ? -9.389  -9.592  -3.072  0.500 21.184 ? 8   ILE AAA CB  1 ? 
ATOM   68   C  CG1 A ILE A 1 8   ? -8.705  -9.869  -4.144  0.500 25.245 ? 8   ILE AAA CG1 1 ? 
ATOM   69   C  CG1 B ILE A 1 8   ? -8.391  -9.517  -4.229  0.500 24.068 ? 8   ILE AAA CG1 1 ? 
ATOM   70   C  CG2 A ILE A 1 8   ? -10.734 -8.723  -3.204  0.500 23.305 ? 8   ILE AAA CG2 1 ? 
ATOM   71   C  CG2 B ILE A 1 8   ? -10.603 -8.707  -3.326  0.500 22.653 ? 8   ILE AAA CG2 1 ? 
ATOM   72   C  CD1 A ILE A 1 8   ? -7.788  -8.699  -4.408  0.500 28.067 ? 8   ILE AAA CD1 1 ? 
ATOM   73   C  CD1 B ILE A 1 8   ? -8.772  -10.321 -5.451  0.500 25.826 ? 8   ILE AAA CD1 1 ? 
ATOM   74   N  N   A ASN A 1 9   ? -10.345 -10.045 0.182   0.600 20.368 ? 9   ASN AAA N   1 ? 
ATOM   75   N  N   B ASN A 1 9   ? -10.190 -9.996  0.022   0.400 21.950 ? 9   ASN AAA N   1 ? 
ATOM   76   C  CA  A ASN A 1 9   ? -11.207 -9.809  1.362   0.600 21.308 ? 9   ASN AAA CA  1 ? 
ATOM   77   C  CA  B ASN A 1 9   ? -11.112 -9.859  1.174   0.400 22.486 ? 9   ASN AAA CA  1 ? 
ATOM   78   C  C   A ASN A 1 9   ? -10.471 -8.984  2.417   0.600 19.508 ? 9   ASN AAA C   1 ? 
ATOM   79   C  C   B ASN A 1 9   ? -10.471 -9.015  2.284   0.400 19.829 ? 9   ASN AAA C   1 ? 
ATOM   80   O  O   A ASN A 1 9   ? -11.063 -8.066  3.070   0.600 18.481 ? 9   ASN AAA O   1 ? 
ATOM   81   O  O   B ASN A 1 9   ? -11.176 -8.102  2.777   0.400 20.184 ? 9   ASN AAA O   1 ? 
ATOM   82   C  CB  A ASN A 1 9   ? -11.681 -11.143 1.944   0.600 21.273 ? 9   ASN AAA CB  1 ? 
ATOM   83   C  CB  B ASN A 1 9   ? -11.591 -11.216 1.703   0.400 24.316 ? 9   ASN AAA CB  1 ? 
ATOM   84   C  CG  A ASN A 1 9   ? -12.642 -11.870 1.033   0.600 24.773 ? 9   ASN AAA CG  1 ? 
ATOM   85   C  CG  B ASN A 1 9   ? -12.921 -11.103 2.420   0.400 29.082 ? 9   ASN AAA CG  1 ? 
ATOM   86   O  OD1 A ASN A 1 9   ? -13.201 -11.267 0.114   0.600 26.863 ? 9   ASN AAA OD1 1 ? 
ATOM   87   O  OD1 B ASN A 1 9   ? -13.858 -10.514 1.885   0.400 31.215 ? 9   ASN AAA OD1 1 ? 
ATOM   88   N  ND2 A ASN A 1 9   ? -12.846 -13.160 1.290   0.600 26.347 ? 9   ASN AAA ND2 1 ? 
ATOM   89   N  ND2 B ASN A 1 9   ? -13.029 -11.677 3.609   0.400 38.262 ? 9   ASN AAA ND2 1 ? 
ATOM   90   N  N   . SER A 1 10  ? -9.225  -9.303  2.706   1.000 18.533 ? 10  SER AAA N   1 ? 
ATOM   91   C  CA  . SER A 1 10  ? -8.481  -8.572  3.750   1.000 18.999 ? 10  SER AAA CA  1 ? 
ATOM   92   C  C   . SER A 1 10  ? -8.283  -7.098  3.318   1.000 18.801 ? 10  SER AAA C   1 ? 
ATOM   93   O  O   . SER A 1 10  ? -8.422  -6.171  4.146   1.000 18.461 ? 10  SER AAA O   1 ? 
ATOM   94   C  CB  . SER A 1 10  ? -7.133  -9.215  4.029   1.000 20.351 ? 10  SER AAA CB  1 ? 
ATOM   95   O  OG  . SER A 1 10  ? -6.354  -8.457  4.927   1.000 27.742 ? 10  SER AAA OG  1 ? 
ATOM   96   N  N   A MET A 1 11  ? -7.934  -6.867  2.057   0.500 17.549 ? 11  MET AAA N   1 ? 
ATOM   97   N  N   B MET A 1 11  ? -7.878  -6.917  2.061   0.500 17.002 ? 11  MET AAA N   1 ? 
ATOM   98   C  CA  A MET A 1 11  ? -7.725  -5.478  1.556   0.500 16.248 ? 11  MET AAA CA  1 ? 
ATOM   99   C  CA  B MET A 1 11  ? -7.720  -5.569  1.446   0.500 15.573 ? 11  MET AAA CA  1 ? 
ATOM   100  C  C   A MET A 1 11  ? -9.056  -4.713  1.531   0.500 16.007 ? 11  MET AAA C   1 ? 
ATOM   101  C  C   B MET A 1 11  ? -9.012  -4.777  1.621   0.500 15.581 ? 11  MET AAA C   1 ? 
ATOM   102  O  O   A MET A 1 11  ? -9.092  -3.523  1.754   0.500 14.018 ? 11  MET AAA O   1 ? 
ATOM   103  O  O   B MET A 1 11  ? -8.913  -3.646  2.109   0.500 14.124 ? 11  MET AAA O   1 ? 
ATOM   104  C  CB  A MET A 1 11  ? -7.100  -5.530  0.168   0.500 16.714 ? 11  MET AAA CB  1 ? 
ATOM   105  C  CB  B MET A 1 11  ? -7.353  -5.689  -0.032  0.500 15.578 ? 11  MET AAA CB  1 ? 
ATOM   106  C  CG  A MET A 1 11  ? -5.675  -6.020  0.195   0.500 17.129 ? 11  MET AAA CG  1 ? 
ATOM   107  C  CG  B MET A 1 11  ? -5.948  -6.199  -0.230  0.500 15.220 ? 11  MET AAA CG  1 ? 
ATOM   108  S  SD  A MET A 1 11  ? -4.865  -5.613  -1.331  0.500 20.983 ? 11  MET AAA SD  1 ? 
ATOM   109  S  SD  B MET A 1 11  ? -5.248  -5.725  -1.825  0.500 17.564 ? 11  MET AAA SD  1 ? 
ATOM   110  C  CE  A MET A 1 11  ? -5.773  -6.767  -2.339  0.500 18.492 ? 11  MET AAA CE  1 ? 
ATOM   111  C  CE  B MET A 1 11  ? -3.515  -6.124  -1.553  0.500 16.204 ? 11  MET AAA CE  1 ? 
ATOM   112  N  N   . ASP A 1 12  ? -10.159 -5.384  1.281   1.000 15.582 ? 12  ASP AAA N   1 ? 
ATOM   113  C  CA  . ASP A 1 12  ? -11.483 -4.697  1.339   1.000 16.368 ? 12  ASP AAA CA  1 ? 
ATOM   114  C  C   . ASP A 1 12  ? -11.792 -4.275  2.774   1.000 17.465 ? 12  ASP AAA C   1 ? 
ATOM   115  O  O   . ASP A 1 12  ? -12.314 -3.188  3.002   1.000 17.526 ? 12  ASP AAA O   1 ? 
ATOM   116  C  CB  . ASP A 1 12  ? -12.556 -5.609  0.783   1.000 17.194 ? 12  ASP AAA CB  1 ? 
ATOM   117  C  CG  . ASP A 1 12  ? -12.561 -5.771  -0.719  1.000 20.712 ? 12  ASP AAA CG  1 ? 
ATOM   118  O  OD1 . ASP A 1 12  ? -11.895 -4.959  -1.410  1.000 20.435 ? 12  ASP AAA OD1 1 ? 
ATOM   119  O  OD2 . ASP A 1 12  ? -13.228 -6.712  -1.237  1.000 21.021 ? 12  ASP AAA OD2 1 ? 
ATOM   120  N  N   A MET A 1 13  ? -11.414 -5.054  3.782   0.500 18.377 ? 13  MET AAA N   1 ? 
ATOM   121  N  N   B MET A 1 13  ? -11.458 -5.122  3.740   0.500 17.764 ? 13  MET AAA N   1 ? 
ATOM   122  C  CA  A MET A 1 13  ? -11.624 -4.648  5.197   0.500 19.711 ? 13  MET AAA CA  1 ? 
ATOM   123  C  CA  B MET A 1 13  ? -11.584 -4.747  5.167   0.500 18.615 ? 13  MET AAA CA  1 ? 
ATOM   124  C  C   A MET A 1 13  ? -10.627 -3.543  5.595   0.500 18.520 ? 13  MET AAA C   1 ? 
ATOM   125  C  C   B MET A 1 13  ? -10.778 -3.496  5.454   0.500 17.105 ? 13  MET AAA C   1 ? 
ATOM   126  O  O   A MET A 1 13  ? -10.919 -2.638  6.406   0.500 17.771 ? 13  MET AAA O   1 ? 
ATOM   127  O  O   B MET A 1 13  ? -11.352 -2.577  5.990   0.500 16.867 ? 13  MET AAA O   1 ? 
ATOM   128  C  CB  A MET A 1 13  ? -11.526 -5.888  6.097   0.500 21.185 ? 13  MET AAA CB  1 ? 
ATOM   129  C  CB  B MET A 1 13  ? -11.106 -5.843  6.113   0.500 19.733 ? 13  MET AAA CB  1 ? 
ATOM   130  C  CG  A MET A 1 13  ? -12.452 -7.014  5.615   0.500 21.557 ? 13  MET AAA CG  1 ? 
ATOM   131  C  CG  B MET A 1 13  ? -12.082 -6.939  6.209   0.500 18.994 ? 13  MET AAA CG  1 ? 
ATOM   132  S  SD  A MET A 1 13  ? -12.564 -8.436  6.764   0.500 25.883 ? 13  MET AAA SD  1 ? 
ATOM   133  S  SD  B MET A 1 13  ? -11.671 -8.129  7.503   0.500 19.945 ? 13  MET AAA SD  1 ? 
ATOM   134  C  CE  A MET A 1 13  ? -10.852 -8.903  6.862   0.500 17.969 ? 13  MET AAA CE  1 ? 
ATOM   135  C  CE  B MET A 1 13  ? -13.192 -9.088  7.556   0.500 22.978 ? 13  MET AAA CE  1 ? 
ATOM   136  N  N   A MET A 1 14  ? -9.450  -3.498  4.986   0.500 18.409 ? 14  MET AAA N   1 ? 
ATOM   137  N  N   B MET A 1 14  ? -9.492  -3.469  5.064   0.500 17.774 ? 14  MET AAA N   1 ? 
ATOM   138  C  CA  A MET A 1 14  ? -8.555  -2.366  5.277   0.500 18.712 ? 14  MET AAA CA  1 ? 
ATOM   139  C  CA  B MET A 1 14  ? -8.593  -2.329  5.328   0.500 18.188 ? 14  MET AAA CA  1 ? 
ATOM   140  C  C   A MET A 1 14  ? -9.127  -1.087  4.650   0.500 16.900 ? 14  MET AAA C   1 ? 
ATOM   141  C  C   B MET A 1 14  ? -9.155  -1.069  4.661   0.500 16.672 ? 14  MET AAA C   1 ? 
ATOM   142  O  O   A MET A 1 14  ? -9.118  -0.036  5.323   0.500 17.886 ? 14  MET AAA O   1 ? 
ATOM   143  O  O   B MET A 1 14  ? -9.144  -0.006  5.312   0.500 17.732 ? 14  MET AAA O   1 ? 
ATOM   144  C  CB  A MET A 1 14  ? -7.158  -2.645  4.730   0.500 20.572 ? 14  MET AAA CB  1 ? 
ATOM   145  C  CB  B MET A 1 14  ? -7.183  -2.583  4.785   0.500 19.946 ? 14  MET AAA CB  1 ? 
ATOM   146  C  CG  A MET A 1 14  ? -6.641  -3.984  5.175   0.500 20.756 ? 14  MET AAA CG  1 ? 
ATOM   147  C  CG  B MET A 1 14  ? -6.380  -3.536  5.626   0.500 20.299 ? 14  MET AAA CG  1 ? 
ATOM   148  S  SD  A MET A 1 14  ? -4.920  -4.182  4.665   0.500 25.621 ? 14  MET AAA SD  1 ? 
ATOM   149  S  SD  B MET A 1 14  ? -4.652  -3.733  5.025   0.500 24.261 ? 14  MET AAA SD  1 ? 
ATOM   150  C  CE  A MET A 1 14  ? -4.313  -2.746  5.550   0.500 25.307 ? 14  MET AAA CE  1 ? 
ATOM   151  C  CE  B MET A 1 14  ? -4.277  -5.360  5.686   0.500 22.813 ? 14  MET AAA CE  1 ? 
ATOM   152  N  N   . ARG A 1 15  ? -9.632  -1.180  3.427   1.000 15.886 ? 15  ARG AAA N   1 ? 
ATOM   153  C  CA  . ARG A 1 15  ? -10.269 -0.006  2.767   1.000 15.406 ? 15  ARG AAA CA  1 ? 
ATOM   154  C  C   . ARG A 1 15  ? -11.421 0.537   3.629   1.000 17.632 ? 15  ARG AAA C   1 ? 
ATOM   155  O  O   . ARG A 1 15  ? -11.539 1.716   3.866   1.000 16.820 ? 15  ARG AAA O   1 ? 
ATOM   156  C  CB  . ARG A 1 15  ? -10.753 -0.387  1.387   1.000 14.797 ? 15  ARG AAA CB  1 ? 
ATOM   157  C  CG  . ARG A 1 15  ? -11.427 0.821   0.760   1.000 15.513 ? 15  ARG AAA CG  1 ? 
ATOM   158  C  CD  . ARG A 1 15  ? -11.965 0.621   -0.563  1.000 15.831 ? 15  ARG AAA CD  1 ? 
ATOM   159  N  NE  . ARG A 1 15  ? -10.986 0.315   -1.578  1.000 16.901 ? 15  ARG AAA NE  1 ? 
ATOM   160  C  CZ  . ARG A 1 15  ? -11.262 0.167   -2.838  1.000 17.187 ? 15  ARG AAA CZ  1 ? 
ATOM   161  N  NH1 . ARG A 1 15  ? -12.463 0.450   -3.320  1.000 17.346 ? 15  ARG AAA NH1 1 ? 
ATOM   162  N  NH2 . ARG A 1 15  ? -10.275 -0.238  -3.642  1.000 18.489 ? 15  ARG AAA NH2 1 ? 
ATOM   163  N  N   A SER A 1 16  ? -12.294 -0.343  4.108   0.500 18.017 ? 16  SER AAA N   1 ? 
ATOM   164  N  N   B SER A 1 16  ? -12.273 -0.364  4.110   0.500 17.405 ? 16  SER AAA N   1 ? 
ATOM   165  C  CA  A SER A 1 16  ? -13.498 0.125   4.831   0.500 18.375 ? 16  SER AAA CA  1 ? 
ATOM   166  C  CA  B SER A 1 16  ? -13.486 0.035   4.858   0.500 17.754 ? 16  SER AAA CA  1 ? 
ATOM   167  C  C   A SER A 1 16  ? -13.106 0.745   6.182   0.500 19.574 ? 16  SER AAA C   1 ? 
ATOM   168  C  C   B SER A 1 16  ? -13.111 0.711   6.181   0.500 19.013 ? 16  SER AAA C   1 ? 
ATOM   169  O  O   A SER A 1 16  ? -13.844 1.650   6.658   0.500 20.153 ? 16  SER AAA O   1 ? 
ATOM   170  O  O   B SER A 1 16  ? -13.870 1.615   6.628   0.500 20.295 ? 16  SER AAA O   1 ? 
ATOM   171  C  CB  A SER A 1 16  ? -14.471 -1.018  4.958   0.500 20.032 ? 16  SER AAA CB  1 ? 
ATOM   172  C  CB  B SER A 1 16  ? -14.364 -1.183  5.024   0.500 17.932 ? 16  SER AAA CB  1 ? 
ATOM   173  O  OG  A SER A 1 16  ? -13.962 -1.974  5.864   0.500 23.073 ? 16  SER AAA OG  1 ? 
ATOM   174  O  OG  B SER A 1 16  ? -15.060 -1.429  3.818   0.500 19.153 ? 16  SER AAA OG  1 ? 
ATOM   175  N  N   . ALA A 1 17  ? -11.962 0.384   6.768   1.000 18.308 ? 17  ALA AAA N   1 ? 
ATOM   176  C  CA  . ALA A 1 17  ? -11.456 1.004   7.997   1.000 19.914 ? 17  ALA AAA CA  1 ? 
ATOM   177  C  C   . ALA A 1 17  ? -10.866 2.378   7.724   1.000 19.665 ? 17  ALA AAA C   1 ? 
ATOM   178  O  O   . ALA A 1 17  ? -11.030 3.286   8.551   1.000 22.009 ? 17  ALA AAA O   1 ? 
ATOM   179  C  CB  . ALA A 1 17  ? -10.427 0.126   8.665   1.000 23.021 ? 17  ALA AAA CB  1 ? 
ATOM   180  N  N   . CYS A 1 18  ? -10.102 2.538   6.630   1.000 17.135 ? 18  CYS AAA N   1 ? 
ATOM   181  C  CA  . CYS A 1 18  ? -9.372  3.794   6.416   1.000 16.543 ? 18  CYS AAA CA  1 ? 
ATOM   182  C  C   . CYS A 1 18  ? -10.142 4.802   5.540   1.000 15.566 ? 18  CYS AAA C   1 ? 
ATOM   183  O  O   . CYS A 1 18  ? -10.073 6.018   5.798   1.000 16.666 ? 18  CYS AAA O   1 ? 
ATOM   184  C  CB  . CYS A 1 18  ? -8.050  3.541   5.685   1.000 17.470 ? 18  CYS AAA CB  1 ? 
ATOM   185  S  SG  . CYS A 1 18  ? -6.758  2.927   6.803   1.000 17.206 ? 18  CYS AAA SG  1 ? 
ATOM   186  N  N   . ALA A 1 19  ? -10.831 4.357   4.494   1.000 15.506 ? 19  ALA AAA N   1 ? 
ATOM   187  C  CA  . ALA A 1 19  ? -11.516 5.278   3.549   1.000 15.384 ? 19  ALA AAA CA  1 ? 
ATOM   188  C  C   . ALA A 1 19  ? -12.417 6.298   4.271   1.000 18.116 ? 19  ALA AAA C   1 ? 
ATOM   189  O  O   . ALA A 1 19  ? -12.474 7.458   3.842   1.000 17.896 ? 19  ALA AAA O   1 ? 
ATOM   190  C  CB  . ALA A 1 19  ? -12.236 4.526   2.430   1.000 15.095 ? 19  ALA AAA CB  1 ? 
ATOM   191  N  N   . PRO A 1 20  ? -13.203 5.929   5.313   1.000 18.211 ? 20  PRO AAA N   1 ? 
ATOM   192  C  CA  . PRO A 1 20  ? -14.107 6.940   5.881   1.000 18.416 ? 20  PRO AAA CA  1 ? 
ATOM   193  C  C   . PRO A 1 20  ? -13.370 8.127   6.515   1.000 20.002 ? 20  PRO AAA C   1 ? 
ATOM   194  O  O   . PRO A 1 20  ? -14.029 9.187   6.787   1.000 20.816 ? 20  PRO AAA O   1 ? 
ATOM   195  C  CB  . PRO A 1 20  ? -14.853 6.146   6.965   1.000 20.016 ? 20  PRO AAA CB  1 ? 
ATOM   196  C  CG  . PRO A 1 20  ? -14.858 4.774   6.459   1.000 19.110 ? 20  PRO AAA CG  1 ? 
ATOM   197  C  CD  . PRO A 1 20  ? -13.476 4.588   5.843   1.000 18.153 ? 20  PRO AAA CD  1 ? 
ATOM   198  N  N   . LYS A 1 21  ? -12.067 8.021   6.796   1.000 18.061 ? 21  LYS AAA N   1 ? 
ATOM   199  C  CA  . LYS A 1 21  ? -11.301 9.125   7.408   1.000 19.698 ? 21  LYS AAA CA  1 ? 
ATOM   200  C  C   . LYS A 1 21  ? -10.839 10.149  6.384   1.000 20.022 ? 21  LYS AAA C   1 ? 
ATOM   201  O  O   . LYS A 1 21  ? -10.223 11.125  6.809   1.000 21.566 ? 21  LYS AAA O   1 ? 
ATOM   202  C  CB  . LYS A 1 21  ? -10.099 8.552   8.148   1.000 21.804 ? 21  LYS AAA CB  1 ? 
ATOM   203  C  CG  . LYS A 1 21  ? -10.464 7.580   9.259   1.000 24.803 ? 21  LYS AAA CG  1 ? 
ATOM   204  C  CD  . LYS A 1 21  ? -9.243  6.882   9.798   1.000 32.205 ? 21  LYS AAA CD  1 ? 
ATOM   205  C  CE  . LYS A 1 21  ? -9.535  5.916   10.922  1.000 39.819 ? 21  LYS AAA CE  1 ? 
ATOM   206  N  NZ  . LYS A 1 21  ? -9.992  6.628   12.138  1.000 42.127 ? 21  LYS AAA NZ  1 ? 
ATOM   207  N  N   . PHE A 1 22  ? -11.073 9.942   5.105   1.000 18.119 ? 22  PHE AAA N   1 ? 
ATOM   208  C  CA  . PHE A 1 22  ? -10.507 10.787  4.046   1.000 17.043 ? 22  PHE AAA CA  1 ? 
ATOM   209  C  C   . PHE A 1 22  ? -11.581 11.096  3.015   1.000 16.719 ? 22  PHE AAA C   1 ? 
ATOM   210  O  O   . PHE A 1 22  ? -12.500 10.297  2.777   1.000 17.624 ? 22  PHE AAA O   1 ? 
ATOM   211  C  CB  . PHE A 1 22  ? -9.328  10.052  3.362   1.000 17.265 ? 22  PHE AAA CB  1 ? 
ATOM   212  C  CG  . PHE A 1 22  ? -8.262  9.676   4.326   1.000 16.045 ? 22  PHE AAA CG  1 ? 
ATOM   213  C  CD1 . PHE A 1 22  ? -7.396  10.656  4.790   1.000 17.059 ? 22  PHE AAA CD1 1 ? 
ATOM   214  C  CD2 . PHE A 1 22  ? -8.205  8.421   4.906   1.000 16.720 ? 22  PHE AAA CD2 1 ? 
ATOM   215  C  CE1 . PHE A 1 22  ? -6.467  10.384  5.773   1.000 17.639 ? 22  PHE AAA CE1 1 ? 
ATOM   216  C  CE2 . PHE A 1 22  ? -7.271  8.164   5.896   1.000 17.131 ? 22  PHE AAA CE2 1 ? 
ATOM   217  C  CZ  . PHE A 1 22  ? -6.420  9.139   6.338   1.000 16.278 ? 22  PHE AAA CZ  1 ? 
ATOM   218  N  N   A LYS A 1 23  ? -11.455 12.256  2.377   0.500 18.180 ? 23  LYS AAA N   1 ? 
ATOM   219  N  N   B LYS A 1 23  ? -11.477 12.264  2.394   0.500 18.201 ? 23  LYS AAA N   1 ? 
ATOM   220  C  CA  A LYS A 1 23  ? -12.406 12.737  1.347   0.500 19.991 ? 23  LYS AAA CA  1 ? 
ATOM   221  C  CA  B LYS A 1 23  ? -12.444 12.722  1.372   0.500 19.910 ? 23  LYS AAA CA  1 ? 
ATOM   222  C  C   A LYS A 1 23  ? -11.945 12.135  0.020   0.500 18.415 ? 23  LYS AAA C   1 ? 
ATOM   223  C  C   B LYS A 1 23  ? -11.946 12.137  0.047   0.500 18.305 ? 23  LYS AAA C   1 ? 
ATOM   224  O  O   A LYS A 1 23  ? -11.388 12.851  -0.845  0.500 20.702 ? 23  LYS AAA O   1 ? 
ATOM   225  O  O   B LYS A 1 23  ? -11.336 12.858  -0.772  0.500 20.589 ? 23  LYS AAA O   1 ? 
ATOM   226  C  CB  A LYS A 1 23  ? -12.498 14.266  1.404   0.500 22.032 ? 23  LYS AAA CB  1 ? 
ATOM   227  C  CB  B LYS A 1 23  ? -12.589 14.245  1.478   0.500 22.156 ? 23  LYS AAA CB  1 ? 
ATOM   228  C  CG  A LYS A 1 23  ? -13.160 14.773  2.677   0.500 26.233 ? 23  LYS AAA CG  1 ? 
ATOM   229  C  CG  B LYS A 1 23  ? -12.762 14.749  2.909   0.500 26.190 ? 23  LYS AAA CG  1 ? 
ATOM   230  C  CD  A LYS A 1 23  ? -13.246 16.284  2.795   0.500 29.037 ? 23  LYS AAA CD  1 ? 
ATOM   231  C  CD  B LYS A 1 23  ? -13.692 13.918  3.791   0.500 29.095 ? 23  LYS AAA CD  1 ? 
ATOM   232  C  CE  A LYS A 1 23  ? -14.034 16.716  4.018   0.500 30.727 ? 23  LYS AAA CE  1 ? 
ATOM   233  C  CE  B LYS A 1 23  ? -13.110 13.604  5.158   0.500 32.927 ? 23  LYS AAA CE  1 ? 
ATOM   234  N  NZ  A LYS A 1 23  ? -13.564 16.041  5.252   0.500 32.050 ? 23  LYS AAA NZ  1 ? 
ATOM   235  N  NZ  B LYS A 1 23  ? -13.749 12.415  5.774   0.500 31.895 ? 23  LYS AAA NZ  1 ? 
ATOM   236  N  N   . VAL A 1 24  ? -12.171 10.830  -0.119  1.000 17.261 ? 24  VAL AAA N   1 ? 
ATOM   237  C  CA  . VAL A 1 24  ? -11.771 10.052  -1.310  1.000 17.064 ? 24  VAL AAA CA  1 ? 
ATOM   238  C  C   . VAL A 1 24  ? -12.993 9.332   -1.868  1.000 17.284 ? 24  VAL AAA C   1 ? 
ATOM   239  O  O   . VAL A 1 24  ? -13.762 8.750   -1.080  1.000 17.962 ? 24  VAL AAA O   1 ? 
ATOM   240  C  CB  . VAL A 1 24  ? -10.627 9.096   -0.998  1.000 17.097 ? 24  VAL AAA CB  1 ? 
ATOM   241  C  CG1 . VAL A 1 24  ? -9.345  9.903   -0.758  1.000 18.316 ? 24  VAL AAA CG1 1 ? 
ATOM   242  C  CG2 . VAL A 1 24  ? -10.904 8.153   0.147   1.000 15.985 ? 24  VAL AAA CG2 1 ? 
ATOM   243  N  N   . SER A 1 25  ? -13.085 9.267   -3.162  1.000 15.292 ? 25  SER AAA N   1 ? 
ATOM   244  C  CA  . SER A 1 25  ? -14.255 8.707   -3.880  1.000 15.230 ? 25  SER AAA CA  1 ? 
ATOM   245  C  C   . SER A 1 25  ? -13.985 7.260   -4.294  1.000 14.933 ? 25  SER AAA C   1 ? 
ATOM   246  O  O   . SER A 1 25  ? -12.800 6.830   -4.402  1.000 14.756 ? 25  SER AAA O   1 ? 
ATOM   247  C  CB  . SER A 1 25  ? -14.577 9.547   -5.076  1.000 17.430 ? 25  SER AAA CB  1 ? 
ATOM   248  O  OG  . SER A 1 25  ? -13.506 9.408   -6.015  1.000 17.260 ? 25  SER AAA OG  1 ? 
ATOM   249  N  N   . THR A 1 26  ? -15.011 6.493   -4.640  1.000 15.060 ? 26  THR AAA N   1 ? 
ATOM   250  C  CA  . THR A 1 26  ? -14.861 5.181   -5.277  1.000 14.824 ? 26  THR AAA CA  1 ? 
ATOM   251  C  C   . THR A 1 26  ? -13.967 5.290   -6.494  1.000 15.500 ? 26  THR AAA C   1 ? 
ATOM   252  O  O   . THR A 1 26  ? -13.166 4.348   -6.718  1.000 15.404 ? 26  THR AAA O   1 ? 
ATOM   253  C  CB  . THR A 1 26  ? -16.195 4.495   -5.620  1.000 16.185 ? 26  THR AAA CB  1 ? 
ATOM   254  O  OG1 . THR A 1 26  ? -16.928 5.353   -6.501  1.000 17.561 ? 26  THR AAA OG1 1 ? 
ATOM   255  C  CG2 . THR A 1 26  ? -16.995 4.175   -4.391  1.000 16.188 ? 26  THR AAA CG2 1 ? 
ATOM   256  N  N   . GLU A 1 27  ? -14.099 6.308   -7.326  1.000 14.992 ? 27  GLU AAA N   1 ? 
ATOM   257  C  CA  . GLU A 1 27  ? -13.282 6.350   -8.557  1.000 15.939 ? 27  GLU AAA CA  1 ? 
ATOM   258  C  C   . GLU A 1 27  ? -11.813 6.401   -8.125  1.000 14.573 ? 27  GLU AAA C   1 ? 
ATOM   259  O  O   . GLU A 1 27  ? -10.997 5.669   -8.692  1.000 14.778 ? 27  GLU AAA O   1 ? 
ATOM   260  C  CB  . GLU A 1 27  ? -13.671 7.584   -9.374  1.000 19.714 ? 27  GLU AAA CB  1 ? 
ATOM   261  C  CG  . GLU A 1 27  ? -12.729 7.874   -10.532 1.000 24.106 ? 27  GLU AAA CG  1 ? 
ATOM   262  C  CD  . GLU A 1 27  ? -13.038 9.186   -11.226 1.000 31.402 ? 27  GLU AAA CD  1 ? 
ATOM   263  O  OE1 . GLU A 1 27  ? -13.926 9.157   -12.080 1.000 34.747 ? 27  GLU AAA OE1 1 ? 
ATOM   264  O  OE2 . GLU A 1 27  ? -12.444 10.245  -10.835 1.000 34.813 ? 27  GLU AAA OE2 1 ? 
ATOM   265  N  N   A MET A 1 28  ? -11.479 7.217   -7.136  0.500 14.544 ? 28  MET AAA N   1 ? 
ATOM   266  N  N   B MET A 1 28  ? -11.484 7.234   -7.150  0.500 13.652 ? 28  MET AAA N   1 ? 
ATOM   267  C  CA  A MET A 1 28  ? -10.070 7.390   -6.716  0.500 15.752 ? 28  MET AAA CA  1 ? 
ATOM   268  C  CA  B MET A 1 28  ? -10.079 7.385   -6.721  0.500 14.096 ? 28  MET AAA CA  1 ? 
ATOM   269  C  C   A MET A 1 28  ? -9.553  6.111   -6.048  0.500 14.719 ? 28  MET AAA C   1 ? 
ATOM   270  C  C   B MET A 1 28  ? -9.584  6.067   -6.122  0.500 13.803 ? 28  MET AAA C   1 ? 
ATOM   271  O  O   A MET A 1 28  ? -8.394  5.704   -6.271  0.500 14.315 ? 28  MET AAA O   1 ? 
ATOM   272  O  O   B MET A 1 28  ? -8.476  5.593   -6.477  0.500 13.527 ? 28  MET AAA O   1 ? 
ATOM   273  C  CB  A MET A 1 28  ? -9.925  8.570   -5.763  0.500 17.744 ? 28  MET AAA CB  1 ? 
ATOM   274  C  CB  B MET A 1 28  ? -9.913  8.503   -5.700  0.500 14.489 ? 28  MET AAA CB  1 ? 
ATOM   275  C  CG  A MET A 1 28  ? -10.166 9.903   -6.440  0.500 18.818 ? 28  MET AAA CG  1 ? 
ATOM   276  C  CG  B MET A 1 28  ? -9.984  9.888   -6.310  0.500 14.197 ? 28  MET AAA CG  1 ? 
ATOM   277  S  SD  A MET A 1 28  ? -10.273 11.232  -5.244  0.500 22.928 ? 28  MET AAA SD  1 ? 
ATOM   278  S  SD  B MET A 1 28  ? -9.585  11.187  -5.133  0.500 14.471 ? 28  MET AAA SD  1 ? 
ATOM   279  C  CE  A MET A 1 28  ? -10.000 12.679  -6.269  0.500 17.507 ? 28  MET AAA CE  1 ? 
ATOM   280  C  CE  B MET A 1 28  ? -11.087 11.133  -4.212  0.500 10.925 ? 28  MET AAA CE  1 ? 
ATOM   281  N  N   . LEU A 1 29  ? -10.388 5.456   -5.239  1.000 14.169 ? 29  LEU AAA N   1 ? 
ATOM   282  C  CA  . LEU A 1 29  ? -9.987  4.219   -4.537  1.000 14.704 ? 29  LEU AAA CA  1 ? 
ATOM   283  C  C   . LEU A 1 29  ? -9.898  3.060   -5.523  1.000 13.736 ? 29  LEU AAA C   1 ? 
ATOM   284  O  O   . LEU A 1 29  ? -8.919  2.272   -5.471  1.000 13.903 ? 29  LEU AAA O   1 ? 
ATOM   285  C  CB  . LEU A 1 29  ? -11.032 3.903   -3.463  1.000 14.412 ? 29  LEU AAA CB  1 ? 
ATOM   286  C  CG  . LEU A 1 29  ? -11.072 4.889   -2.317  1.000 14.937 ? 29  LEU AAA CG  1 ? 
ATOM   287  C  CD1 . LEU A 1 29  ? -12.379 4.771   -1.534  1.000 15.778 ? 29  LEU AAA CD1 1 ? 
ATOM   288  C  CD2 . LEU A 1 29  ? -9.876  4.702   -1.404  1.000 15.162 ? 29  LEU AAA CD2 1 ? 
ATOM   289  N  N   . ASP A 1 30  ? -10.874 2.865   -6.380  1.000 13.933 ? 30  ASP AAA N   1 ? 
ATOM   290  C  CA  . ASP A 1 30  ? -10.831 1.760   -7.329  1.000 15.586 ? 30  ASP AAA CA  1 ? 
ATOM   291  C  C   . ASP A 1 30  ? -9.677  1.963   -8.306  1.000 15.230 ? 30  ASP AAA C   1 ? 
ATOM   292  O  O   . ASP A 1 30  ? -8.984  0.983   -8.669  1.000 15.562 ? 30  ASP AAA O   1 ? 
ATOM   293  C  CB  . ASP A 1 30  ? -12.223 1.600   -7.959  1.000 16.409 ? 30  ASP AAA CB  1 ? 
ATOM   294  C  CG  . ASP A 1 30  ? -13.282 1.067   -7.028  1.000 20.604 ? 30  ASP AAA CG  1 ? 
ATOM   295  O  OD1 . ASP A 1 30  ? -12.926 0.348   -6.102  1.000 22.222 ? 30  ASP AAA OD1 1 ? 
ATOM   296  O  OD2 . ASP A 1 30  ? -14.474 1.373   -7.304  1.000 22.767 ? 30  ASP AAA OD2 1 ? 
ATOM   297  N  N   . ASN A 1 31  ? -9.447  3.191   -8.761  1.000 13.769 ? 31  ASN AAA N   1 ? 
ATOM   298  C  CA  . ASN A 1 31  ? -8.303  3.460   -9.658  1.000 14.412 ? 31  ASN AAA CA  1 ? 
ATOM   299  C  C   . ASN A 1 31  ? -6.984  3.152   -8.967  1.000 13.172 ? 31  ASN AAA C   1 ? 
ATOM   300  O  O   . ASN A 1 31  ? -6.087  2.564   -9.590  1.000 14.390 ? 31  ASN AAA O   1 ? 
ATOM   301  C  CB  . ASN A 1 31  ? -8.302  4.909   -10.162 1.000 14.399 ? 31  ASN AAA CB  1 ? 
ATOM   302  C  CG  . ASN A 1 31  ? -9.258  5.146   -11.328 1.000 17.784 ? 31  ASN AAA CG  1 ? 
ATOM   303  O  OD1 . ASN A 1 31  ? -9.908  4.199   -11.800 1.000 20.713 ? 31  ASN AAA OD1 1 ? 
ATOM   304  N  ND2 . ASN A 1 31  ? -9.480  6.418   -11.698 1.000 18.387 ? 31  ASN AAA ND2 1 ? 
ATOM   305  N  N   . LEU A 1 32  ? -6.852  3.518   -7.692  1.000 13.011 ? 32  LEU AAA N   1 ? 
ATOM   306  C  CA  . LEU A 1 32  ? -5.615  3.251   -6.930  1.000 12.929 ? 32  LEU AAA CA  1 ? 
ATOM   307  C  C   . LEU A 1 32  ? -5.419  1.758   -6.807  1.000 13.074 ? 32  LEU AAA C   1 ? 
ATOM   308  O  O   . LEU A 1 32  ? -4.255  1.291   -7.031  1.000 13.614 ? 32  LEU AAA O   1 ? 
ATOM   309  C  CB  . LEU A 1 32  ? -5.710  3.927   -5.583  1.000 13.838 ? 32  LEU AAA CB  1 ? 
ATOM   310  C  CG  . LEU A 1 32  ? -4.587  3.640   -4.607  1.000 14.366 ? 32  LEU AAA CG  1 ? 
ATOM   311  C  CD1 . LEU A 1 32  ? -3.217  3.989   -5.170  1.000 16.862 ? 32  LEU AAA CD1 1 ? 
ATOM   312  C  CD2 . LEU A 1 32  ? -4.820  4.355   -3.314  1.000 15.536 ? 32  LEU AAA CD2 1 ? 
ATOM   313  N  N   . ARG A 1 33  ? -6.445  0.972   -6.483  1.000 13.272 ? 33  ARG AAA N   1 ? 
ATOM   314  C  CA  . ARG A 1 33  ? -6.245  -0.492  -6.461  1.000 13.903 ? 33  ARG AAA CA  1 ? 
ATOM   315  C  C   . ARG A 1 33  ? -5.714  -0.955  -7.816  1.000 14.497 ? 33  ARG AAA C   1 ? 
ATOM   316  O  O   . ARG A 1 33  ? -4.902  -1.916  -7.852  1.000 14.813 ? 33  ARG AAA O   1 ? 
ATOM   317  C  CB  . ARG A 1 33  ? -7.549  -1.176  -6.084  1.000 14.164 ? 33  ARG AAA CB  1 ? 
ATOM   318  C  CG  . ARG A 1 33  ? -7.427  -2.686  -6.179  1.000 14.642 ? 33  ARG AAA CG  1 ? 
ATOM   319  C  CD  . ARG A 1 33  ? -8.475  -3.516  -5.508  1.000 15.401 ? 33  ARG AAA CD  1 ? 
ATOM   320  N  NE  . ARG A 1 33  ? -8.580  -3.241  -4.094  1.000 15.080 ? 33  ARG AAA NE  1 ? 
ATOM   321  C  CZ  . ARG A 1 33  ? -9.442  -3.828  -3.268  1.000 15.585 ? 33  ARG AAA CZ  1 ? 
ATOM   322  N  NH1 . ARG A 1 33  ? -10.300 -4.703  -3.769  1.000 17.650 ? 33  ARG AAA NH1 1 ? 
ATOM   323  N  NH2 . ARG A 1 33  ? -9.479  -3.513  -1.996  1.000 16.349 ? 33  ARG AAA NH2 1 ? 
ATOM   324  N  N   . GLY A 1 34  ? -6.175  -0.329  -8.896  1.000 14.026 ? 34  GLY AAA N   1 ? 
ATOM   325  C  CA  . GLY A 1 34  ? -5.735  -0.632  -10.273 1.000 15.830 ? 34  GLY AAA CA  1 ? 
ATOM   326  C  C   . GLY A 1 34  ? -4.424  0.000   -10.713 1.000 14.133 ? 34  GLY AAA C   1 ? 
ATOM   327  O  O   . GLY A 1 34  ? -4.075  -0.139  -11.884 1.000 16.178 ? 34  GLY AAA O   1 ? 
ATOM   328  N  N   . GLY A 1 35  ? -3.694  0.653   -9.814  1.000 14.036 ? 35  GLY AAA N   1 ? 
ATOM   329  C  CA  . GLY A 1 35  ? -2.373  1.222   -10.121 1.000 14.900 ? 35  GLY AAA CA  1 ? 
ATOM   330  C  C   . GLY A 1 35  ? -2.392  2.608   -10.716 1.000 14.182 ? 35  GLY AAA C   1 ? 
ATOM   331  O  O   . GLY A 1 35  ? -1.380  2.987   -11.305 1.000 15.610 ? 35  GLY AAA O   1 ? 
ATOM   332  N  N   . ILE A 1 36  ? -3.491  3.321   -10.629 1.000 14.904 ? 36  ILE AAA N   1 ? 
ATOM   333  C  CA  . ILE A 1 36  ? -3.678  4.712   -11.123 1.000 16.372 ? 36  ILE AAA CA  1 ? 
ATOM   334  C  C   . ILE A 1 36  ? -3.746  5.651   -9.931  1.000 15.894 ? 36  ILE AAA C   1 ? 
ATOM   335  O  O   . ILE A 1 36  ? -4.578  5.423   -9.020  1.000 15.979 ? 36  ILE AAA O   1 ? 
ATOM   336  C  CB  . ILE A 1 36  ? -4.909  4.793   -12.021 1.000 18.518 ? 36  ILE AAA CB  1 ? 
ATOM   337  C  CG1 . ILE A 1 36  ? -4.770  3.949   -13.284 1.000 22.340 ? 36  ILE AAA CG1 1 ? 
ATOM   338  C  CG2 . ILE A 1 36  ? -5.184  6.255   -12.364 1.000 21.994 ? 36  ILE AAA CG2 1 ? 
ATOM   339  C  CD1 . ILE A 1 36  ? -6.084  3.818   -14.060 1.000 28.650 ? 36  ILE AAA CD1 1 ? 
ATOM   340  N  N   . PHE A 1 37  ? -2.860  6.621   -9.843  1.000 15.962 ? 37  PHE AAA N   1 ? 
ATOM   341  C  CA  . PHE A 1 37  ? -2.600  7.394   -8.621  1.000 17.216 ? 37  PHE AAA CA  1 ? 
ATOM   342  C  C   . PHE A 1 37  ? -3.075  8.833   -8.817  1.000 18.532 ? 37  PHE AAA C   1 ? 
ATOM   343  O  O   . PHE A 1 37  ? -2.315  9.685   -9.357  1.000 21.873 ? 37  PHE AAA O   1 ? 
ATOM   344  C  CB  . PHE A 1 37  ? -1.111  7.345   -8.280  1.000 16.465 ? 37  PHE AAA CB  1 ? 
ATOM   345  C  CG  . PHE A 1 37  ? -0.660  6.001   -7.771  1.000 15.551 ? 37  PHE AAA CG  1 ? 
ATOM   346  C  CD1 . PHE A 1 37  ? -0.504  4.918   -8.628  1.000 15.647 ? 37  PHE AAA CD1 1 ? 
ATOM   347  C  CD2 . PHE A 1 37  ? -0.400  5.803   -6.422  1.000 15.820 ? 37  PHE AAA CD2 1 ? 
ATOM   348  C  CE1 . PHE A 1 37  ? -0.117  3.691   -8.123  1.000 15.577 ? 37  PHE AAA CE1 1 ? 
ATOM   349  C  CE2 . PHE A 1 37  ? -0.011  4.570   -5.927  1.000 14.803 ? 37  PHE AAA CE2 1 ? 
ATOM   350  C  CZ  . PHE A 1 37  ? 0.128   3.502   -6.791  1.000 14.861 ? 37  PHE AAA CZ  1 ? 
ATOM   351  N  N   . ALA A 1 38  ? -4.238  9.179   -8.372  1.000 14.295 ? 38  ALA AAA N   1 ? 
ATOM   352  C  CA  . ALA A 1 38  ? -4.693  10.589  -8.417  1.000 14.989 ? 38  ALA AAA CA  1 ? 
ATOM   353  C  C   . ALA A 1 38  ? -3.823  11.415  -7.467  1.000 13.532 ? 38  ALA AAA C   1 ? 
ATOM   354  O  O   . ALA A 1 38  ? -3.641  11.059  -6.315  1.000 14.372 ? 38  ALA AAA O   1 ? 
ATOM   355  C  CB  . ALA A 1 38  ? -6.138  10.694  -8.034  1.000 16.491 ? 38  ALA AAA CB  1 ? 
ATOM   356  N  N   . GLU A 1 39  ? -3.389  12.598  -7.946  1.000 14.374 ? 39  GLU AAA N   1 ? 
ATOM   357  C  CA  . GLU A 1 39  ? -2.637  13.561  -7.122  1.000 13.708 ? 39  GLU AAA CA  1 ? 
ATOM   358  C  C   . GLU A 1 39  ? -3.680  14.317  -6.305  1.000 15.595 ? 39  GLU AAA C   1 ? 
ATOM   359  O  O   . GLU A 1 39  ? -4.174  15.417  -6.710  1.000 16.231 ? 39  GLU AAA O   1 ? 
ATOM   360  C  CB  . GLU A 1 39  ? -1.770  14.456  -8.033  1.000 13.921 ? 39  GLU AAA CB  1 ? 
ATOM   361  C  CG  . GLU A 1 39  ? -0.467  13.762  -8.409  1.000 15.134 ? 39  GLU AAA CG  1 ? 
ATOM   362  C  CD  . GLU A 1 39  ? 0.583   13.767  -7.336  1.000 14.330 ? 39  GLU AAA CD  1 ? 
ATOM   363  O  OE1 . GLU A 1 39  ? 0.473   14.436  -6.360  1.000 15.365 ? 39  GLU AAA OE1 1 ? 
ATOM   364  O  OE2 . GLU A 1 39  ? 1.587   12.996  -7.504  1.000 18.450 ? 39  GLU AAA OE2 1 ? 
ATOM   365  N  N   . ASP A 1 40  ? -4.005  13.751  -5.153  1.000 14.553 ? 40  ASP AAA N   1 ? 
ATOM   366  C  CA  . ASP A 1 40  ? -5.034  14.251  -4.240  1.000 15.098 ? 40  ASP AAA CA  1 ? 
ATOM   367  C  C   . ASP A 1 40  ? -4.493  14.008  -2.847  1.000 15.801 ? 40  ASP AAA C   1 ? 
ATOM   368  O  O   . ASP A 1 40  ? -4.143  12.816  -2.543  1.000 14.774 ? 40  ASP AAA O   1 ? 
ATOM   369  C  CB  . ASP A 1 40  ? -6.341  13.526  -4.516  1.000 16.187 ? 40  ASP AAA CB  1 ? 
ATOM   370  C  CG  . ASP A 1 40  ? -7.452  13.894  -3.564  1.000 18.870 ? 40  ASP AAA CG  1 ? 
ATOM   371  O  OD1 . ASP A 1 40  ? -7.390  13.516  -2.388  1.000 20.198 ? 40  ASP AAA OD1 1 ? 
ATOM   372  O  OD2 . ASP A 1 40  ? -8.423  14.507  -4.034  1.000 20.517 ? 40  ASP AAA OD2 1 ? 
ATOM   373  N  N   . ARG A 1 41  ? -4.402  15.027  -2.033  1.000 16.022 ? 41  ARG AAA N   1 ? 
ATOM   374  C  CA  . ARG A 1 41  ? -3.789  14.942  -0.705  1.000 15.830 ? 41  ARG AAA CA  1 ? 
ATOM   375  C  C   . ARG A 1 41  ? -4.556  13.959  0.208   1.000 15.135 ? 41  ARG AAA C   1 ? 
ATOM   376  O  O   . ARG A 1 41  ? -3.943  13.227  0.989   1.000 14.933 ? 41  ARG AAA O   1 ? 
ATOM   377  C  CB  . ARG A 1 41  ? -3.722  16.351  -0.071  1.000 21.148 ? 41  ARG AAA CB  1 ? 
ATOM   378  C  CG  . ARG A 1 41  ? -3.281  16.369  1.371   1.000 24.738 ? 41  ARG AAA CG  1 ? 
ATOM   379  C  CD  . ARG A 1 41  ? -1.793  16.311  1.531   1.000 26.909 ? 41  ARG AAA CD  1 ? 
ATOM   380  N  NE  . ARG A 1 41  ? -1.473  16.237  2.951   1.000 29.856 ? 41  ARG AAA NE  1 ? 
ATOM   381  C  CZ  . ARG A 1 41  ? -0.321  15.755  3.394   1.000 22.755 ? 41  ARG AAA CZ  1 ? 
ATOM   382  N  NH1 . ARG A 1 41  ? 0.575   15.361  2.516   1.000 24.655 ? 41  ARG AAA NH1 1 ? 
ATOM   383  N  NH2 . ARG A 1 41  ? -0.110  15.663  4.689   1.000 27.823 ? 41  ARG AAA NH2 1 ? 
ATOM   384  N  N   . GLU A 1 42  ? -5.874  13.915  0.099   1.000 15.824 ? 42  GLU AAA N   1 ? 
ATOM   385  C  CA  . GLU A 1 42  ? -6.653  12.951  0.899   1.000 15.137 ? 42  GLU AAA CA  1 ? 
ATOM   386  C  C   . GLU A 1 42  ? -6.285  11.522  0.470   1.000 15.152 ? 42  GLU AAA C   1 ? 
ATOM   387  O  O   . GLU A 1 42  ? -6.181  10.687  1.339   1.000 15.322 ? 42  GLU AAA O   1 ? 
ATOM   388  C  CB  . GLU A 1 42  ? -8.141  13.264  0.743   1.000 17.359 ? 42  GLU AAA CB  1 ? 
ATOM   389  C  CG  . GLU A 1 42  ? -8.561  14.640  1.293   1.000 19.636 ? 42  GLU AAA CG  1 ? 
ATOM   390  C  CD  . GLU A 1 42  ? -8.592  14.634  2.798   1.000 23.012 ? 42  GLU AAA CD  1 ? 
ATOM   391  O  OE1 . GLU A 1 42  ? -9.260  13.793  3.427   1.000 20.269 ? 42  GLU AAA OE1 1 ? 
ATOM   392  O  OE2 . GLU A 1 42  ? -7.853  15.453  3.406   1.000 30.556 ? 42  GLU AAA OE2 1 ? 
ATOM   393  N  N   . LEU A 1 43  ? -6.160  11.297  -0.828  1.000 13.736 ? 43  LEU AAA N   1 ? 
ATOM   394  C  CA  . LEU A 1 43  ? -5.764  9.934   -1.259  1.000 12.828 ? 43  LEU AAA CA  1 ? 
ATOM   395  C  C   . LEU A 1 43  ? -4.343  9.640   -0.784  1.000 12.456 ? 43  LEU AAA C   1 ? 
ATOM   396  O  O   . LEU A 1 43  ? -4.055  8.500   -0.371  1.000 13.520 ? 43  LEU AAA O   1 ? 
ATOM   397  C  CB  . LEU A 1 43  ? -5.874  9.809   -2.763  1.000 13.233 ? 43  LEU AAA CB  1 ? 
ATOM   398  C  CG  . LEU A 1 43  ? -5.763  8.381   -3.312  1.000 13.614 ? 43  LEU AAA CG  1 ? 
ATOM   399  C  CD1 . LEU A 1 43  ? -6.966  7.556   -2.848  1.000 14.070 ? 43  LEU AAA CD1 1 ? 
ATOM   400  C  CD2 . LEU A 1 43  ? -5.640  8.370   -4.835  1.000 14.879 ? 43  LEU AAA CD2 1 ? 
ATOM   401  N  N   . LYS A 1 44  ? -3.412  10.614  -0.824  1.000 12.951 ? 44  LYS AAA N   1 ? 
ATOM   402  C  CA  . LYS A 1 44  ? -2.056  10.346  -0.303  1.000 13.642 ? 44  LYS AAA CA  1 ? 
ATOM   403  C  C   . LYS A 1 44  ? -2.122  9.939   1.158   1.000 12.787 ? 44  LYS AAA C   1 ? 
ATOM   404  O  O   . LYS A 1 44  ? -1.513  8.948   1.506   1.000 14.076 ? 44  LYS AAA O   1 ? 
ATOM   405  C  CB  . LYS A 1 44  ? -1.167  11.586  -0.436  1.000 14.435 ? 44  LYS AAA CB  1 ? 
ATOM   406  C  CG  . LYS A 1 44  ? -0.904  12.022  -1.851  1.000 13.521 ? 44  LYS AAA CG  1 ? 
ATOM   407  C  CD  . LYS A 1 44  ? 0.103   13.178  -1.932  1.000 14.815 ? 44  LYS AAA CD  1 ? 
ATOM   408  C  CE  . LYS A 1 44  ? 0.725   13.290  -3.288  1.000 15.393 ? 44  LYS AAA CE  1 ? 
ATOM   409  N  NZ  . LYS A 1 44  ? 1.699   14.401  -3.392  1.000 15.598 ? 44  LYS AAA NZ  1 ? 
ATOM   410  N  N   . CYS A 1 45  ? -2.913  10.597  1.986   1.000 13.769 ? 45  CYS AAA N   1 ? 
ATOM   411  C  CA  . CYS A 1 45  ? -2.954  10.255  3.418   1.000 14.184 ? 45  CYS AAA CA  1 ? 
ATOM   412  C  C   . CYS A 1 45  ? -3.765  8.972   3.608   1.000 14.902 ? 45  CYS AAA C   1 ? 
ATOM   413  O  O   . CYS A 1 45  ? -3.451  8.247   4.557   1.000 14.779 ? 45  CYS AAA O   1 ? 
ATOM   414  C  CB  . CYS A 1 45  ? -3.415  11.451  4.231   1.000 15.548 ? 45  CYS AAA CB  1 ? 
ATOM   415  S  SG  . CYS A 1 45  ? -2.152  12.763  4.319   1.000 18.197 ? 45  CYS AAA SG  1 ? 
ATOM   416  N  N   . TYR A 1 46  ? -4.711  8.652   2.743   1.000 13.776 ? 46  TYR AAA N   1 ? 
ATOM   417  C  CA  . TYR A 1 46  ? -5.346  7.312   2.787   1.000 13.345 ? 46  TYR AAA CA  1 ? 
ATOM   418  C  C   . TYR A 1 46  ? -4.273  6.245   2.647   1.000 14.068 ? 46  TYR AAA C   1 ? 
ATOM   419  O  O   . TYR A 1 46  ? -4.336  5.220   3.347   1.000 14.277 ? 46  TYR AAA O   1 ? 
ATOM   420  C  CB  . TYR A 1 46  ? -6.359  7.181   1.656   1.000 13.623 ? 46  TYR AAA CB  1 ? 
ATOM   421  C  CG  . TYR A 1 46  ? -6.841  5.788   1.404   1.000 12.565 ? 46  TYR AAA CG  1 ? 
ATOM   422  C  CD1 . TYR A 1 46  ? -7.852  5.208   2.178   1.000 12.932 ? 46  TYR AAA CD1 1 ? 
ATOM   423  C  CD2 . TYR A 1 46  ? -6.346  5.004   0.369   1.000 12.644 ? 46  TYR AAA CD2 1 ? 
ATOM   424  C  CE1 . TYR A 1 46  ? -8.314  3.940   1.953   1.000 12.988 ? 46  TYR AAA CE1 1 ? 
ATOM   425  C  CE2 . TYR A 1 46  ? -6.799  3.721   0.129   1.000 13.455 ? 46  TYR AAA CE2 1 ? 
ATOM   426  C  CZ  . TYR A 1 46  ? -7.746  3.167   0.968   1.000 13.396 ? 46  TYR AAA CZ  1 ? 
ATOM   427  O  OH  . TYR A 1 46  ? -8.183  1.908   0.686   1.000 14.459 ? 46  TYR AAA OH  1 ? 
ATOM   428  N  N   . THR A 1 47  ? -3.289  6.404   1.738   1.000 13.891 ? 47  THR AAA N   1 ? 
ATOM   429  C  CA  . THR A 1 47  ? -2.242  5.363   1.592   1.000 13.118 ? 47  THR AAA CA  1 ? 
ATOM   430  C  C   . THR A 1 47  ? -1.496  5.204   2.907   1.000 13.898 ? 47  THR AAA C   1 ? 
ATOM   431  O  O   . THR A 1 47  ? -1.019  4.088   3.211   1.000 13.999 ? 47  THR AAA O   1 ? 
ATOM   432  C  CB  . THR A 1 47  ? -1.303  5.571   0.412   1.000 13.924 ? 47  THR AAA CB  1 ? 
ATOM   433  O  OG1 . THR A 1 47  ? -0.401  6.670   0.644   1.000 12.453 ? 47  THR AAA OG1 1 ? 
ATOM   434  C  CG2 . THR A 1 47  ? -2.032  5.708   -0.897  1.000 13.418 ? 47  THR AAA CG2 1 ? 
ATOM   435  N  N   A MET A 1 48  ? -1.300  6.306   3.633   0.500 14.695 ? 48  MET AAA N   1 ? 
ATOM   436  N  N   B MET A 1 48  ? -1.299  6.293   3.643   0.500 14.185 ? 48  MET AAA N   1 ? 
ATOM   437  C  CA  A MET A 1 48  ? -0.567  6.250   4.927   0.500 15.209 ? 48  MET AAA CA  1 ? 
ATOM   438  C  CA  B MET A 1 48  ? -0.550  6.175   4.920   0.500 14.292 ? 48  MET AAA CA  1 ? 
ATOM   439  C  C   A MET A 1 48  ? -1.394  5.481   5.965   0.500 15.138 ? 48  MET AAA C   1 ? 
ATOM   440  C  C   B MET A 1 48  ? -1.404  5.437   5.960   0.500 14.459 ? 48  MET AAA C   1 ? 
ATOM   441  O  O   A MET A 1 48  ? -0.819  4.654   6.683   0.500 15.827 ? 48  MET AAA O   1 ? 
ATOM   442  O  O   B MET A 1 48  ? -0.868  4.560   6.656   0.500 14.835 ? 48  MET AAA O   1 ? 
ATOM   443  C  CB  A MET A 1 48  ? -0.213  7.649   5.438   0.500 17.060 ? 48  MET AAA CB  1 ? 
ATOM   444  C  CB  B MET A 1 48  ? -0.088  7.541   5.426   0.500 15.357 ? 48  MET AAA CB  1 ? 
ATOM   445  C  CG  A MET A 1 48  ? 0.345   7.617   6.833   0.500 19.863 ? 48  MET AAA CG  1 ? 
ATOM   446  C  CG  B MET A 1 48  ? 0.839   7.419   6.593   0.500 17.141 ? 48  MET AAA CG  1 ? 
ATOM   447  S  SD  A MET A 1 48  ? 0.569   9.270   7.539   0.500 22.653 ? 48  MET AAA SD  1 ? 
ATOM   448  S  SD  B MET A 1 48  ? 1.248   9.048   7.252   0.500 21.157 ? 48  MET AAA SD  1 ? 
ATOM   449  C  CE  A MET A 1 48  ? 1.826   8.830   8.749   0.500 21.205 ? 48  MET AAA CE  1 ? 
ATOM   450  C  CE  B MET A 1 48  ? -0.345  9.720   7.757   0.500 17.003 ? 48  MET AAA CE  1 ? 
ATOM   451  N  N   . CYS A 1 49  ? -2.699  5.700   5.993   1.000 14.970 ? 49  CYS AAA N   1 ? 
ATOM   452  C  CA  . CYS A 1 49  ? -3.628  4.928   6.861   1.000 15.071 ? 49  CYS AAA CA  1 ? 
ATOM   453  C  C   . CYS A 1 49  ? -3.519  3.447   6.542   1.000 15.541 ? 49  CYS AAA C   1 ? 
ATOM   454  O  O   . CYS A 1 49  ? -3.401  2.619   7.472   1.000 16.603 ? 49  CYS AAA O   1 ? 
ATOM   455  C  CB  . CYS A 1 49  ? -5.028  5.428   6.672   1.000 13.664 ? 49  CYS AAA CB  1 ? 
ATOM   456  S  SG  . CYS A 1 49  ? -6.224  4.653   7.806   1.000 17.714 ? 49  CYS AAA SG  1 ? 
ATOM   457  N  N   . ILE A 1 50  ? -3.531  3.092   5.277   1.000 14.525 ? 50  ILE AAA N   1 ? 
ATOM   458  C  CA  . ILE A 1 50  ? -3.450  1.672   4.871   1.000 14.818 ? 50  ILE AAA CA  1 ? 
ATOM   459  C  C   . ILE A 1 50  ? -2.087  1.113   5.297   1.000 15.362 ? 50  ILE AAA C   1 ? 
ATOM   460  O  O   . ILE A 1 50  ? -2.048  -0.010  5.865   1.000 17.511 ? 50  ILE AAA O   1 ? 
ATOM   461  C  CB  . ILE A 1 50  ? -3.686  1.475   3.378   1.000 14.501 ? 50  ILE AAA CB  1 ? 
ATOM   462  C  CG1 . ILE A 1 50  ? -5.124  1.801   2.952   1.000 15.846 ? 50  ILE AAA CG1 1 ? 
ATOM   463  C  CG2 . ILE A 1 50  ? -3.268  0.074   2.943   1.000 15.410 ? 50  ILE AAA CG2 1 ? 
ATOM   464  C  CD1 . ILE A 1 50  ? -6.201  0.906   3.549   1.000 15.243 ? 50  ILE AAA CD1 1 ? 
ATOM   465  N  N   . ALA A 1 51  ? -1.001  1.840   5.069   1.000 15.025 ? 51  ALA AAA N   1 ? 
ATOM   466  C  CA  . ALA A 1 51  ? 0.377   1.395   5.371   1.000 16.023 ? 51  ALA AAA CA  1 ? 
ATOM   467  C  C   . ALA A 1 51  ? 0.435   1.105   6.875   1.000 17.106 ? 51  ALA AAA C   1 ? 
ATOM   468  O  O   . ALA A 1 51  ? 1.017   0.066   7.258   1.000 18.637 ? 51  ALA AAA O   1 ? 
ATOM   469  C  CB  . ALA A 1 51  ? 1.414   2.398   4.966   1.000 15.528 ? 51  ALA AAA CB  1 ? 
ATOM   470  N  N   . GLN A 1 52  ? -0.140  1.968   7.688   1.000 18.311 ? 52  GLN AAA N   1 ? 
ATOM   471  C  CA  . GLN A 1 52  ? -0.164  1.816   9.170   1.000 23.661 ? 52  GLN AAA CA  1 ? 
ATOM   472  C  C   . GLN A 1 52  ? -0.942  0.561   9.543   1.000 24.340 ? 52  GLN AAA C   1 ? 
ATOM   473  O  O   . GLN A 1 52  ? -0.392  -0.290  10.263  1.000 22.539 ? 52  GLN AAA O   1 ? 
ATOM   474  C  CB  . GLN A 1 52  ? -0.831  3.016   9.821   1.000 24.486 ? 52  GLN AAA CB  1 ? 
ATOM   475  C  CG  . GLN A 1 52  ? 0.059   4.225   9.877   1.000 30.714 ? 52  GLN AAA CG  1 ? 
ATOM   476  C  CD  . GLN A 1 52  ? -0.666  5.479   10.313  1.000 37.933 ? 52  GLN AAA CD  1 ? 
ATOM   477  O  OE1 . GLN A 1 52  ? -1.887  5.579   10.214  1.000 39.855 ? 52  GLN AAA OE1 1 ? 
ATOM   478  N  NE2 . GLN A 1 52  ? 0.097   6.464   10.775  1.000 45.845 ? 52  GLN AAA NE2 1 ? 
ATOM   479  N  N   . MET A 1 53  ? -2.154  0.396   9.011   1.000 23.081 ? 53  MET AAA N   1 ? 
ATOM   480  C  CA  . MET A 1 53  ? -3.019  -0.768  9.321   1.000 26.038 ? 53  MET AAA CA  1 ? 
ATOM   481  C  C   . MET A 1 53  ? -2.343  -2.066  8.866   1.000 24.018 ? 53  MET AAA C   1 ? 
ATOM   482  O  O   . MET A 1 53  ? -2.605  -3.131  9.505   1.000 27.127 ? 53  MET AAA O   1 ? 
ATOM   483  C  CB  . MET A 1 53  ? -4.377  -0.677  8.620   1.000 29.116 ? 53  MET AAA CB  1 ? 
ATOM   484  C  CG  . MET A 1 53  ? -5.192  0.426   9.174   1.000 34.478 ? 53  MET AAA CG  1 ? 
ATOM   485  S  SD  . MET A 1 53  ? -6.974  0.118   9.150   1.000 45.304 ? 53  MET AAA SD  1 ? 
ATOM   486  C  CE  . MET A 1 53  ? -7.156  -1.666  9.217   1.000 40.633 ? 53  MET AAA CE  1 ? 
ATOM   487  N  N   . ALA A 1 54  ? -1.567  -2.039  7.790   1.000 21.636 ? 54  ALA AAA N   1 ? 
ATOM   488  C  CA  . ALA A 1 54  ? -0.904  -3.223  7.209   1.000 22.428 ? 54  ALA AAA CA  1 ? 
ATOM   489  C  C   . ALA A 1 54  ? 0.362   -3.578  7.992   1.000 25.602 ? 54  ALA AAA C   1 ? 
ATOM   490  O  O   . ALA A 1 54  ? 0.987   -4.594  7.614   1.000 25.209 ? 54  ALA AAA O   1 ? 
ATOM   491  C  CB  . ALA A 1 54  ? -0.614  -2.993  5.744   1.000 23.969 ? 54  ALA AAA CB  1 ? 
ATOM   492  N  N   . GLY A 1 55  ? 0.772   -2.803  8.992   1.000 23.521 ? 55  GLY AAA N   1 ? 
ATOM   493  C  CA  . GLY A 1 55  ? 1.964   -3.141  9.816   1.000 25.658 ? 55  GLY AAA CA  1 ? 
ATOM   494  C  C   . GLY A 1 55  ? 3.272   -2.804  9.122   1.000 26.080 ? 55  GLY AAA C   1 ? 
ATOM   495  O  O   . GLY A 1 55  ? 4.296   -3.498  9.346   1.000 27.583 ? 55  GLY AAA O   1 ? 
ATOM   496  N  N   . THR A 1 56  ? 3.289   -1.805  8.254   1.000 20.801 ? 56  THR AAA N   1 ? 
ATOM   497  C  CA  . THR A 1 56  ? 4.462   -1.505  7.412   1.000 20.166 ? 56  THR AAA CA  1 ? 
ATOM   498  C  C   . THR A 1 56  ? 5.197   -0.251  7.886   1.000 19.294 ? 56  THR AAA C   1 ? 
ATOM   499  O  O   . THR A 1 56  ? 6.174   0.085   7.269   1.000 20.623 ? 56  THR AAA O   1 ? 
ATOM   500  C  CB  . THR A 1 56  ? 4.144   -1.388  5.903   1.000 19.659 ? 56  THR AAA CB  1 ? 
ATOM   501  O  OG1 . THR A 1 56  ? 3.272   -0.261  5.723   1.000 19.273 ? 56  THR AAA OG1 1 ? 
ATOM   502  C  CG2 . THR A 1 56  ? 3.515   -2.639  5.319   1.000 21.915 ? 56  THR AAA CG2 1 ? 
ATOM   503  N  N   A MET A 1 57  ? 4.699   0.462   8.897   0.500 17.803 ? 57  MET AAA N   1 ? 
ATOM   504  N  N   B MET A 1 57  ? 4.724   0.463   8.904   0.500 19.024 ? 57  MET AAA N   1 ? 
ATOM   505  C  CA  A MET A 1 57  ? 5.230   1.789   9.272   0.500 18.675 ? 57  MET AAA CA  1 ? 
ATOM   506  C  CA  B MET A 1 57  ? 5.299   1.782   9.232   0.500 20.759 ? 57  MET AAA CA  1 ? 
ATOM   507  C  C   A MET A 1 57  ? 6.003   1.664   10.598  0.500 18.347 ? 57  MET AAA C   1 ? 
ATOM   508  C  C   B MET A 1 57  ? 5.878   1.768   10.644  0.500 20.682 ? 57  MET AAA C   1 ? 
ATOM   509  O  O   A MET A 1 57  ? 5.837   0.665   11.325  0.500 17.648 ? 57  MET AAA O   1 ? 
ATOM   510  O  O   B MET A 1 57  ? 5.352   1.032   11.500  0.500 20.255 ? 57  MET AAA O   1 ? 
ATOM   511  C  CB  A MET A 1 57  ? 4.090   2.809   9.379   0.500 17.733 ? 57  MET AAA CB  1 ? 
ATOM   512  C  CB  B MET A 1 57  ? 4.237   2.872   9.154   0.500 21.158 ? 57  MET AAA CB  1 ? 
ATOM   513  C  CG  A MET A 1 57  ? 3.297   2.960   8.062   0.500 17.733 ? 57  MET AAA CG  1 ? 
ATOM   514  C  CG  B MET A 1 57  ? 3.609   2.952   7.776   0.500 20.926 ? 57  MET AAA CG  1 ? 
ATOM   515  S  SD  A MET A 1 57  ? 4.298   3.672   6.743   0.500 18.413 ? 57  MET AAA SD  1 ? 
ATOM   516  S  SD  B MET A 1 57  ? 2.918   4.566   7.605   0.500 26.038 ? 57  MET AAA SD  1 ? 
ATOM   517  C  CE  A MET A 1 57  ? 4.508   5.336   7.357   0.500 19.398 ? 57  MET AAA CE  1 ? 
ATOM   518  C  CE  B MET A 1 57  ? 4.417   5.519   7.379   0.500 26.961 ? 57  MET AAA CE  1 ? 
ATOM   519  N  N   . ASN A 1 58  ? 6.838   2.659   10.850  1.000 18.832 ? 58  ASN AAA N   1 ? 
ATOM   520  C  CA  . ASN A 1 58  ? 7.376   2.933   12.201  1.000 20.717 ? 58  ASN AAA CA  1 ? 
ATOM   521  C  C   . ASN A 1 58  ? 6.694   4.169   12.771  1.000 23.337 ? 58  ASN AAA C   1 ? 
ATOM   522  O  O   . ASN A 1 58  ? 5.949   4.904   12.086  1.000 23.639 ? 58  ASN AAA O   1 ? 
ATOM   523  C  CB  . ASN A 1 58  ? 8.879   3.017   12.110  1.000 19.792 ? 58  ASN AAA CB  1 ? 
ATOM   524  C  CG  . ASN A 1 58  ? 9.431   4.250   11.462  1.000 21.538 ? 58  ASN AAA CG  1 ? 
ATOM   525  O  OD1 . ASN A 1 58  ? 8.784   5.302   11.384  1.000 21.523 ? 58  ASN AAA OD1 1 ? 
ATOM   526  N  ND2 . ASN A 1 58  ? 10.685  4.120   11.024  1.000 23.591 ? 58  ASN AAA ND2 1 ? 
ATOM   527  N  N   . LYS A 1 59  ? 6.977   4.426   14.063  1.000 23.742 ? 59  LYS AAA N   1 ? 
ATOM   528  C  CA  . LYS A 1 59  ? 6.285   5.528   14.767  1.000 27.284 ? 59  LYS AAA CA  1 ? 
ATOM   529  C  C   . LYS A 1 59  ? 6.841   6.900   14.375  1.000 27.570 ? 59  LYS AAA C   1 ? 
ATOM   530  O  O   . LYS A 1 59  ? 6.177   7.917   14.690  1.000 31.174 ? 59  LYS AAA O   1 ? 
ATOM   531  C  CB  . LYS A 1 59  ? 6.325   5.286   16.285  1.000 28.630 ? 59  LYS AAA CB  1 ? 
ATOM   532  C  CG  . LYS A 1 59  ? 5.393   4.208   16.795  1.000 31.215 ? 59  LYS AAA CG  1 ? 
ATOM   533  C  CD  . LYS A 1 59  ? 5.120   4.355   18.286  1.000 34.962 ? 59  LYS AAA CD  1 ? 
ATOM   534  C  CE  . LYS A 1 59  ? 4.182   3.329   18.874  1.000 41.465 ? 59  LYS AAA CE  1 ? 
ATOM   535  N  NZ  . LYS A 1 59  ? 3.552   3.871   20.107  1.000 40.981 ? 59  LYS AAA NZ  1 ? 
ATOM   536  N  N   . LYS A 1 60  ? 7.973   6.975   13.679  1.000 24.783 ? 60  LYS AAA N   1 ? 
ATOM   537  C  CA  . LYS A 1 60  ? 8.464   8.236   13.067  1.000 29.602 ? 60  LYS AAA CA  1 ? 
ATOM   538  C  C   . LYS A 1 60  ? 7.714   8.597   11.774  1.000 27.179 ? 60  LYS AAA C   1 ? 
ATOM   539  O  O   . LYS A 1 60  ? 8.041   9.647   11.212  1.000 34.105 ? 60  LYS AAA O   1 ? 
ATOM   540  C  CB  . LYS A 1 60  ? 9.939   8.109   12.690  1.000 36.815 ? 60  LYS AAA CB  1 ? 
ATOM   541  C  CG  . LYS A 1 60  ? 10.950  8.479   13.755  1.000 42.063 ? 60  LYS AAA CG  1 ? 
ATOM   542  C  CD  . LYS A 1 60  ? 12.328  8.045   13.345  1.000 44.736 ? 60  LYS AAA CD  1 ? 
ATOM   543  C  CE  . LYS A 1 60  ? 12.952  8.966   12.326  1.000 51.255 ? 60  LYS AAA CE  1 ? 
ATOM   544  N  NZ  . LYS A 1 60  ? 13.625  10.107  12.986  1.000 56.255 ? 60  LYS AAA NZ  1 ? 
ATOM   545  N  N   . GLY A 1 61  ? 6.762   7.790   11.284  1.000 24.996 ? 61  GLY AAA N   1 ? 
ATOM   546  C  CA  . GLY A 1 61  ? 6.023   8.089   10.044  1.000 24.445 ? 61  GLY AAA CA  1 ? 
ATOM   547  C  C   . GLY A 1 61  ? 6.767   7.652   8.785   1.000 21.764 ? 61  GLY AAA C   1 ? 
ATOM   548  O  O   . GLY A 1 61  ? 6.476   8.183   7.698   1.000 23.233 ? 61  GLY AAA O   1 ? 
ATOM   549  N  N   . GLU A 1 62  ? 7.721   6.731   8.929   1.000 20.351 ? 62  GLU AAA N   1 ? 
ATOM   550  C  CA  . GLU A 1 62  ? 8.448   6.160   7.791   1.000 19.677 ? 62  GLU AAA CA  1 ? 
ATOM   551  C  C   . GLU A 1 62  ? 7.976   4.739   7.560   1.000 19.361 ? 62  GLU AAA C   1 ? 
ATOM   552  O  O   . GLU A 1 62  ? 7.425   4.084   8.464   1.000 20.021 ? 62  GLU AAA O   1 ? 
ATOM   553  C  CB  . GLU A 1 62  ? 9.936   6.111   8.073   1.000 23.321 ? 62  GLU AAA CB  1 ? 
ATOM   554  C  CG  . GLU A 1 62  ? 10.493  7.450   8.514   1.000 24.256 ? 62  GLU AAA CG  1 ? 
ATOM   555  C  CD  . GLU A 1 62  ? 11.925  7.304   9.002   1.000 29.437 ? 62  GLU AAA CD  1 ? 
ATOM   556  O  OE1 . GLU A 1 62  ? 12.219  6.361   9.737   1.000 30.518 ? 62  GLU AAA OE1 1 ? 
ATOM   557  O  OE2 . GLU A 1 62  ? 12.738  8.114   8.597   1.000 40.035 ? 62  GLU AAA OE2 1 ? 
ATOM   558  N  N   . ILE A 1 63  ? 8.264   4.226   6.369   1.000 19.408 ? 63  ILE AAA N   1 ? 
ATOM   559  C  CA  . ILE A 1 63  ? 8.070   2.793   6.075   1.000 17.693 ? 63  ILE AAA CA  1 ? 
ATOM   560  C  C   . ILE A 1 63  ? 9.215   2.019   6.718   1.000 18.055 ? 63  ILE AAA C   1 ? 
ATOM   561  O  O   . ILE A 1 63  ? 10.360  2.400   6.539   1.000 20.302 ? 63  ILE AAA O   1 ? 
ATOM   562  C  CB  . ILE A 1 63  ? 8.011   2.538   4.546   1.000 18.556 ? 63  ILE AAA CB  1 ? 
ATOM   563  C  CG1 . ILE A 1 63  ? 6.844   3.269   3.866   1.000 19.887 ? 63  ILE AAA CG1 1 ? 
ATOM   564  C  CG2 . ILE A 1 63  ? 8.002   1.045   4.278   1.000 19.626 ? 63  ILE AAA CG2 1 ? 
ATOM   565  C  CD1 . ILE A 1 63  ? 7.112   3.619   2.389   1.000 21.615 ? 63  ILE AAA CD1 1 ? 
ATOM   566  N  N   . ASN A 1 64  ? 8.880   0.940   7.389   1.000 17.499 ? 64  ASN AAA N   1 ? 
ATOM   567  C  CA  . ASN A 1 64  ? 9.833   -0.062  7.937   1.000 19.627 ? 64  ASN AAA CA  1 ? 
ATOM   568  C  C   . ASN A 1 64  ? 9.990   -1.189  6.909   1.000 19.204 ? 64  ASN AAA C   1 ? 
ATOM   569  O  O   . ASN A 1 64  ? 9.070   -1.992  6.781   1.000 19.507 ? 64  ASN AAA O   1 ? 
ATOM   570  C  CB  . ASN A 1 64  ? 9.327   -0.557  9.303   1.000 21.440 ? 64  ASN AAA CB  1 ? 
ATOM   571  C  CG  . ASN A 1 64  ? 10.292  -1.556  9.926   1.000 25.690 ? 64  ASN AAA CG  1 ? 
ATOM   572  O  OD1 . ASN A 1 64  ? 11.064  -2.203  9.230   1.000 24.528 ? 64  ASN AAA OD1 1 ? 
ATOM   573  N  ND2 . ASN A 1 64  ? 10.293  -1.629  11.257  1.000 26.183 ? 64  ASN AAA ND2 1 ? 
ATOM   574  N  N   . VAL A 1 65  ? 11.056  -1.179  6.133   1.000 19.235 ? 65  VAL AAA N   1 ? 
ATOM   575  C  CA  . VAL A 1 65  ? 11.197  -2.103  4.982   1.000 21.927 ? 65  VAL AAA CA  1 ? 
ATOM   576  C  C   . VAL A 1 65  ? 11.316  -3.532  5.486   1.000 20.795 ? 65  VAL AAA C   1 ? 
ATOM   577  O  O   . VAL A 1 65  ? 10.657  -4.448  4.963   1.000 20.819 ? 65  VAL AAA O   1 ? 
ATOM   578  C  CB  . VAL A 1 65  ? 12.393  -1.717  4.106   1.000 23.257 ? 65  VAL AAA CB  1 ? 
ATOM   579  C  CG1 . VAL A 1 65  ? 12.630  -2.813  3.062   1.000 24.917 ? 65  VAL AAA CG1 1 ? 
ATOM   580  C  CG2 . VAL A 1 65  ? 12.176  -0.367  3.475   1.000 27.444 ? 65  VAL AAA CG2 1 ? 
ATOM   581  N  N   . GLN A 1 66  ? 12.064  -3.733  6.573   1.000 21.979 ? 66  GLN AAA N   1 ? 
ATOM   582  C  CA  . GLN A 1 66  ? 12.179  -5.101  7.126   1.000 25.156 ? 66  GLN AAA CA  1 ? 
ATOM   583  C  C   . GLN A 1 66  ? 10.833  -5.641  7.540   1.000 23.026 ? 66  GLN AAA C   1 ? 
ATOM   584  O  O   . GLN A 1 66  ? 10.541  -6.823  7.225   1.000 23.655 ? 66  GLN AAA O   1 ? 
ATOM   585  C  CB  . GLN A 1 66  ? 13.202  -5.136  8.271   1.000 31.218 ? 66  GLN AAA CB  1 ? 
ATOM   586  C  CG  . GLN A 1 66  ? 14.637  -5.143  7.751   1.000 39.068 ? 66  GLN AAA CG  1 ? 
ATOM   587  C  CD  . GLN A 1 66  ? 14.921  -6.231  6.734   1.000 46.089 ? 66  GLN AAA CD  1 ? 
ATOM   588  O  OE1 . GLN A 1 66  ? 15.619  -6.007  5.743   1.000 50.521 ? 66  GLN AAA OE1 1 ? 
ATOM   589  N  NE2 . GLN A 1 66  ? 14.379  -7.422  6.954   1.000 45.857 ? 66  GLN AAA NE2 1 ? 
ATOM   590  N  N   A LYS A 1 67  ? 10.010  -4.844  8.213   0.500 22.192 ? 67  LYS AAA N   1 ? 
ATOM   591  N  N   B LYS A 1 67  ? 10.006  -4.848  8.229   0.500 22.416 ? 67  LYS AAA N   1 ? 
ATOM   592  C  CA  A LYS A 1 67  ? 8.683   -5.318  8.667   0.500 22.738 ? 67  LYS AAA CA  1 ? 
ATOM   593  C  CA  B LYS A 1 67  ? 8.660   -5.290  8.682   0.500 23.140 ? 67  LYS AAA CA  1 ? 
ATOM   594  C  C   A LYS A 1 67  ? 7.787   -5.554  7.449   0.500 22.962 ? 67  LYS AAA C   1 ? 
ATOM   595  C  C   B LYS A 1 67  ? 7.781   -5.547  7.455   0.500 23.178 ? 67  LYS AAA C   1 ? 
ATOM   596  O  O   A LYS A 1 67  ? 6.961   -6.486  7.472   0.500 23.801 ? 67  LYS AAA O   1 ? 
ATOM   597  O  O   B LYS A 1 67  ? 6.969   -6.490  7.473   0.500 23.943 ? 67  LYS AAA O   1 ? 
ATOM   598  C  CB  A LYS A 1 67  ? 8.031   -4.329  9.635   0.500 26.166 ? 67  LYS AAA CB  1 ? 
ATOM   599  C  CB  B LYS A 1 67  ? 7.996   -4.270  9.621   0.500 26.699 ? 67  LYS AAA CB  1 ? 
ATOM   600  C  CG  A LYS A 1 67  ? 6.682   -4.801  10.140  0.500 27.463 ? 67  LYS AAA CG  1 ? 
ATOM   601  C  CG  B LYS A 1 67  ? 8.285   -4.474  11.106  0.500 28.262 ? 67  LYS AAA CG  1 ? 
ATOM   602  C  CD  A LYS A 1 67  ? 6.447   -4.531  11.606  0.500 29.175 ? 67  LYS AAA CD  1 ? 
ATOM   603  C  CD  B LYS A 1 67  ? 7.452   -3.617  12.027  0.500 30.008 ? 67  LYS AAA CD  1 ? 
ATOM   604  C  CE  A LYS A 1 67  ? 5.040   -4.901  12.019  0.500 28.570 ? 67  LYS AAA CE  1 ? 
ATOM   605  C  CE  B LYS A 1 67  ? 7.767   -3.832  13.494  0.500 33.329 ? 67  LYS AAA CE  1 ? 
ATOM   606  N  NZ  A LYS A 1 67  ? 4.388   -5.726  10.983  0.500 25.474 ? 67  LYS AAA NZ  1 ? 
ATOM   607  N  NZ  B LYS A 1 67  ? 7.399   -2.635  14.286  0.500 31.804 ? 67  LYS AAA NZ  1 ? 
ATOM   608  N  N   . THR A 1 68  ? 7.918   -4.702  6.432   1.000 21.507 ? 68  THR AAA N   1 ? 
ATOM   609  C  CA  . THR A 1 68  ? 7.110   -4.814  5.196   1.000 21.289 ? 68  THR AAA CA  1 ? 
ATOM   610  C  C   . THR A 1 68  ? 7.442   -6.150  4.513   1.000 18.919 ? 68  THR AAA C   1 ? 
ATOM   611  O  O   . THR A 1 68  ? 6.486   -6.871  4.132   1.000 20.333 ? 68  THR AAA O   1 ? 
ATOM   612  C  CB  . THR A 1 68  ? 7.316   -3.629  4.269   1.000 19.900 ? 68  THR AAA CB  1 ? 
ATOM   613  O  OG1 . THR A 1 68  ? 6.950   -2.412  4.927   1.000 20.239 ? 68  THR AAA OG1 1 ? 
ATOM   614  C  CG2 . THR A 1 68  ? 6.489   -3.721  2.993   1.000 21.010 ? 68  THR AAA CG2 1 ? 
ATOM   615  N  N   . LEU A 1 69  ? 8.710   -6.472  4.338   1.000 19.436 ? 69  LEU AAA N   1 ? 
ATOM   616  C  CA  . LEU A 1 69  ? 9.131   -7.765  3.748   1.000 20.474 ? 69  LEU AAA CA  1 ? 
ATOM   617  C  C   . LEU A 1 69  ? 8.523   -8.922  4.546   1.000 22.588 ? 69  LEU AAA C   1 ? 
ATOM   618  O  O   . LEU A 1 69  ? 7.972   -9.865  3.934   1.000 23.772 ? 69  LEU AAA O   1 ? 
ATOM   619  C  CB  . LEU A 1 69  ? 10.651  -7.809  3.703   1.000 22.061 ? 69  LEU AAA CB  1 ? 
ATOM   620  C  CG  . LEU A 1 69  ? 11.311  -6.818  2.764   1.000 23.870 ? 69  LEU AAA CG  1 ? 
ATOM   621  C  CD1 . LEU A 1 69  ? 12.807  -6.810  2.918   1.000 25.297 ? 69  LEU AAA CD1 1 ? 
ATOM   622  C  CD2 . LEU A 1 69  ? 10.977  -7.097  1.298   1.000 23.924 ? 69  LEU AAA CD2 1 ? 
ATOM   623  N  N   . ALA A 1 70  ? 8.524   -8.870  5.878   1.000 23.051 ? 70  ALA AAA N   1 ? 
ATOM   624  C  CA  . ALA A 1 70  ? 7.952   -9.940  6.714   1.000 24.866 ? 70  ALA AAA CA  1 ? 
ATOM   625  C  C   . ALA A 1 70  ? 6.442   -10.066 6.502   1.000 23.756 ? 70  ALA AAA C   1 ? 
ATOM   626  O  O   . ALA A 1 70  ? 5.907   -11.179 6.467   1.000 24.820 ? 70  ALA AAA O   1 ? 
ATOM   627  C  CB  . ALA A 1 70  ? 8.297   -9.671  8.152   1.000 26.819 ? 70  ALA AAA CB  1 ? 
ATOM   628  N  N   . GLN A 1 71  ? 5.733   -8.947  6.359   1.000 23.680 ? 71  GLN AAA N   1 ? 
ATOM   629  C  CA  . GLN A 1 71  ? 4.270   -8.961  6.147   1.000 26.150 ? 71  GLN AAA CA  1 ? 
ATOM   630  C  C   . GLN A 1 71  ? 3.982   -9.576  4.771   1.000 24.550 ? 71  GLN AAA C   1 ? 
ATOM   631  O  O   . GLN A 1 71  ? 2.987   -10.321 4.648   1.000 25.420 ? 71  GLN AAA O   1 ? 
ATOM   632  C  CB  . GLN A 1 71  ? 3.654   -7.560  6.235   1.000 26.401 ? 71  GLN AAA CB  1 ? 
ATOM   633  C  CG  . GLN A 1 71  ? 3.577   -6.980  7.652   1.000 30.300 ? 71  GLN AAA CG  1 ? 
ATOM   634  C  CD  . GLN A 1 71  ? 2.569   -7.689  8.530   1.000 36.769 ? 71  GLN AAA CD  1 ? 
ATOM   635  O  OE1 . GLN A 1 71  ? 2.597   -7.578  9.753   1.000 49.681 ? 71  GLN AAA OE1 1 ? 
ATOM   636  N  NE2 . GLN A 1 71  ? 1.667   -8.430  7.918   1.000 41.961 ? 71  GLN AAA NE2 1 ? 
ATOM   637  N  N   . MET A 1 72  ? 4.806   -9.259  3.779   1.000 23.248 ? 72  MET AAA N   1 ? 
ATOM   638  C  CA  . MET A 1 72  ? 4.614   -9.814  2.419   1.000 22.455 ? 72  MET AAA CA  1 ? 
ATOM   639  C  C   . MET A 1 72  ? 4.768   -11.339 2.480   1.000 26.717 ? 72  MET AAA C   1 ? 
ATOM   640  O  O   . MET A 1 72  ? 3.887   -12.012 1.931   1.000 25.375 ? 72  MET AAA O   1 ? 
ATOM   641  C  CB  . MET A 1 72  ? 5.610   -9.191  1.450   1.000 21.210 ? 72  MET AAA CB  1 ? 
ATOM   642  C  CG  . MET A 1 72  ? 5.279   -7.749  1.184   1.000 22.493 ? 72  MET AAA CG  1 ? 
ATOM   643  S  SD  . MET A 1 72  ? 6.363   -6.999  0.043   1.000 24.870 ? 72  MET AAA SD  1 ? 
ATOM   644  C  CE  . MET A 1 72  ? 5.392   -5.549  -0.367  1.000 22.654 ? 72  MET AAA CE  1 ? 
ATOM   645  N  N   . ASP A 1 73  ? 5.789   -11.848 3.180   1.000 25.863 ? 73  ASP AAA N   1 ? 
ATOM   646  C  CA  . ASP A 1 73  ? 5.995   -13.320 3.385   1.000 28.553 ? 73  ASP AAA CA  1 ? 
ATOM   647  C  C   . ASP A 1 73  ? 4.755   -13.941 4.041   1.000 33.511 ? 73  ASP AAA C   1 ? 
ATOM   648  O  O   . ASP A 1 73  ? 4.339   -15.048 3.621   1.000 34.197 ? 73  ASP AAA O   1 ? 
ATOM   649  C  CB  . ASP A 1 73  ? 7.205   -13.624 4.284   1.000 30.842 ? 73  ASP AAA CB  1 ? 
ATOM   650  C  CG  . ASP A 1 73  ? 8.564   -13.483 3.639   1.000 34.868 ? 73  ASP AAA CG  1 ? 
ATOM   651  O  OD1 . ASP A 1 73  ? 8.636   -13.516 2.395   1.000 33.805 ? 73  ASP AAA OD1 1 ? 
ATOM   652  O  OD2 . ASP A 1 73  ? 9.565   -13.338 4.396   1.000 38.968 ? 73  ASP AAA OD2 1 ? 
ATOM   653  N  N   . ALA A 1 74  ? 4.191   -13.296 5.069   1.000 30.852 ? 74  ALA AAA N   1 ? 
ATOM   654  C  CA  . ALA A 1 74  ? 3.008   -13.805 5.812   1.000 34.542 ? 74  ALA AAA CA  1 ? 
ATOM   655  C  C   . ALA A 1 74  ? 1.741   -13.788 4.946   1.000 33.206 ? 74  ALA AAA C   1 ? 
ATOM   656  O  O   . ALA A 1 74  ? 0.982   -14.777 5.012   1.000 37.988 ? 74  ALA AAA O   1 ? 
ATOM   657  C  CB  . ALA A 1 74  ? 2.786   -13.004 7.070   1.000 34.122 ? 74  ALA AAA CB  1 ? 
ATOM   658  N  N   . MET A 1 75  ? 1.485   -12.699 4.222   1.000 31.759 ? 75  MET AAA N   1 ? 
ATOM   659  C  CA  . MET A 1 75  ? 0.127   -12.300 3.780   1.000 32.580 ? 75  MET AAA CA  1 ? 
ATOM   660  C  C   . MET A 1 75  ? -0.084  -12.592 2.287   1.000 32.838 ? 75  MET AAA C   1 ? 
ATOM   661  O  O   . MET A 1 75  ? -1.241  -12.873 1.909   1.000 36.790 ? 75  MET AAA O   1 ? 
ATOM   662  C  CB  . MET A 1 75  ? -0.132  -10.816 4.033   1.000 35.252 ? 75  MET AAA CB  1 ? 
ATOM   663  C  CG  . MET A 1 75  ? -0.156  -10.436 5.526   1.000 40.896 ? 75  MET AAA CG  1 ? 
ATOM   664  S  SD  . MET A 1 75  ? -1.512  -11.263 6.412   1.000 48.212 ? 75  MET AAA SD  1 ? 
ATOM   665  C  CE  . MET A 1 75  ? -0.627  -12.624 7.161   1.000 49.114 ? 75  MET AAA CE  1 ? 
ATOM   666  N  N   . LEU A 1 76  ? 0.950   -12.499 1.458   1.000 22.275 ? 76  LEU AAA N   1 ? 
ATOM   667  C  CA  . LEU A 1 76  ? 0.728   -12.520 -0.001  1.000 21.335 ? 76  LEU AAA CA  1 ? 
ATOM   668  C  C   . LEU A 1 76  ? 0.709   -13.956 -0.508  1.000 19.745 ? 76  LEU AAA C   1 ? 
ATOM   669  O  O   . LEU A 1 76  ? 1.507   -14.806 -0.111  1.000 22.126 ? 76  LEU AAA O   1 ? 
ATOM   670  C  CB  . LEU A 1 76  ? 1.830   -11.687 -0.690  1.000 19.494 ? 76  LEU AAA CB  1 ? 
ATOM   671  C  CG  . LEU A 1 76  ? 1.744   -10.173 -0.465  1.000 20.895 ? 76  LEU AAA CG  1 ? 
ATOM   672  C  CD1 . LEU A 1 76  ? 2.813   -9.435  -1.274  1.000 22.243 ? 76  LEU AAA CD1 1 ? 
ATOM   673  C  CD2 . LEU A 1 76  ? 0.356   -9.613  -0.763  1.000 23.368 ? 76  LEU AAA CD2 1 ? 
ATOM   674  N  N   . PRO A 1 77  ? -0.114  -14.221 -1.543  1.000 20.814 ? 77  PRO AAA N   1 ? 
ATOM   675  C  CA  . PRO A 1 77  ? -0.029  -15.451 -2.305  1.000 21.904 ? 77  PRO AAA CA  1 ? 
ATOM   676  C  C   . PRO A 1 77  ? 1.388   -15.623 -2.804  1.000 21.840 ? 77  PRO AAA C   1 ? 
ATOM   677  O  O   . PRO A 1 77  ? 2.049   -14.666 -3.240  1.000 21.094 ? 77  PRO AAA O   1 ? 
ATOM   678  C  CB  . PRO A 1 77  ? -1.021  -15.254 -3.461  1.000 23.096 ? 77  PRO AAA CB  1 ? 
ATOM   679  C  CG  . PRO A 1 77  ? -2.022  -14.236 -2.931  1.000 24.393 ? 77  PRO AAA CG  1 ? 
ATOM   680  C  CD  . PRO A 1 77  ? -1.179  -13.339 -2.064  1.000 22.166 ? 77  PRO AAA CD  1 ? 
ATOM   681  N  N   . PRO A 1 78  ? 1.929   -16.853 -2.785  1.000 22.999 ? 78  PRO AAA N   1 ? 
ATOM   682  C  CA  . PRO A 1 78  ? 3.311   -17.057 -3.184  1.000 25.598 ? 78  PRO AAA CA  1 ? 
ATOM   683  C  C   . PRO A 1 78  ? 3.634   -16.486 -4.569  1.000 30.938 ? 78  PRO AAA C   1 ? 
ATOM   684  O  O   . PRO A 1 78  ? 4.735   -16.015 -4.712  1.000 35.745 ? 78  PRO AAA O   1 ? 
ATOM   685  C  CB  . PRO A 1 78  ? 3.407   -18.592 -3.149  1.000 24.896 ? 78  PRO AAA CB  1 ? 
ATOM   686  C  CG  . PRO A 1 78  ? 2.457   -18.958 -2.040  1.000 26.631 ? 78  PRO AAA CG  1 ? 
ATOM   687  C  CD  . PRO A 1 78  ? 1.267   -18.071 -2.292  1.000 24.671 ? 78  PRO AAA CD  1 ? 
ATOM   688  N  N   . ASP A 1 79  ? 2.648   -16.496 -5.481  1.000 31.543 ? 79  ASP AAA N   1 ? 
ATOM   689  C  CA  . ASP A 1 79  ? 2.746   -15.978 -6.882  1.000 37.434 ? 79  ASP AAA CA  1 ? 
ATOM   690  C  C   . ASP A 1 79  ? 3.124   -14.480 -6.869  1.000 41.226 ? 79  ASP AAA C   1 ? 
ATOM   691  O  O   . ASP A 1 79  ? 3.870   -14.078 -7.779  1.000 50.831 ? 79  ASP AAA O   1 ? 
ATOM   692  C  CB  . ASP A 1 79  ? 1.509   -16.319 -7.734  1.000 37.359 ? 79  ASP AAA CB  1 ? 
ATOM   693  C  CG  . ASP A 1 79  ? 0.124   -15.838 -7.312  1.000 45.647 ? 79  ASP AAA CG  1 ? 
ATOM   694  O  OD1 . ASP A 1 79  ? 0.010   -14.943 -6.450  1.000 40.185 ? 79  ASP AAA OD1 1 ? 
ATOM   695  O  OD2 . ASP A 1 79  ? -0.868  -16.363 -7.887  1.000 59.223 ? 79  ASP AAA OD2 1 ? 
ATOM   696  N  N   . MET A 1 80  ? 2.710   -13.712 -5.846  1.000 31.441 ? 80  MET AAA N   1 ? 
ATOM   697  C  CA  . MET A 1 80  ? 2.873   -12.223 -5.755  1.000 28.582 ? 80  MET AAA CA  1 ? 
ATOM   698  C  C   . MET A 1 80  ? 4.016   -11.850 -4.791  1.000 30.848 ? 80  MET AAA C   1 ? 
ATOM   699  O  O   . MET A 1 80  ? 4.607   -10.738 -4.893  1.000 26.171 ? 80  MET AAA O   1 ? 
ATOM   700  C  CB  . MET A 1 80  ? 1.595   -11.600 -5.189  1.000 29.516 ? 80  MET AAA CB  1 ? 
ATOM   701  C  CG  . MET A 1 80  ? 0.430   -11.629 -6.147  1.000 32.761 ? 80  MET AAA CG  1 ? 
ATOM   702  S  SD  . MET A 1 80  ? -1.108  -11.151 -5.327  1.000 36.827 ? 80  MET AAA SD  1 ? 
ATOM   703  C  CE  . MET A 1 80  ? -0.873  -9.395  -5.151  1.000 40.168 ? 80  MET AAA CE  1 ? 
ATOM   704  N  N   . ARG A 1 81  ? 4.271   -12.715 -3.822  1.000 27.924 ? 81  ARG AAA N   1 ? 
ATOM   705  C  CA  . ARG A 1 81  ? 5.193   -12.440 -2.692  1.000 26.800 ? 81  ARG AAA CA  1 ? 
ATOM   706  C  C   . ARG A 1 81  ? 6.588   -12.052 -3.222  1.000 27.214 ? 81  ARG AAA C   1 ? 
ATOM   707  O  O   . ARG A 1 81  ? 7.075   -10.945 -2.847  1.000 22.171 ? 81  ARG AAA O   1 ? 
ATOM   708  C  CB  . ARG A 1 81  ? 5.249   -13.651 -1.769  1.000 29.950 ? 81  ARG AAA CB  1 ? 
ATOM   709  C  CG  . ARG A 1 81  ? 6.255   -13.506 -0.635  1.000 27.430 ? 81  ARG AAA CG  1 ? 
ATOM   710  C  CD  . ARG A 1 81  ? 6.502   -14.888 -0.068  1.000 30.550 ? 81  ARG AAA CD  1 ? 
ATOM   711  N  NE  . ARG A 1 81  ? 7.148   -15.738 -1.069  1.000 30.555 ? 81  ARG AAA NE  1 ? 
ATOM   712  C  CZ  . ARG A 1 81  ? 6.904   -17.051 -1.213  1.000 34.089 ? 81  ARG AAA CZ  1 ? 
ATOM   713  N  NH1 . ARG A 1 81  ? 6.026   -17.652 -0.425  1.000 34.815 ? 81  ARG AAA NH1 1 ? 
ATOM   714  N  NH2 . ARG A 1 81  ? 7.537   -17.744 -2.144  1.000 37.673 ? 81  ARG AAA NH2 1 ? 
ATOM   715  N  N   . ASP A 1 82  ? 7.235   -12.839 -4.083  1.000 25.529 ? 82  ASP AAA N   1 ? 
ATOM   716  C  CA  . ASP A 1 82  ? 8.655   -12.576 -4.430  1.000 25.395 ? 82  ASP AAA CA  1 ? 
ATOM   717  C  C   . ASP A 1 82  ? 8.805   -11.298 -5.283  1.000 20.282 ? 82  ASP AAA C   1 ? 
ATOM   718  O  O   . ASP A 1 82  ? 9.744   -10.478 -5.105  1.000 21.313 ? 82  ASP AAA O   1 ? 
ATOM   719  C  CB  . ASP A 1 82  ? 9.268   -13.795 -5.115  1.000 32.327 ? 82  ASP AAA CB  1 ? 
ATOM   720  C  CG  . ASP A 1 82  ? 9.234   -14.967 -4.151  1.000 38.995 ? 82  ASP AAA CG  1 ? 
ATOM   721  O  OD1 . ASP A 1 82  ? 9.702   -14.770 -3.001  1.000 36.934 ? 82  ASP AAA OD1 1 ? 
ATOM   722  O  OD2 . ASP A 1 82  ? 8.700   -16.038 -4.540  1.000 39.603 ? 82  ASP AAA OD2 1 ? 
ATOM   723  N  N   . LYS A 1 83  ? 7.859   -11.094 -6.167  1.000 21.903 ? 83  LYS AAA N   1 ? 
ATOM   724  C  CA  . LYS A 1 83  ? 7.844   -9.872  -7.017  1.000 20.610 ? 83  LYS AAA CA  1 ? 
ATOM   725  C  C   . LYS A 1 83  ? 7.590   -8.643  -6.132  1.000 19.396 ? 83  LYS AAA C   1 ? 
ATOM   726  O  O   . LYS A 1 83  ? 8.230   -7.608  -6.341  1.000 18.164 ? 83  LYS AAA O   1 ? 
ATOM   727  C  CB  . LYS A 1 83  ? 6.772   -10.062 -8.079  1.000 22.618 ? 83  LYS AAA CB  1 ? 
ATOM   728  C  CG  . LYS A 1 83  ? 7.207   -11.065 -9.131  1.000 25.302 ? 83  LYS AAA CG  1 ? 
ATOM   729  C  CD  . LYS A 1 83  ? 6.160   -11.363 -10.155 1.000 27.978 ? 83  LYS AAA CD  1 ? 
ATOM   730  C  CE  . LYS A 1 83  ? 6.642   -12.407 -11.142 1.000 31.895 ? 83  LYS AAA CE  1 ? 
ATOM   731  N  NZ  . LYS A 1 83  ? 5.731   -12.524 -12.304 1.000 35.894 ? 83  LYS AAA NZ  1 ? 
ATOM   732  N  N   . ALA A 1 84  ? 6.711   -8.760  -5.135  1.000 21.201 ? 84  ALA AAA N   1 ? 
ATOM   733  C  CA  . ALA A 1 84  ? 6.377   -7.605  -4.262  1.000 20.614 ? 84  ALA AAA CA  1 ? 
ATOM   734  C  C   . ALA A 1 84  ? 7.599   -7.270  -3.403  1.000 19.483 ? 84  ALA AAA C   1 ? 
ATOM   735  O  O   . ALA A 1 84  ? 7.904   -6.086  -3.189  1.000 19.933 ? 84  ALA AAA O   1 ? 
ATOM   736  C  CB  . ALA A 1 84  ? 5.140   -7.899  -3.439  1.000 21.344 ? 84  ALA AAA CB  1 ? 
ATOM   737  N  N   . LYS A 1 85  ? 8.335   -8.271  -2.963  1.000 19.865 ? 85  LYS AAA N   1 ? 
ATOM   738  C  CA  . LYS A 1 85  ? 9.549   -8.077  -2.157  1.000 19.443 ? 85  LYS AAA CA  1 ? 
ATOM   739  C  C   . LYS A 1 85  ? 10.665  -7.458  -3.003  1.000 22.103 ? 85  LYS AAA C   1 ? 
ATOM   740  O  O   . LYS A 1 85  ? 11.333  -6.540  -2.548  1.000 21.286 ? 85  LYS AAA O   1 ? 
ATOM   741  C  CB  . LYS A 1 85  ? 9.995   -9.380  -1.507  1.000 22.987 ? 85  LYS AAA CB  1 ? 
ATOM   742  C  CG  . LYS A 1 85  ? 9.044   -9.853  -0.432  1.000 23.957 ? 85  LYS AAA CG  1 ? 
ATOM   743  C  CD  . LYS A 1 85  ? 9.341   -11.256 0.057   1.000 30.372 ? 85  LYS AAA CD  1 ? 
ATOM   744  C  CE  . LYS A 1 85  ? 10.728  -11.365 0.648   1.000 32.334 ? 85  LYS AAA CE  1 ? 
ATOM   745  N  NZ  . LYS A 1 85  ? 10.995  -12.774 1.033   1.000 32.902 ? 85  LYS AAA NZ  1 ? 
ATOM   746  N  N   . GLU A 1 86  ? 10.833  -7.871  -4.263  1.000 20.104 ? 86  GLU AAA N   1 ? 
ATOM   747  C  CA  . GLU A 1 86  ? 11.860  -7.259  -5.133  1.000 20.278 ? 86  GLU AAA CA  1 ? 
ATOM   748  C  C   . GLU A 1 86  ? 11.468  -5.808  -5.412  1.000 18.688 ? 86  GLU AAA C   1 ? 
ATOM   749  O  O   . GLU A 1 86  ? 12.323  -4.937  -5.542  1.000 19.391 ? 86  GLU AAA O   1 ? 
ATOM   750  C  CB  . GLU A 1 86  ? 12.068  -8.146  -6.382  1.000 23.075 ? 86  GLU AAA CB  1 ? 
ATOM   751  C  CG  . GLU A 1 86  ? 12.784  -9.443  -6.010  1.000 27.110 ? 86  GLU AAA CG  1 ? 
ATOM   752  C  CD  . GLU A 1 86  ? 13.109  -10.564 -6.995  1.000 31.597 ? 86  GLU AAA CD  1 ? 
ATOM   753  O  OE1 . GLU A 1 86  ? 13.071  -10.330 -8.183  1.000 29.827 ? 86  GLU AAA OE1 1 ? 
ATOM   754  O  OE2 . GLU A 1 86  ? 13.454  -11.698 -6.512  1.000 38.540 ? 86  GLU AAA OE2 1 ? 
ATOM   755  N  N   . ALA A 1 87  ? 10.191  -5.537  -5.535  1.000 17.520 ? 87  ALA AAA N   1 ? 
ATOM   756  C  CA  . ALA A 1 87  ? 9.719   -4.162  -5.796  1.000 17.882 ? 87  ALA AAA CA  1 ? 
ATOM   757  C  C   . ALA A 1 87  ? 10.058  -3.285  -4.587  1.000 17.864 ? 87  ALA AAA C   1 ? 
ATOM   758  O  O   . ALA A 1 87  ? 10.543  -2.181  -4.758  1.000 17.711 ? 87  ALA AAA O   1 ? 
ATOM   759  C  CB  . ALA A 1 87  ? 8.250   -4.136  -6.155  1.000 17.084 ? 87  ALA AAA CB  1 ? 
ATOM   760  N  N   A ILE A 1 88  ? 9.764   -3.769  -3.385  0.500 18.519 ? 88  ILE AAA N   1 ? 
ATOM   761  N  N   B ILE A 1 88  ? 9.756   -3.758  -3.380  0.500 18.630 ? 88  ILE AAA N   1 ? 
ATOM   762  C  CA  A ILE A 1 88  ? 10.034  -3.010  -2.127  0.500 21.402 ? 88  ILE AAA CA  1 ? 
ATOM   763  C  CA  B ILE A 1 88  ? 10.084  -3.022  -2.119  0.500 21.634 ? 88  ILE AAA CA  1 ? 
ATOM   764  C  C   A ILE A 1 88  ? 11.525  -2.707  -2.032  0.500 19.341 ? 88  ILE AAA C   1 ? 
ATOM   765  C  C   B ILE A 1 88  ? 11.556  -2.678  -2.094  0.500 19.709 ? 88  ILE AAA C   1 ? 
ATOM   766  O  O   A ILE A 1 88  ? 11.910  -1.537  -1.781  0.500 19.006 ? 88  ILE AAA O   1 ? 
ATOM   767  O  O   B ILE A 1 88  ? 11.953  -1.512  -1.839  0.500 18.775 ? 88  ILE AAA O   1 ? 
ATOM   768  C  CB  A ILE A 1 88  ? 9.522   -3.802  -0.907  0.500 23.441 ? 88  ILE AAA CB  1 ? 
ATOM   769  C  CB  B ILE A 1 88  ? 9.826   -3.892  -0.883  0.500 23.890 ? 88  ILE AAA CB  1 ? 
ATOM   770  C  CG1 A ILE A 1 88  ? 8.004   -3.708  -0.857  0.500 24.973 ? 88  ILE AAA CG1 1 ? 
ATOM   771  C  CG1 B ILE A 1 88  ? 8.341   -4.034  -0.633  0.500 26.627 ? 88  ILE AAA CG1 1 ? 
ATOM   772  C  CG2 A ILE A 1 88  ? 10.169  -3.312  0.377   0.500 26.919 ? 88  ILE AAA CG2 1 ? 
ATOM   773  C  CG2 B ILE A 1 88  ? 10.541  -3.313  0.328   0.500 26.420 ? 88  ILE AAA CG2 1 ? 
ATOM   774  C  CD1 A ILE A 1 88  ? 7.465   -2.337  -0.511  0.500 25.281 ? 88  ILE AAA CD1 1 ? 
ATOM   775  C  CD1 B ILE A 1 88  ? 8.089   -4.920  0.519   0.500 28.444 ? 88  ILE AAA CD1 1 ? 
ATOM   776  N  N   . HIS A 1 89  ? 12.373  -3.691  -2.300  1.000 21.800 ? 89  HIS AAA N   1 ? 
ATOM   777  C  CA  . HIS A 1 89  ? 13.820  -3.452  -2.324  1.000 22.934 ? 89  HIS AAA CA  1 ? 
ATOM   778  C  C   . HIS A 1 89  ? 14.170  -2.364  -3.340  1.000 20.998 ? 89  HIS AAA C   1 ? 
ATOM   779  O  O   . HIS A 1 89  ? 14.933  -1.434  -3.021  1.000 22.829 ? 89  HIS AAA O   1 ? 
ATOM   780  C  CB  . HIS A 1 89  ? 14.578  -4.768  -2.527  1.000 28.108 ? 89  HIS AAA CB  1 ? 
ATOM   781  C  CG  . HIS A 1 89  ? 16.037  -4.563  -2.362  1.000 36.861 ? 89  HIS AAA CG  1 ? 
ATOM   782  N  ND1 . HIS A 1 89  ? 16.908  -4.515  -3.438  1.000 45.084 ? 89  HIS AAA ND1 1 ? 
ATOM   783  C  CD2 . HIS A 1 89  ? 16.775  -4.311  -1.256  1.000 40.888 ? 89  HIS AAA CD2 1 ? 
ATOM   784  C  CE1 . HIS A 1 89  ? 18.135  -4.302  -2.995  1.000 42.487 ? 89  HIS AAA CE1 1 ? 
ATOM   785  N  NE2 . HIS A 1 89  ? 18.077  -4.151  -1.663  1.000 43.469 ? 89  HIS AAA NE2 1 ? 
ATOM   786  N  N   A SER A 1 90  ? 13.647  -2.422  -4.570  0.500 19.092 ? 90  SER AAA N   1 ? 
ATOM   787  N  N   B SER A 1 90  ? 13.617  -2.446  -4.553  0.500 18.081 ? 90  SER AAA N   1 ? 
ATOM   788  C  CA  A SER A 1 90  ? 14.041  -1.465  -5.629  0.500 19.966 ? 90  SER AAA CA  1 ? 
ATOM   789  C  CA  B SER A 1 90  ? 13.925  -1.532  -5.673  0.500 17.948 ? 90  SER AAA CA  1 ? 
ATOM   790  C  C   A SER A 1 90  ? 13.579  -0.052  -5.259  0.500 20.428 ? 90  SER AAA C   1 ? 
ATOM   791  C  C   B SER A 1 90  ? 13.535  -0.093  -5.318  0.500 19.418 ? 90  SER AAA C   1 ? 
ATOM   792  O  O   A SER A 1 90  ? 14.247  0.916   -5.685  0.500 21.700 ? 90  SER AAA O   1 ? 
ATOM   793  O  O   B SER A 1 90  ? 14.200  0.846   -5.828  0.500 20.371 ? 90  SER AAA O   1 ? 
ATOM   794  C  CB  A SER A 1 90  ? 13.528  -1.848  -6.987  0.500 21.937 ? 90  SER AAA CB  1 ? 
ATOM   795  C  CB  B SER A 1 90  ? 13.221  -1.975  -6.921  0.500 18.742 ? 90  SER AAA CB  1 ? 
ATOM   796  O  OG  A SER A 1 90  ? 12.132  -1.621  -7.092  0.500 24.630 ? 90  SER AAA OG  1 ? 
ATOM   797  O  OG  B SER A 1 90  ? 13.518  -1.118  -8.017  0.500 19.102 ? 90  SER AAA OG  1 ? 
ATOM   798  N  N   . CYS A 1 91  ? 12.465  0.046   -4.521  1.000 17.739 ? 91  CYS AAA N   1 ? 
ATOM   799  C  CA  . CYS A 1 91  ? 11.786  1.322   -4.220  1.000 17.285 ? 91  CYS AAA CA  1 ? 
ATOM   800  C  C   . CYS A 1 91  ? 12.208  1.870   -2.853  1.000 19.541 ? 91  CYS AAA C   1 ? 
ATOM   801  O  O   . CYS A 1 91  ? 11.649  2.879   -2.412  1.000 18.542 ? 91  CYS AAA O   1 ? 
ATOM   802  C  CB  . CYS A 1 91  ? 10.284  1.104   -4.277  1.000 16.967 ? 91  CYS AAA CB  1 ? 
ATOM   803  S  SG  . CYS A 1 91  ? 9.684   0.725   -5.936  1.000 16.504 ? 91  CYS AAA SG  1 ? 
ATOM   804  N  N   . ARG A 1 92  ? 13.197  1.272   -2.184  1.000 19.800 ? 92  ARG AAA N   1 ? 
ATOM   805  C  CA  . ARG A 1 92  ? 13.513  1.674   -0.776  1.000 21.796 ? 92  ARG AAA CA  1 ? 
ATOM   806  C  C   . ARG A 1 92  ? 14.080  3.117   -0.683  1.000 20.862 ? 92  ARG AAA C   1 ? 
ATOM   807  O  O   . ARG A 1 92  ? 14.030  3.672   0.405   1.000 24.047 ? 92  ARG AAA O   1 ? 
ATOM   808  C  CB  . ARG A 1 92  ? 14.517  0.673   -0.198  1.000 26.506 ? 92  ARG AAA CB  1 ? 
ATOM   809  C  CG  . ARG A 1 92  ? 15.871  0.746   -0.868  1.000 30.704 ? 92  ARG AAA CG  1 ? 
ATOM   810  C  CD  . ARG A 1 92  ? 16.732  -0.474  -0.505  1.000 36.674 ? 92  ARG AAA CD  1 ? 
ATOM   811  N  NE  . ARG A 1 92  ? 18.065  -0.224  -1.036  1.000 40.329 ? 92  ARG AAA NE  1 ? 
ATOM   812  C  CZ  . ARG A 1 92  ? 18.458  -0.397  -2.299  1.000 44.098 ? 92  ARG AAA CZ  1 ? 
ATOM   813  N  NH1 . ARG A 1 92  ? 17.641  -0.913  -3.207  1.000 39.846 ? 92  ARG AAA NH1 1 ? 
ATOM   814  N  NH2 . ARG A 1 92  ? 19.703  -0.101  -2.640  1.000 47.165 ? 92  ARG AAA NH2 1 ? 
ATOM   815  N  N   . ASP A 1 93  ? 14.652  3.687   -1.721  1.000 21.310 ? 93  ASP AAA N   1 ? 
ATOM   816  C  CA  . ASP A 1 93  ? 15.222  5.059   -1.623  1.000 27.168 ? 93  ASP AAA CA  1 ? 
ATOM   817  C  C   . ASP A 1 93  ? 14.125  6.116   -1.840  1.000 22.034 ? 93  ASP AAA C   1 ? 
ATOM   818  O  O   . ASP A 1 93  ? 14.414  7.317   -1.710  1.000 23.363 ? 93  ASP AAA O   1 ? 
ATOM   819  C  CB  . ASP A 1 93  ? 16.410  5.232   -2.563  1.000 29.809 ? 93  ASP AAA CB  1 ? 
ATOM   820  C  CG  . ASP A 1 93  ? 17.628  4.425   -2.122  1.000 36.643 ? 93  ASP AAA CG  1 ? 
ATOM   821  O  OD1 . ASP A 1 93  ? 17.838  4.278   -0.889  1.000 37.022 ? 93  ASP AAA OD1 1 ? 
ATOM   822  O  OD2 . ASP A 1 93  ? 18.348  3.936   -3.017  1.000 45.659 ? 93  ASP AAA OD2 1 ? 
ATOM   823  N  N   . VAL A 1 94  ? 12.894  5.734   -2.195  1.000 17.958 ? 94  VAL AAA N   1 ? 
ATOM   824  C  CA  . VAL A 1 94  ? 11.893  6.746   -2.595  1.000 17.247 ? 94  VAL AAA CA  1 ? 
ATOM   825  C  C   . VAL A 1 94  ? 11.499  7.576   -1.359  1.000 16.674 ? 94  VAL AAA C   1 ? 
ATOM   826  O  O   . VAL A 1 94  ? 11.384  8.803   -1.453  1.000 17.366 ? 94  VAL AAA O   1 ? 
ATOM   827  C  CB  . VAL A 1 94  ? 10.680  6.093   -3.301  1.000 16.342 ? 94  VAL AAA CB  1 ? 
ATOM   828  C  CG1 . VAL A 1 94  ? 9.524   7.081   -3.396  1.000 16.767 ? 94  VAL AAA CG1 1 ? 
ATOM   829  C  CG2 . VAL A 1 94  ? 11.065  5.562   -4.647  1.000 17.835 ? 94  VAL AAA CG2 1 ? 
ATOM   830  N  N   . GLN A 1 95  ? 11.192  6.941   -0.219  1.000 16.404 ? 95  GLN AAA N   1 ? 
ATOM   831  C  CA  . GLN A 1 95  ? 10.613  7.697   0.924   1.000 16.842 ? 95  GLN AAA CA  1 ? 
ATOM   832  C  C   . GLN A 1 95  ? 11.588  8.755   1.472   1.000 17.839 ? 95  GLN AAA C   1 ? 
ATOM   833  O  O   . GLN A 1 95  ? 11.119  9.787   1.946   1.000 18.132 ? 95  GLN AAA O   1 ? 
ATOM   834  C  CB  . GLN A 1 95  ? 10.164  6.755   2.046   1.000 17.607 ? 95  GLN AAA CB  1 ? 
ATOM   835  C  CG  . GLN A 1 95  ? 11.280  5.920   2.676   1.000 17.989 ? 95  GLN AAA CG  1 ? 
ATOM   836  C  CD  . GLN A 1 95  ? 10.788  5.242   3.940   1.000 19.274 ? 95  GLN AAA CD  1 ? 
ATOM   837  O  OE1 . GLN A 1 95  ? 9.805   5.687   4.536   1.000 21.623 ? 95  GLN AAA OE1 1 ? 
ATOM   838  N  NE2 . GLN A 1 95  ? 11.393  4.128   4.257   1.000 21.797 ? 95  GLN AAA NE2 1 ? 
ATOM   839  N  N   . GLY A 1 96  ? 12.885  8.538   1.352   1.000 19.125 ? 96  GLY AAA N   1 ? 
ATOM   840  C  CA  . GLY A 1 96  ? 13.882  9.511   1.831   1.000 19.768 ? 96  GLY AAA CA  1 ? 
ATOM   841  C  C   . GLY A 1 96  ? 13.836  10.807  1.039   1.000 23.063 ? 96  GLY AAA C   1 ? 
ATOM   842  O  O   . GLY A 1 96  ? 14.421  11.798  1.532   1.000 23.781 ? 96  GLY AAA O   1 ? 
ATOM   843  N  N   . ARG A 1 97  ? 13.137  10.868  -0.099  1.000 18.548 ? 97  ARG AAA N   1 ? 
ATOM   844  C  CA  . ARG A 1 97  ? 13.054  12.085  -0.935  1.000 20.098 ? 97  ARG AAA CA  1 ? 
ATOM   845  C  C   . ARG A 1 97  ? 11.922  12.990  -0.493  1.000 20.075 ? 97  ARG AAA C   1 ? 
ATOM   846  O  O   . ARG A 1 97  ? 11.798  14.098  -1.086  1.000 23.672 ? 97  ARG AAA O   1 ? 
ATOM   847  C  CB  . ARG A 1 97  ? 12.886  11.729  -2.405  1.000 21.942 ? 97  ARG AAA CB  1 ? 
ATOM   848  C  CG  . ARG A 1 97  ? 13.982  10.805  -2.880  1.000 26.136 ? 97  ARG AAA CG  1 ? 
ATOM   849  C  CD  . ARG A 1 97  ? 13.798  10.264  -4.260  1.000 32.716 ? 97  ARG AAA CD  1 ? 
ATOM   850  N  NE  . ARG A 1 97  ? 15.061  9.637   -4.604  1.000 38.733 ? 97  ARG AAA NE  1 ? 
ATOM   851  C  CZ  . ARG A 1 97  ? 15.170  8.482   -5.238  1.000 45.750 ? 97  ARG AAA CZ  1 ? 
ATOM   852  N  NH1 . ARG A 1 97  ? 14.086  7.822   -5.611  1.000 43.754 ? 97  ARG AAA NH1 1 ? 
ATOM   853  N  NH2 . ARG A 1 97  ? 16.374  8.000   -5.504  1.000 49.265 ? 97  ARG AAA NH2 1 ? 
ATOM   854  N  N   . TYR A 1 98  ? 11.101  12.580  0.473   1.000 18.105 ? 98  TYR AAA N   1 ? 
ATOM   855  C  CA  . TYR A 1 98  ? 9.873   13.318  0.841   1.000 17.469 ? 98  TYR AAA CA  1 ? 
ATOM   856  C  C   . TYR A 1 98  ? 9.855   13.532  2.342   1.000 19.039 ? 98  TYR AAA C   1 ? 
ATOM   857  O  O   . TYR A 1 98  ? 9.948   12.581  3.106   1.000 22.177 ? 98  TYR AAA O   1 ? 
ATOM   858  C  CB  . TYR A 1 98  ? 8.620   12.535  0.420   1.000 17.409 ? 98  TYR AAA CB  1 ? 
ATOM   859  C  CG  . TYR A 1 98  ? 8.519   12.362  -1.056  1.000 17.599 ? 98  TYR AAA CG  1 ? 
ATOM   860  C  CD1 . TYR A 1 98  ? 8.042   13.365  -1.875  1.000 16.359 ? 98  TYR AAA CD1 1 ? 
ATOM   861  C  CD2 . TYR A 1 98  ? 8.984   11.205  -1.653  1.000 17.674 ? 98  TYR AAA CD2 1 ? 
ATOM   862  C  CE1 . TYR A 1 98  ? 8.026   13.218  -3.251  1.000 18.676 ? 98  TYR AAA CE1 1 ? 
ATOM   863  C  CE2 . TYR A 1 98  ? 8.932   11.035  -3.013  1.000 18.769 ? 98  TYR AAA CE2 1 ? 
ATOM   864  C  CZ  . TYR A 1 98  ? 8.466   12.044  -3.817  1.000 19.755 ? 98  TYR AAA CZ  1 ? 
ATOM   865  O  OH  . TYR A 1 98  ? 8.440   11.830  -5.172  1.000 22.430 ? 98  TYR AAA OH  1 ? 
ATOM   866  N  N   . LYS A 1 99  ? 9.652   14.776  2.781   1.000 21.447 ? 99  LYS AAA N   1 ? 
ATOM   867  C  CA  . LYS A 1 99  ? 9.564   15.071  4.233   1.000 23.238 ? 99  LYS AAA CA  1 ? 
ATOM   868  C  C   . LYS A 1 99  ? 8.248   14.558  4.822   1.000 20.846 ? 99  LYS AAA C   1 ? 
ATOM   869  O  O   . LYS A 1 99  ? 8.219   14.065  5.988   1.000 23.386 ? 99  LYS AAA O   1 ? 
ATOM   870  C  CB  . LYS A 1 99  ? 9.714   16.581  4.459   1.000 27.680 ? 99  LYS AAA CB  1 ? 
ATOM   871  C  CG  . LYS A 1 99  ? 9.857   16.988  5.915   1.000 38.940 ? 99  LYS AAA CG  1 ? 
ATOM   872  C  CD  . LYS A 1 99  ? 9.984   18.509  6.116   1.000 45.259 ? 99  LYS AAA CD  1 ? 
ATOM   873  C  CE  . LYS A 1 99  ? 9.902   18.926  7.573   1.000 49.253 ? 99  LYS AAA CE  1 ? 
ATOM   874  N  NZ  . LYS A 1 99  ? 11.168  18.640  8.290   1.000 54.300 ? 99  LYS AAA NZ  1 ? 
ATOM   875  N  N   . ASP A 1 100 ? 7.170   14.645  4.032   1.000 21.324 ? 100 ASP AAA N   1 ? 
ATOM   876  C  CA  . ASP A 1 100 ? 5.819   14.393  4.555   1.000 19.092 ? 100 ASP AAA CA  1 ? 
ATOM   877  C  C   . ASP A 1 100 ? 5.462   12.897  4.457   1.000 18.253 ? 100 ASP AAA C   1 ? 
ATOM   878  O  O   . ASP A 1 100 ? 5.707   12.282  3.415   1.000 18.414 ? 100 ASP AAA O   1 ? 
ATOM   879  C  CB  . ASP A 1 100 ? 4.813   15.228  3.773   1.000 22.288 ? 100 ASP AAA CB  1 ? 
ATOM   880  C  CG  . ASP A 1 100 ? 3.381   14.941  4.168   1.000 23.991 ? 100 ASP AAA CG  1 ? 
ATOM   881  O  OD1 . ASP A 1 100 ? 2.778   13.954  3.614   1.000 22.084 ? 100 ASP AAA OD1 1 ? 
ATOM   882  O  OD2 . ASP A 1 100 ? 2.859   15.639  5.053   1.000 25.395 ? 100 ASP AAA OD2 1 ? 
ATOM   883  N  N   A SER A 1 101 ? 4.907   12.336  5.502   0.500 17.766 ? 101 SER AAA N   1 ? 
ATOM   884  N  N   B SER A 1 101 ? 4.946   12.321  5.548   0.500 18.238 ? 101 SER AAA N   1 ? 
ATOM   885  C  CA  A SER A 1 101 ? 4.694   10.869  5.564   0.500 17.257 ? 101 SER AAA CA  1 ? 
ATOM   886  C  CA  B SER A 1 101 ? 4.605   10.866  5.678   0.500 17.790 ? 101 SER AAA CA  1 ? 
ATOM   887  C  C   A SER A 1 101 ? 3.619   10.413  4.564   0.500 16.589 ? 101 SER AAA C   1 ? 
ATOM   888  C  C   B SER A 1 101 ? 3.654   10.444  4.542   0.500 16.793 ? 101 SER AAA C   1 ? 
ATOM   889  O  O   A SER A 1 101 ? 3.678   9.254   4.139   0.500 16.149 ? 101 SER AAA O   1 ? 
ATOM   890  O  O   B SER A 1 101 ? 3.828   9.338   3.995   0.500 16.427 ? 101 SER AAA O   1 ? 
ATOM   891  C  CB  A SER A 1 101 ? 4.366   10.466  6.936   0.500 17.574 ? 101 SER AAA CB  1 ? 
ATOM   892  C  CB  B SER A 1 101 ? 4.012   10.502  7.040   0.500 19.245 ? 101 SER AAA CB  1 ? 
ATOM   893  O  OG  A SER A 1 101 ? 5.478   10.699  7.784   0.500 20.009 ? 101 SER AAA OG  1 ? 
ATOM   894  O  OG  B SER A 1 101 ? 3.850   9.080   7.220   0.500 19.982 ? 101 SER AAA OG  1 ? 
ATOM   895  N  N   . CYS A 1 102 ? 2.623   11.221  4.243   1.000 15.877 ? 102 CYS AAA N   1 ? 
ATOM   896  C  CA  . CYS A 1 102 ? 1.635   10.791  3.220   1.000 14.997 ? 102 CYS AAA CA  1 ? 
ATOM   897  C  C   . CYS A 1 102 ? 2.343   10.767  1.878   1.000 15.277 ? 102 CYS AAA C   1 ? 
ATOM   898  O  O   . CYS A 1 102 ? 2.068   9.848   1.091   1.000 15.263 ? 102 CYS AAA O   1 ? 
ATOM   899  C  CB  . CYS A 1 102 ? 0.454   11.730  3.188   1.000 15.805 ? 102 CYS AAA CB  1 ? 
ATOM   900  S  SG  . CYS A 1 102 ? -0.406  11.774  4.795   1.000 17.948 ? 102 CYS AAA SG  1 ? 
ATOM   901  N  N   . ASP A 1 103 ? 3.230   11.728  1.577   1.000 15.597 ? 103 ASP AAA N   1 ? 
ATOM   902  C  CA  . ASP A 1 103 ? 4.024   11.657  0.346   1.000 14.863 ? 103 ASP AAA CA  1 ? 
ATOM   903  C  C   . ASP A 1 103 ? 4.885   10.376  0.387   1.000 15.660 ? 103 ASP AAA C   1 ? 
ATOM   904  O  O   . ASP A 1 103 ? 5.054   9.680   -0.639  1.000 15.495 ? 103 ASP AAA O   1 ? 
ATOM   905  C  CB  . ASP A 1 103 ? 4.932   12.887  0.169   1.000 16.706 ? 103 ASP AAA CB  1 ? 
ATOM   906  C  CG  . ASP A 1 103 ? 4.163   14.106  -0.291  1.000 18.878 ? 103 ASP AAA CG  1 ? 
ATOM   907  O  OD1 . ASP A 1 103 ? 3.089   14.001  -0.941  1.000 18.045 ? 103 ASP AAA OD1 1 ? 
ATOM   908  O  OD2 . ASP A 1 103 ? 4.694   15.224  -0.029  1.000 20.600 ? 103 ASP AAA OD2 1 ? 
ATOM   909  N  N   . LYS A 1 104 ? 5.524   10.106  1.529   1.000 14.914 ? 104 LYS AAA N   1 ? 
ATOM   910  C  CA  . LYS A 1 104 ? 6.404   8.911   1.583   1.000 14.065 ? 104 LYS AAA CA  1 ? 
ATOM   911  C  C   . LYS A 1 104 ? 5.584   7.688   1.157   1.000 15.227 ? 104 LYS AAA C   1 ? 
ATOM   912  O  O   . LYS A 1 104 ? 6.078   6.863   0.351   1.000 14.882 ? 104 LYS AAA O   1 ? 
ATOM   913  C  CB  . LYS A 1 104 ? 6.953   8.706   2.990   1.000 15.184 ? 104 LYS AAA CB  1 ? 
ATOM   914  C  CG  . LYS A 1 104 ? 7.985   9.726   3.481   1.000 16.555 ? 104 LYS AAA CG  1 ? 
ATOM   915  C  CD  . LYS A 1 104 ? 8.485   9.371   4.869   1.000 17.313 ? 104 LYS AAA CD  1 ? 
ATOM   916  C  CE  . LYS A 1 104 ? 9.374   10.472  5.439   1.000 18.660 ? 104 LYS AAA CE  1 ? 
ATOM   917  N  NZ  . LYS A 1 104 ? 10.674  10.484  4.760   1.000 19.930 ? 104 LYS AAA NZ  1 ? 
ATOM   918  N  N   . THR A 1 105 ? 4.423   7.458   1.784   1.000 13.969 ? 105 THR AAA N   1 ? 
ATOM   919  C  CA  . THR A 1 105 ? 3.692   6.201   1.497   1.000 13.619 ? 105 THR AAA CA  1 ? 
ATOM   920  C  C   . THR A 1 105 ? 3.156   6.228   0.082   1.000 14.052 ? 105 THR AAA C   1 ? 
ATOM   921  O  O   . THR A 1 105 ? 3.152   5.197   -0.593  1.000 14.037 ? 105 THR AAA O   1 ? 
ATOM   922  C  CB  . THR A 1 105 ? 2.632   5.922   2.556   1.000 14.094 ? 105 THR AAA CB  1 ? 
ATOM   923  O  OG1 . THR A 1 105 ? 1.666   6.987   2.597   1.000 14.198 ? 105 THR AAA OG1 1 ? 
ATOM   924  C  CG2 . THR A 1 105 ? 3.254   5.793   3.938   1.000 16.029 ? 105 THR AAA CG2 1 ? 
ATOM   925  N  N   . PHE A 1 106 ? 2.635   7.362   -0.365  1.000 13.935 ? 106 PHE AAA N   1 ? 
ATOM   926  C  CA  . PHE A 1 106 ? 1.979   7.456   -1.670  1.000 12.851 ? 106 PHE AAA CA  1 ? 
ATOM   927  C  C   . PHE A 1 106 ? 3.010   7.185   -2.768  1.000 13.714 ? 106 PHE AAA C   1 ? 
ATOM   928  O  O   . PHE A 1 106 ? 2.766   6.340   -3.623  1.000 13.487 ? 106 PHE AAA O   1 ? 
ATOM   929  C  CB  . PHE A 1 106 ? 1.300   8.818   -1.842  1.000 14.055 ? 106 PHE AAA CB  1 ? 
ATOM   930  C  CG  . PHE A 1 106 ? 0.666   9.061   -3.191  1.000 13.313 ? 106 PHE AAA CG  1 ? 
ATOM   931  C  CD1 . PHE A 1 106 ? -0.666  8.723   -3.388  1.000 14.581 ? 106 PHE AAA CD1 1 ? 
ATOM   932  C  CD2 . PHE A 1 106 ? 1.320   9.744   -4.200  1.000 14.951 ? 106 PHE AAA CD2 1 ? 
ATOM   933  C  CE1 . PHE A 1 106 ? -1.323  9.061   -4.567  1.000 14.881 ? 106 PHE AAA CE1 1 ? 
ATOM   934  C  CE2 . PHE A 1 106 ? 0.674   10.069  -5.382  1.000 16.532 ? 106 PHE AAA CE2 1 ? 
ATOM   935  C  CZ  . PHE A 1 106 ? -0.666  9.735   -5.544  1.000 15.447 ? 106 PHE AAA CZ  1 ? 
ATOM   936  N  N   . TYR A 1 107 ? 4.136   7.881   -2.762  1.000 14.007 ? 107 TYR AAA N   1 ? 
ATOM   937  C  CA  . TYR A 1 107 ? 5.174   7.730   -3.807  1.000 13.395 ? 107 TYR AAA CA  1 ? 
ATOM   938  C  C   . TYR A 1 107 ? 5.877   6.392   -3.690  1.000 14.084 ? 107 TYR AAA C   1 ? 
ATOM   939  O  O   . TYR A 1 107 ? 6.242   5.817   -4.733  1.000 14.951 ? 107 TYR AAA O   1 ? 
ATOM   940  C  CB  . TYR A 1 107 ? 6.123   8.924   -3.886  1.000 14.800 ? 107 TYR AAA CB  1 ? 
ATOM   941  C  CG  . TYR A 1 107 ? 5.377   10.154  -4.314  1.000 14.989 ? 107 TYR AAA CG  1 ? 
ATOM   942  C  CD1 . TYR A 1 107 ? 4.871   10.229  -5.592  1.000 15.970 ? 107 TYR AAA CD1 1 ? 
ATOM   943  C  CD2 . TYR A 1 107 ? 5.253   11.268  -3.514  1.000 15.418 ? 107 TYR AAA CD2 1 ? 
ATOM   944  C  CE1 . TYR A 1 107 ? 4.134   11.333  -6.026  1.000 16.913 ? 107 TYR AAA CE1 1 ? 
ATOM   945  C  CE2 . TYR A 1 107 ? 4.528   12.378  -3.913  1.000 16.039 ? 107 TYR AAA CE2 1 ? 
ATOM   946  C  CZ  . TYR A 1 107 ? 3.961   12.403  -5.181  1.000 16.476 ? 107 TYR AAA CZ  1 ? 
ATOM   947  O  OH  . TYR A 1 107 ? 3.309   13.558  -5.559  1.000 17.713 ? 107 TYR AAA OH  1 ? 
ATOM   948  N  N   . SER A 1 108 ? 6.072   5.846   -2.492  1.000 13.243 ? 108 SER AAA N   1 ? 
ATOM   949  C  CA  . SER A 1 108 ? 6.642   4.489   -2.387  1.000 13.189 ? 108 SER AAA CA  1 ? 
ATOM   950  C  C   . SER A 1 108 ? 5.684   3.502   -3.037  1.000 12.775 ? 108 SER AAA C   1 ? 
ATOM   951  O  O   . SER A 1 108 ? 6.147   2.578   -3.722  1.000 13.544 ? 108 SER AAA O   1 ? 
ATOM   952  C  CB  . SER A 1 108 ? 6.921   4.118   -0.974  1.000 14.007 ? 108 SER AAA CB  1 ? 
ATOM   953  O  OG  . SER A 1 108 ? 7.903   4.990   -0.428  1.000 16.233 ? 108 SER AAA OG  1 ? 
ATOM   954  N  N   . THR A 1 109 ? 4.401   3.629   -2.786  1.000 12.694 ? 109 THR AAA N   1 ? 
ATOM   955  C  CA  . THR A 1 109 ? 3.358   2.735   -3.349  1.000 13.161 ? 109 THR AAA CA  1 ? 
ATOM   956  C  C   . THR A 1 109 ? 3.383   2.882   -4.869  1.000 13.580 ? 109 THR AAA C   1 ? 
ATOM   957  O  O   . THR A 1 109 ? 3.251   1.883   -5.576  1.000 14.243 ? 109 THR AAA O   1 ? 
ATOM   958  C  CB  . THR A 1 109 ? 2.001   3.025   -2.702  1.000 13.227 ? 109 THR AAA CB  1 ? 
ATOM   959  O  OG1 . THR A 1 109 ? 2.076   2.795   -1.295  1.000 14.320 ? 109 THR AAA OG1 1 ? 
ATOM   960  C  CG2 . THR A 1 109 ? 0.955   2.066   -3.227  1.000 14.491 ? 109 THR AAA CG2 1 ? 
ATOM   961  N  N   . LYS A 1 110 ? 3.428   4.093   -5.396  1.000 12.797 ? 110 LYS AAA N   1 ? 
ATOM   962  C  CA  . LYS A 1 110 ? 3.448   4.334   -6.856  1.000 13.530 ? 110 LYS AAA CA  1 ? 
ATOM   963  C  C   . LYS A 1 110 ? 4.668   3.626   -7.475  1.000 14.406 ? 110 LYS AAA C   1 ? 
ATOM   964  O  O   . LYS A 1 110 ? 4.563   3.040   -8.558  1.000 14.450 ? 110 LYS AAA O   1 ? 
ATOM   965  C  CB  . LYS A 1 110 ? 3.468   5.834   -7.113  1.000 14.584 ? 110 LYS AAA CB  1 ? 
ATOM   966  C  CG  . LYS A 1 110 ? 3.333   6.193   -8.589  1.000 16.121 ? 110 LYS AAA CG  1 ? 
ATOM   967  C  CD  . LYS A 1 110 ? 3.245   7.657   -8.816  1.000 21.341 ? 110 LYS AAA CD  1 ? 
ATOM   968  C  CE  . LYS A 1 110 ? 3.066   7.979   -10.283 1.000 26.394 ? 110 LYS AAA CE  1 ? 
ATOM   969  N  NZ  . LYS A 1 110 ? 3.023   9.445   -10.510 1.000 33.964 ? 110 LYS AAA NZ  1 ? 
ATOM   970  N  N   . CYS A 1 111 ? 5.817   3.678   -6.810  1.000 14.270 ? 111 CYS AAA N   1 ? 
ATOM   971  C  CA  . CYS A 1 111 ? 7.031   2.983   -7.262  1.000 14.896 ? 111 CYS AAA CA  1 ? 
ATOM   972  C  C   . CYS A 1 111 ? 6.731   1.492   -7.335  1.000 14.895 ? 111 CYS AAA C   1 ? 
ATOM   973  O  O   . CYS A 1 111 ? 7.172   0.806   -8.309  1.000 15.364 ? 111 CYS AAA O   1 ? 
ATOM   974  C  CB  . CYS A 1 111 ? 8.188   3.340   -6.322  1.000 13.249 ? 111 CYS AAA CB  1 ? 
ATOM   975  S  SG  . CYS A 1 111 ? 9.752   2.584   -6.840  1.000 16.043 ? 111 CYS AAA SG  1 ? 
ATOM   976  N  N   . LEU A 1 112 ? 6.051   0.923   -6.334  1.000 14.321 ? 112 LEU AAA N   1 ? 
ATOM   977  C  CA  . LEU A 1 112 ? 5.724   -0.507  -6.376  1.000 14.218 ? 112 LEU AAA CA  1 ? 
ATOM   978  C  C   . LEU A 1 112 ? 4.874   -0.831  -7.582  1.000 15.221 ? 112 LEU AAA C   1 ? 
ATOM   979  O  O   . LEU A 1 112 ? 5.080   -1.898  -8.220  1.000 17.350 ? 112 LEU AAA O   1 ? 
ATOM   980  C  CB  . LEU A 1 112 ? 5.003   -0.997  -5.118  1.000 15.528 ? 112 LEU AAA CB  1 ? 
ATOM   981  C  CG  . LEU A 1 112 ? 5.730   -0.848  -3.816  1.000 17.748 ? 112 LEU AAA CG  1 ? 
ATOM   982  C  CD1 . LEU A 1 112 ? 4.858   -1.378  -2.667  1.000 19.961 ? 112 LEU AAA CD1 1 ? 
ATOM   983  C  CD2 . LEU A 1 112 ? 7.070   -1.559  -3.833  1.000 18.552 ? 112 LEU AAA CD2 1 ? 
ATOM   984  N  N   . ALA A 1 113 ? 3.864   -0.010  -7.829  1.000 15.007 ? 113 ALA AAA N   1 ? 
ATOM   985  C  CA  . ALA A 1 113 ? 2.964   -0.209  -8.983  1.000 15.350 ? 113 ALA AAA CA  1 ? 
ATOM   986  C  C   . ALA A 1 113 ? 3.755   -0.149  -10.277 1.000 16.648 ? 113 ALA AAA C   1 ? 
ATOM   987  O  O   . ALA A 1 113 ? 3.547   -1.028  -11.173 1.000 18.856 ? 113 ALA AAA O   1 ? 
ATOM   988  C  CB  . ALA A 1 113 ? 1.857   0.820   -8.995  1.000 16.138 ? 113 ALA AAA CB  1 ? 
ATOM   989  N  N   . GLU A 1 114 ? 4.629   0.833   -10.399 1.000 16.579 ? 114 GLU AAA N   1 ? 
ATOM   990  C  CA  . GLU A 1 114 ? 5.379   1.027   -11.664 1.000 18.136 ? 114 GLU AAA CA  1 ? 
ATOM   991  C  C   . GLU A 1 114 ? 6.349   -0.130  -11.856 1.000 18.154 ? 114 GLU AAA C   1 ? 
ATOM   992  O  O   . GLU A 1 114 ? 6.653   -0.483  -13.054 1.000 18.873 ? 114 GLU AAA O   1 ? 
ATOM   993  C  CB  . GLU A 1 114 ? 6.098   2.362   -11.658 1.000 19.228 ? 114 GLU AAA CB  1 ? 
ATOM   994  C  CG  . GLU A 1 114 ? 5.085   3.477   -11.752 1.000 23.484 ? 114 GLU AAA CG  1 ? 
ATOM   995  C  CD  . GLU A 1 114 ? 5.676   4.857   -11.827 1.000 30.391 ? 114 GLU AAA CD  1 ? 
ATOM   996  O  OE1 . GLU A 1 114 ? 6.908   4.999   -11.612 1.000 37.631 ? 114 GLU AAA OE1 1 ? 
ATOM   997  O  OE2 . GLU A 1 114 ? 4.894   5.780   -12.128 1.000 36.969 ? 114 GLU AAA OE2 1 ? 
ATOM   998  N  N   . TYR A 1 115 ? 6.816   -0.754  -10.791 1.000 16.693 ? 115 TYR AAA N   1 ? 
ATOM   999  C  CA  . TYR A 1 115 ? 7.758   -1.881  -10.886 1.000 16.512 ? 115 TYR AAA CA  1 ? 
ATOM   1000 C  C   . TYR A 1 115 ? 7.099   -3.002  -11.675 1.000 18.686 ? 115 TYR AAA C   1 ? 
ATOM   1001 O  O   . TYR A 1 115 ? 7.762   -3.601  -12.578 1.000 20.778 ? 115 TYR AAA O   1 ? 
ATOM   1002 C  CB  . TYR A 1 115 ? 8.185   -2.331  -9.498  1.000 15.784 ? 115 TYR AAA CB  1 ? 
ATOM   1003 C  CG  . TYR A 1 115 ? 9.274   -3.349  -9.513  1.000 17.513 ? 115 TYR AAA CG  1 ? 
ATOM   1004 C  CD1 . TYR A 1 115 ? 8.988   -4.689  -9.498  1.000 16.754 ? 115 TYR AAA CD1 1 ? 
ATOM   1005 C  CD2 . TYR A 1 115 ? 10.583  -2.958  -9.393  1.000 17.620 ? 115 TYR AAA CD2 1 ? 
ATOM   1006 C  CE1 . TYR A 1 115 ? 9.985   -5.645  -9.534  1.000 18.330 ? 115 TYR AAA CE1 1 ? 
ATOM   1007 C  CE2 . TYR A 1 115 ? 11.591  -3.896  -9.413  1.000 17.987 ? 115 TYR AAA CE2 1 ? 
ATOM   1008 C  CZ  . TYR A 1 115 ? 11.295  -5.232  -9.455  1.000 18.608 ? 115 TYR AAA CZ  1 ? 
ATOM   1009 O  OH  . TYR A 1 115 ? 12.338  -6.133  -9.462  1.000 22.251 ? 115 TYR AAA OH  1 ? 
ATOM   1010 N  N   . ASP A 1 116 ? 5.854   -3.340  -11.383 1.000 16.032 ? 116 ASP AAA N   1 ? 
ATOM   1011 C  CA  . ASP A 1 116 ? 5.135   -4.375  -12.142 1.000 16.594 ? 116 ASP AAA CA  1 ? 
ATOM   1012 C  C   . ASP A 1 116 ? 3.633   -4.174  -11.930 1.000 16.791 ? 116 ASP AAA C   1 ? 
ATOM   1013 O  O   . ASP A 1 116 ? 3.095   -4.582  -10.869 1.000 16.724 ? 116 ASP AAA O   1 ? 
ATOM   1014 C  CB  . ASP A 1 116 ? 5.580   -5.774  -11.717 1.000 18.781 ? 116 ASP AAA CB  1 ? 
ATOM   1015 C  CG  . ASP A 1 116 ? 4.963   -6.916  -12.501 1.000 24.050 ? 116 ASP AAA CG  1 ? 
ATOM   1016 O  OD1 . ASP A 1 116 ? 3.967   -6.705  -13.150 1.000 23.463 ? 116 ASP AAA OD1 1 ? 
ATOM   1017 O  OD2 . ASP A 1 116 ? 5.531   -8.037  -12.424 1.000 26.318 ? 116 ASP AAA OD2 1 ? 
ATOM   1018 N  N   . ARG A 1 117 ? 2.988   -3.569  -12.898 1.000 16.371 ? 117 ARG AAA N   1 ? 
ATOM   1019 C  CA  . ARG A 1 117 ? 1.533   -3.269  -12.787 1.000 16.025 ? 117 ARG AAA CA  1 ? 
ATOM   1020 C  C   . ARG A 1 117 ? 0.698   -4.534  -12.724 1.000 18.057 ? 117 ARG AAA C   1 ? 
ATOM   1021 O  O   . ARG A 1 117 ? -0.370  -4.488  -12.135 1.000 18.524 ? 117 ARG AAA O   1 ? 
ATOM   1022 C  CB  . ARG A 1 117 ? 1.103   -2.384  -13.951 1.000 18.092 ? 117 ARG AAA CB  1 ? 
ATOM   1023 C  CG  . ARG A 1 117 ? 1.682   -0.996  -13.868 1.000 17.716 ? 117 ARG AAA CG  1 ? 
ATOM   1024 C  CD  . ARG A 1 117 ? 0.950   -0.118  -12.848 1.000 16.556 ? 117 ARG AAA CD  1 ? 
ATOM   1025 N  NE  . ARG A 1 117 ? -0.502  -0.023  -13.075 1.000 17.424 ? 117 ARG AAA NE  1 ? 
ATOM   1026 C  CZ  . ARG A 1 117 ? -1.080  0.778   -13.946 1.000 17.060 ? 117 ARG AAA CZ  1 ? 
ATOM   1027 N  NH1 . ARG A 1 117 ? -0.330  1.567   -14.725 1.000 19.156 ? 117 ARG AAA NH1 1 ? 
ATOM   1028 N  NH2 . ARG A 1 117 ? -2.406  0.863   -14.019 1.000 17.853 ? 117 ARG AAA NH2 1 ? 
ATOM   1029 N  N   . ASP A 1 118 ? 1.179   -5.640  -13.279 1.000 17.648 ? 118 ASP AAA N   1 ? 
ATOM   1030 C  CA  . ASP A 1 118 ? 0.336   -6.857  -13.357 1.000 18.789 ? 118 ASP AAA CA  1 ? 
ATOM   1031 C  C   . ASP A 1 118 ? 0.192   -7.503  -11.990 1.000 19.164 ? 118 ASP AAA C   1 ? 
ATOM   1032 O  O   . ASP A 1 118 ? -0.841  -8.163  -11.753 1.000 23.946 ? 118 ASP AAA O   1 ? 
ATOM   1033 C  CB  . ASP A 1 118 ? 0.888   -7.860  -14.371 1.000 22.913 ? 118 ASP AAA CB  1 ? 
ATOM   1034 C  CG  . ASP A 1 118 ? 0.671   -7.384  -15.793 1.000 33.526 ? 118 ASP AAA CG  1 ? 
ATOM   1035 O  OD1 . ASP A 1 118 ? -0.195  -6.523  -15.977 1.000 28.937 ? 118 ASP AAA OD1 1 ? 
ATOM   1036 O  OD2 . ASP A 1 118 ? 1.371   -7.915  -16.694 1.000 39.614 ? 118 ASP AAA OD2 1 ? 
ATOM   1037 N  N   . VAL A 1 119 ? 1.202   -7.357  -11.143 1.000 17.726 ? 119 VAL AAA N   1 ? 
ATOM   1038 C  CA  . VAL A 1 119 ? 1.088   -7.994  -9.812  1.000 18.570 ? 119 VAL AAA CA  1 ? 
ATOM   1039 C  C   . VAL A 1 119 ? 0.605   -6.974  -8.788  1.000 17.289 ? 119 VAL AAA C   1 ? 
ATOM   1040 O  O   . VAL A 1 119 ? 0.203   -7.423  -7.704  1.000 19.355 ? 119 VAL AAA O   1 ? 
ATOM   1041 C  CB  . VAL A 1 119 ? 2.416   -8.660  -9.460  1.000 25.098 ? 119 VAL AAA CB  1 ? 
ATOM   1042 C  CG1 . VAL A 1 119 ? 2.887   -9.641  -10.529 1.000 31.993 ? 119 VAL AAA CG1 1 ? 
ATOM   1043 C  CG2 . VAL A 1 119 ? 3.444   -7.666  -9.168  1.000 23.772 ? 119 VAL AAA CG2 1 ? 
ATOM   1044 N  N   . PHE A 1 120 ? 0.671   -5.684  -9.051  1.000 16.021 ? 120 PHE AAA N   1 ? 
ATOM   1045 C  CA  . PHE A 1 120 ? 0.299   -4.665  -8.032  1.000 15.731 ? 120 PHE AAA CA  1 ? 
ATOM   1046 C  C   . PHE A 1 120 ? -1.177  -4.726  -7.707  1.000 14.938 ? 120 PHE AAA C   1 ? 
ATOM   1047 O  O   . PHE A 1 120 ? -2.034  -4.892  -8.595  1.000 16.411 ? 120 PHE AAA O   1 ? 
ATOM   1048 C  CB  . PHE A 1 120 ? 0.574   -3.292  -8.603  1.000 15.543 ? 120 PHE AAA CB  1 ? 
ATOM   1049 C  CG  . PHE A 1 120 ? 0.250   -2.166  -7.651  1.000 14.432 ? 120 PHE AAA CG  1 ? 
ATOM   1050 C  CD1 . PHE A 1 120 ? 1.066   -1.895  -6.565  1.000 15.575 ? 120 PHE AAA CD1 1 ? 
ATOM   1051 C  CD2 . PHE A 1 120 ? -0.945  -1.469  -7.760  1.000 14.736 ? 120 PHE AAA CD2 1 ? 
ATOM   1052 C  CE1 . PHE A 1 120 ? 0.763   -0.864  -5.678  1.000 15.460 ? 120 PHE AAA CE1 1 ? 
ATOM   1053 C  CE2 . PHE A 1 120 ? -1.252  -0.466  -6.839  1.000 14.599 ? 120 PHE AAA CE2 1 ? 
ATOM   1054 C  CZ  . PHE A 1 120 ? -0.411  -0.182  -5.793  1.000 13.715 ? 120 PHE AAA CZ  1 ? 
ATOM   1055 N  N   A LEU A 1 121 ? -1.451  -4.628  -6.422  0.500 15.180 ? 121 LEU AAA N   1 ? 
ATOM   1056 N  N   B LEU A 1 121 ? -1.499  -4.597  -6.424  0.500 15.118 ? 121 LEU AAA N   1 ? 
ATOM   1057 C  CA  A LEU A 1 121 ? -2.791  -4.376  -5.879  0.500 16.212 ? 121 LEU AAA CA  1 ? 
ATOM   1058 C  CA  B LEU A 1 121 ? -2.889  -4.471  -5.920  0.500 16.375 ? 121 LEU AAA CA  1 ? 
ATOM   1059 C  C   A LEU A 1 121 ? -2.626  -3.387  -4.748  0.500 16.446 ? 121 LEU AAA C   1 ? 
ATOM   1060 C  C   B LEU A 1 121 ? -2.832  -3.671  -4.617  0.500 16.568 ? 121 LEU AAA C   1 ? 
ATOM   1061 O  O   A LEU A 1 121 ? -1.513  -3.250  -4.161  0.500 16.557 ? 121 LEU AAA O   1 ? 
ATOM   1062 O  O   B LEU A 1 121 ? -1.923  -3.908  -3.786  0.500 20.298 ? 121 LEU AAA O   1 ? 
ATOM   1063 C  CB  A LEU A 1 121 ? -3.388  -5.676  -5.362  0.500 18.574 ? 121 LEU AAA CB  1 ? 
ATOM   1064 C  CB  B LEU A 1 121 ? -3.484  -5.872  -5.728  0.500 17.668 ? 121 LEU AAA CB  1 ? 
ATOM   1065 C  CG  A LEU A 1 121 ? -3.920  -6.611  -6.421  0.500 18.449 ? 121 LEU AAA CG  1 ? 
ATOM   1066 C  CG  B LEU A 1 121 ? -4.988  -6.016  -5.935  0.500 18.925 ? 121 LEU AAA CG  1 ? 
ATOM   1067 C  CD1 A LEU A 1 121 ? -4.229  -7.941  -5.747  0.500 20.347 ? 121 LEU AAA CD1 1 ? 
ATOM   1068 C  CD1 B LEU A 1 121 ? -5.318  -5.858  -7.417  0.500 21.218 ? 121 LEU AAA CD1 1 ? 
ATOM   1069 C  CD2 A LEU A 1 121 ? -5.155  -6.005  -7.085  0.500 21.031 ? 121 LEU AAA CD2 1 ? 
ATOM   1070 C  CD2 B LEU A 1 121 ? -5.440  -7.375  -5.409  0.500 21.954 ? 121 LEU AAA CD2 1 ? 
ATOM   1071 N  N   . PHE A 1 122 ? -3.682  -2.659  -4.465  1.000 15.191 ? 122 PHE AAA N   1 ? 
ATOM   1072 C  CA  . PHE A 1 122 ? -3.675  -1.837  -3.241  1.000 14.757 ? 122 PHE AAA CA  1 ? 
ATOM   1073 C  C   . PHE A 1 122 ? -5.057  -1.909  -2.615  1.000 13.187 ? 122 PHE AAA C   1 ? 
ATOM   1074 O  O   . PHE A 1 122 ? -6.037  -1.954  -3.330  1.000 14.118 ? 122 PHE AAA O   1 ? 
ATOM   1075 C  CB  . PHE A 1 122 ? -3.283  -0.404  -3.564  1.000 14.295 ? 122 PHE AAA CB  1 ? 
ATOM   1076 C  CG  . PHE A 1 122 ? -2.821  0.365   -2.348  1.000 13.766 ? 122 PHE AAA CG  1 ? 
ATOM   1077 C  CD1 . PHE A 1 122 ? -1.563  0.120   -1.787  1.000 14.809 ? 122 PHE AAA CD1 1 ? 
ATOM   1078 C  CD2 . PHE A 1 122 ? -3.632  1.252   -1.680  1.000 13.346 ? 122 PHE AAA CD2 1 ? 
ATOM   1079 C  CE1 . PHE A 1 122 ? -1.126  0.785   -0.649  1.000 14.229 ? 122 PHE AAA CE1 1 ? 
ATOM   1080 C  CE2 . PHE A 1 122 ? -3.196  1.901   -0.538  1.000 14.937 ? 122 PHE AAA CE2 1 ? 
ATOM   1081 C  CZ  . PHE A 1 122 ? -1.946  1.685   -0.025  1.000 15.056 ? 122 PHE AAA CZ  1 ? 
ATOM   1082 N  N   . PRO A 1 123 ? -5.115  -1.890  -1.285  1.000 14.384 ? 123 PRO AAA N   1 ? 
ATOM   1083 C  CA  . PRO A 1 123 ? -6.427  -1.929  -0.643  1.000 14.205 ? 123 PRO AAA CA  1 ? 
ATOM   1084 C  C   . PRO A 1 123 ? -7.317  -0.739  -1.033  1.000 15.273 ? 123 PRO AAA C   1 ? 
ATOM   1085 O  O   . PRO A 1 123 ? -8.501  -0.990  -1.391  1.000 15.633 ? 123 PRO AAA O   1 ? 
ATOM   1086 C  CB  . PRO A 1 123 ? -6.055  -1.834  0.849   1.000 15.893 ? 123 PRO AAA CB  1 ? 
ATOM   1087 C  CG  . PRO A 1 123 ? -4.759  -2.524  0.940   1.000 16.481 ? 123 PRO AAA CG  1 ? 
ATOM   1088 C  CD  . PRO A 1 123 ? -4.021  -2.022  -0.303  1.000 14.705 ? 123 PRO AAA CD  1 ? 
ATOM   1089 O  OXT . PRO A 1 123 ? -6.815  0.434   -1.017  1.000 15.953 ? 123 PRO AAA OXT 1 ? 
HETATM 1090 C  C1  . MPD B 2 .   ? 4.705   -0.144  1.783   1.000 23.251 ? 201 MPD AAA C1  1 ? 
HETATM 1091 C  C2  . MPD B 2 .   ? 3.512   0.677   1.323   1.000 20.348 ? 201 MPD AAA C2  1 ? 
HETATM 1092 O  O2  . MPD B 2 .   ? 3.385   0.622   -0.125  1.000 21.711 ? 201 MPD AAA O2  1 ? 
HETATM 1093 C  CM  . MPD B 2 .   ? 3.630   2.127   1.740   1.000 19.713 ? 201 MPD AAA CM  1 ? 
HETATM 1094 C  C3  . MPD B 2 .   ? 2.217   0.165   1.936   1.000 22.581 ? 201 MPD AAA C3  1 ? 
HETATM 1095 C  C4  . MPD B 2 .   ? 1.938   -1.278  1.650   1.000 27.746 ? 201 MPD AAA C4  1 ? 
HETATM 1096 O  O4  . MPD B 2 .   ? 0.711   -1.736  2.294   1.000 34.045 ? 201 MPD AAA O4  1 ? 
HETATM 1097 C  C5  . MPD B 2 .   ? 1.845   -1.457  0.166   1.000 23.073 ? 201 MPD AAA C5  1 ? 
HETATM 1098 C  C1  . MPD C 2 .   ? -0.446  -4.073  -1.101  1.000 33.755 ? 202 MPD AAA C1  1 ? 
HETATM 1099 C  C2  . MPD C 2 .   ? 0.954   -4.186  -1.686  1.000 31.994 ? 202 MPD AAA C2  1 ? 
HETATM 1100 O  O2  . MPD C 2 .   ? 1.155   -3.057  -2.607  1.000 39.587 ? 202 MPD AAA O2  1 ? 
HETATM 1101 C  CM  . MPD C 2 .   ? 2.002   -4.096  -0.592  1.000 30.462 ? 202 MPD AAA CM  1 ? 
HETATM 1102 C  C3  . MPD C 2 .   ? 1.211   -5.519  -2.395  1.000 34.553 ? 202 MPD AAA C3  1 ? 
HETATM 1103 C  C4  . MPD C 2 .   ? 0.489   -5.819  -3.662  1.000 38.964 ? 202 MPD AAA C4  1 ? 
HETATM 1104 O  O4  . MPD C 2 .   ? 0.879   -4.878  -4.652  1.000 30.606 ? 202 MPD AAA O4  1 ? 
HETATM 1105 C  C5  . MPD C 2 .   ? 0.895   -7.180  -4.120  1.000 41.055 ? 202 MPD AAA C5  1 ? 
HETATM 1106 C  C1  . MPD D 2 .   ? 1.469   -7.665  3.151   1.000 36.556 ? 203 MPD AAA C1  1 ? 
HETATM 1107 C  C2  . MPD D 2 .   ? 1.362   -6.317  2.459   1.000 35.942 ? 203 MPD AAA C2  1 ? 
HETATM 1108 O  O2  . MPD D 2 .   ? 1.615   -6.490  1.044   1.000 33.630 ? 203 MPD AAA O2  1 ? 
HETATM 1109 C  CM  . MPD D 2 .   ? 2.490   -5.403  2.904   1.000 29.159 ? 203 MPD AAA CM  1 ? 
HETATM 1110 C  C3  . MPD D 2 .   ? -0.017  -5.690  2.699   1.000 35.421 ? 203 MPD AAA C3  1 ? 
HETATM 1111 C  C4  . MPD D 2 .   ? -1.233  -6.582  2.510   1.000 39.173 ? 203 MPD AAA C4  1 ? 
HETATM 1112 O  O4  . MPD D 2 .   ? -1.535  -7.296  3.755   1.000 36.553 ? 203 MPD AAA O4  1 ? 
HETATM 1113 C  C5  . MPD D 2 .   ? -2.441  -5.786  2.037   1.000 38.730 ? 203 MPD AAA C5  1 ? 
HETATM 1114 NA NA  . NA  E 3 .   ? 11.971  -8.741  -9.446  1.000 35.699 ? 204 NA  AAA NA  1 ? 
HETATM 1115 C  C2  . ETX F 4 .   ? -14.760 -3.050  -4.073  1.000 47.212 ? 205 ETX AAA C2  1 ? 
HETATM 1116 O  O2  . ETX F 4 .   ? -15.731 -3.051  -3.030  1.000 50.491 ? 205 ETX AAA O2  1 ? 
HETATM 1117 C  C3  . ETX F 4 .   ? -16.879 -3.850  -3.303  1.000 45.998 ? 205 ETX AAA C3  1 ? 
HETATM 1118 C  C4  . ETX F 4 .   ? -16.834 -5.096  -2.464  1.000 38.793 ? 205 ETX AAA C4  1 ? 
HETATM 1119 O  O1  . ETX F 4 .   ? -13.402 -2.610  -2.119  1.000 39.610 ? 205 ETX AAA O1  1 ? 
HETATM 1120 C  C1  . ETX F 4 .   ? -13.374 -2.979  -3.504  1.000 42.026 ? 205 ETX AAA C1  1 ? 
HETATM 1121 O  O   . HOH G 5 .   ? -14.070 -8.392  3.081   1.000 39.140 ? 301 HOH AAA O   1 ? 
HETATM 1122 O  O   . HOH G 5 .   ? -11.202 -11.230 5.189   1.000 39.571 ? 302 HOH AAA O   1 ? 
HETATM 1123 O  O   . HOH G 5 .   ? 8.962   4.101   -10.590 1.000 39.575 ? 303 HOH AAA O   1 ? 
HETATM 1124 O  O   . HOH G 5 .   ? -1.254  -18.051 -9.641  1.000 30.336 ? 304 HOH AAA O   1 ? 
HETATM 1125 O  O   . HOH G 5 .   ? 4.099   17.318  6.423   1.000 44.466 ? 305 HOH AAA O   1 ? 
HETATM 1126 O  O   . HOH G 5 .   ? -13.173 -2.742  8.119   1.000 35.248 ? 306 HOH AAA O   1 ? 
HETATM 1127 O  O   . HOH G 5 .   ? -9.156  13.735  5.935   1.000 36.328 ? 307 HOH AAA O   1 ? 
HETATM 1128 O  O   . HOH G 5 .   ? -14.463 -8.616  -0.138  1.000 34.691 ? 308 HOH AAA O   1 ? 
HETATM 1129 O  O   . HOH G 5 .   ? 6.830   -20.155 -2.443  1.000 41.628 ? 309 HOH AAA O   1 ? 
HETATM 1130 O  O   . HOH G 5 .   ? -8.210  15.976  -6.115  1.000 24.004 ? 310 HOH AAA O   1 ? 
HETATM 1131 O  O   . HOH G 5 .   ? 10.204  14.217  7.624   1.000 47.565 ? 311 HOH AAA O   1 ? 
HETATM 1132 O  O   . HOH G 5 .   ? 7.288   12.517  8.166   1.000 46.654 ? 312 HOH AAA O   1 ? 
HETATM 1133 O  O   . HOH G 5 .   ? 8.998   9.629   -6.453  1.000 34.252 ? 313 HOH AAA O   1 ? 
HETATM 1134 O  O   . HOH G 5 .   ? 1.011   15.827  -0.025  1.000 29.428 ? 314 HOH AAA O   1 ? 
HETATM 1135 O  O   . HOH G 5 .   ? 13.168  2.651   2.664   1.000 33.904 ? 315 HOH AAA O   1 ? 
HETATM 1136 O  O   . HOH G 5 .   ? 9.003   10.853  9.089   1.000 45.601 ? 316 HOH AAA O   1 ? 
HETATM 1137 O  O   . HOH G 5 .   ? -0.043  4.683   -12.799 1.000 34.396 ? 317 HOH AAA O   1 ? 
HETATM 1138 O  O   . HOH G 5 .   ? -11.348 -1.745  -5.894  1.000 27.368 ? 318 HOH AAA O   1 ? 
HETATM 1139 O  O   . HOH G 5 .   ? -2.854  -6.954  -10.021 1.000 26.995 ? 319 HOH AAA O   1 ? 
HETATM 1140 O  O   . HOH G 5 .   ? -10.499 14.846  -2.329  1.000 25.869 ? 320 HOH AAA O   1 ? 
HETATM 1141 O  O   . HOH G 5 .   ? 3.327   -5.329  -5.536  1.000 39.687 ? 321 HOH AAA O   1 ? 
HETATM 1142 O  O   . HOH G 5 .   ? 13.576  -14.347 -6.703  1.000 34.347 ? 322 HOH AAA O   1 ? 
HETATM 1143 O  O   . HOH G 5 .   ? -13.617 -6.410  -3.850  1.000 32.469 ? 323 HOH AAA O   1 ? 
HETATM 1144 O  O   . HOH G 5 .   ? -16.727 4.664   -9.062  1.000 29.346 ? 324 HOH AAA O   1 ? 
HETATM 1145 O  O   . HOH G 5 .   ? 6.914   15.790  1.326   1.000 22.801 ? 325 HOH AAA O   1 ? 
HETATM 1146 O  O   . HOH G 5 .   ? 7.541   -8.060  -10.674 1.000 31.018 ? 326 HOH AAA O   1 ? 
HETATM 1147 O  O   . HOH G 5 .   ? 6.704   -13.229 7.974   1.000 38.098 ? 327 HOH AAA O   1 ? 
HETATM 1148 O  O   . HOH G 5 .   ? 10.424  0.415   -0.735  1.000 32.280 ? 328 HOH AAA O   1 ? 
HETATM 1149 O  O   . HOH G 5 .   ? 4.638   -10.314 -13.492 1.000 31.219 ? 329 HOH AAA O   1 ? 
HETATM 1150 O  O   . HOH G 5 .   ? -9.727  -18.741 -1.361  1.000 32.124 ? 330 HOH AAA O   1 ? 
HETATM 1151 O  O   . HOH G 5 .   ? 0.220   -19.902 0.931   1.000 40.298 ? 331 HOH AAA O   1 ? 
HETATM 1152 O  O   . HOH G 5 .   ? 4.309   -4.470  -8.339  1.000 21.981 ? 332 HOH AAA O   1 ? 
HETATM 1153 O  O   . HOH G 5 .   ? -13.507 11.431  -7.791  1.000 26.283 ? 333 HOH AAA O   1 ? 
HETATM 1154 O  O   . HOH G 5 .   ? -5.673  17.370  -5.617  1.000 23.870 ? 334 HOH AAA O   1 ? 
HETATM 1155 O  O   . HOH G 5 .   ? -6.341  15.952  -8.233  1.000 31.631 ? 335 HOH AAA O   1 ? 
HETATM 1156 O  O   . HOH G 5 .   ? 16.376  8.714   -0.474  1.000 33.894 ? 336 HOH AAA O   1 ? 
HETATM 1157 O  O   . HOH G 5 .   ? -15.817 -0.919  -7.837  1.000 46.412 ? 337 HOH AAA O   1 ? 
HETATM 1158 O  O   . HOH G 5 .   ? 5.393   14.954  -6.601  1.000 37.504 ? 338 HOH AAA O   1 ? 
HETATM 1159 O  O   . HOH G 5 .   ? 5.002   0.058   -15.143 1.000 29.017 ? 339 HOH AAA O   1 ? 
HETATM 1160 O  O   . HOH G 5 .   ? 3.805   17.409  -1.379  1.000 27.557 ? 340 HOH AAA O   1 ? 
HETATM 1161 O  O   . HOH G 5 .   ? -3.703  -3.246  -9.972  1.000 16.056 ? 341 HOH AAA O   1 ? 
HETATM 1162 O  O   . HOH G 5 .   ? -3.628  -8.938  4.324   1.000 40.275 ? 342 HOH AAA O   1 ? 
HETATM 1163 O  O   . HOH G 5 .   ? -9.949  -1.551  -8.896  1.000 30.596 ? 343 HOH AAA O   1 ? 
HETATM 1164 O  O   . HOH G 5 .   ? 6.397   -13.427 -6.994  1.000 35.386 ? 344 HOH AAA O   1 ? 
HETATM 1165 O  O   . HOH G 5 .   ? 1.250   10.613  -8.785  1.000 29.189 ? 345 HOH AAA O   1 ? 
HETATM 1166 O  O   . HOH G 5 .   ? 14.526  3.360   -4.498  1.000 28.095 ? 346 HOH AAA O   1 ? 
HETATM 1167 O  O   . HOH G 5 .   ? 14.488  6.146   1.469   1.000 25.256 ? 347 HOH AAA O   1 ? 
HETATM 1168 O  O   . HOH G 5 .   ? -16.736 9.372   6.422   1.000 43.160 ? 348 HOH AAA O   1 ? 
HETATM 1169 O  O   . HOH G 5 .   ? -6.488  7.073   -7.945  1.000 13.935 ? 349 HOH AAA O   1 ? 
HETATM 1170 O  O   . HOH G 5 .   ? -1.564  -2.084  -11.549 1.000 17.198 ? 350 HOH AAA O   1 ? 
HETATM 1171 O  O   . HOH G 5 .   ? 12.156  12.268  6.239   1.000 35.010 ? 351 HOH AAA O   1 ? 
HETATM 1172 O  O   . HOH G 5 .   ? 12.037  8.169   5.366   1.000 26.449 ? 352 HOH AAA O   1 ? 
HETATM 1173 O  O   . HOH G 5 .   ? 10.427  16.395  -1.746  1.000 43.080 ? 353 HOH AAA O   1 ? 
HETATM 1174 O  O   . HOH G 5 .   ? -3.346  -15.179 -7.630  1.000 58.695 ? 354 HOH AAA O   1 ? 
HETATM 1175 O  O   . HOH G 5 .   ? 12.676  2.892   7.954   1.000 39.572 ? 355 HOH AAA O   1 ? 
HETATM 1176 O  O   . HOH G 5 .   ? 7.595   -4.198  -15.267 1.000 32.804 ? 356 HOH AAA O   1 ? 
HETATM 1177 O  O   . HOH G 5 .   ? -9.189  -12.776 4.197   1.000 32.510 ? 357 HOH AAA O   1 ? 
HETATM 1178 O  O   . HOH G 5 .   ? 3.827   -16.086 1.112   1.000 33.250 ? 358 HOH AAA O   1 ? 
HETATM 1179 O  O   . HOH G 5 .   ? -8.385  11.782  8.765   1.000 43.148 ? 359 HOH AAA O   1 ? 
HETATM 1180 O  O   . HOH G 5 .   ? -7.360  2.126   -3.140  1.000 26.050 ? 360 HOH AAA O   1 ? 
HETATM 1181 O  O   . HOH G 5 .   ? -5.698  -1.421  -13.735 1.000 41.656 ? 361 HOH AAA O   1 ? 
HETATM 1182 O  O   . HOH G 5 .   ? 9.517   -13.589 7.172   1.000 42.559 ? 362 HOH AAA O   1 ? 
HETATM 1183 O  O   . HOH G 5 .   ? 10.557  4.074   -0.134  1.000 17.191 ? 363 HOH AAA O   1 ? 
HETATM 1184 O  O   . HOH G 5 .   ? 11.996  0.980   -9.087  1.000 35.532 ? 364 HOH AAA O   1 ? 
HETATM 1185 O  O   . HOH G 5 .   ? -5.039  -19.557 3.855   1.000 35.909 ? 365 HOH AAA O   1 ? 
HETATM 1186 O  O   . HOH G 5 .   ? -15.135 2.932   -9.544  1.000 32.948 ? 366 HOH AAA O   1 ? 
HETATM 1187 O  O   . HOH G 5 .   ? 4.330   -2.907  -15.280 1.000 29.766 ? 367 HOH AAA O   1 ? 
HETATM 1188 O  O   . HOH G 5 .   ? -0.291  -6.840  6.465   1.000 46.576 ? 368 HOH AAA O   1 ? 
HETATM 1189 O  O   . HOH G 5 .   ? 7.336   7.207   -6.965  1.000 33.422 ? 369 HOH AAA O   1 ? 
HETATM 1190 O  O   . HOH G 5 .   ? -14.210 7.962   1.626   1.000 18.419 ? 370 HOH AAA O   1 ? 
HETATM 1191 O  O   . HOH G 5 .   ? 13.360  0.417   6.686   1.000 38.416 ? 371 HOH AAA O   1 ? 
HETATM 1192 O  O   . HOH G 5 .   ? 4.629   13.854  7.938   1.000 29.877 ? 372 HOH AAA O   1 ? 
HETATM 1193 O  O   . HOH G 5 .   ? 8.333   -0.296  12.924  1.000 34.516 ? 373 HOH AAA O   1 ? 
HETATM 1194 O  O   . HOH G 5 .   ? 6.442   -6.613  -8.358  1.000 27.527 ? 374 HOH AAA O   1 ? 
HETATM 1195 O  O   . HOH G 5 .   ? 9.459   1.208   -10.026 1.000 28.182 ? 375 HOH AAA O   1 ? 
HETATM 1196 O  O   . HOH G 5 .   ? 13.932  -1.927  7.833   1.000 37.006 ? 376 HOH AAA O   1 ? 
HETATM 1197 O  O   . HOH G 5 .   ? 9.631   16.951  0.873   1.000 35.084 ? 377 HOH AAA O   1 ? 
HETATM 1198 O  O   . HOH G 5 .   ? 11.166  -10.924 4.328   1.000 49.606 ? 378 HOH AAA O   1 ? 
HETATM 1199 O  O   . HOH G 5 .   ? -3.125  9.089   7.312   1.000 27.214 ? 379 HOH AAA O   1 ? 
HETATM 1200 O  O   . HOH G 5 .   ? -11.573 7.185   -13.562 1.000 36.636 ? 380 HOH AAA O   1 ? 
HETATM 1201 O  O   . HOH G 5 .   ? -16.428 2.090   5.327   1.000 26.522 ? 381 HOH AAA O   1 ? 
HETATM 1202 O  O   . HOH G 5 .   ? -1.927  3.335   -16.416 1.000 47.307 ? 382 HOH AAA O   1 ? 
HETATM 1203 O  O   . HOH G 5 .   ? 11.627  10.815  8.811   1.000 43.113 ? 383 HOH AAA O   1 ? 
HETATM 1204 O  O   . HOH G 5 .   ? -9.783  10.269  -9.612  1.000 28.581 ? 384 HOH AAA O   1 ? 
HETATM 1205 O  O   . HOH G 5 .   ? -0.979  6.975   -12.062 1.000 25.969 ? 385 HOH AAA O   1 ? 
HETATM 1206 O  O   . HOH G 5 .   ? -14.293 -2.515  0.941   1.000 26.419 ? 386 HOH AAA O   1 ? 
HETATM 1207 O  O   . HOH G 5 .   ? 11.793  1.407   10.834  1.000 42.623 ? 387 HOH AAA O   1 ? 
HETATM 1208 O  O   . HOH G 5 .   ? -10.729 -5.910  -6.420  1.000 31.619 ? 388 HOH AAA O   1 ? 
HETATM 1209 O  O   . HOH G 5 .   ? -10.049 3.876   -14.728 1.000 49.113 ? 389 HOH AAA O   1 ? 
HETATM 1210 O  O   . HOH G 5 .   ? -3.896  13.248  -10.780 1.000 16.288 ? 390 HOH AAA O   1 ? 
HETATM 1211 O  O   . HOH G 5 .   ? -8.023  8.279   -9.929  1.000 19.638 ? 391 HOH AAA O   1 ? 
HETATM 1212 O  O   . HOH G 5 .   ? 2.522   0.014   10.855  1.000 26.523 ? 392 HOH AAA O   1 ? 
HETATM 1213 O  O   . HOH G 5 .   ? -4.856  17.793  -3.018  1.000 22.622 ? 393 HOH AAA O   1 ? 
HETATM 1214 O  O   . HOH G 5 .   ? 3.405   6.264   11.356  1.000 42.382 ? 394 HOH AAA O   1 ? 
HETATM 1215 O  O   . HOH G 5 .   ? -6.897  17.801  1.807   1.000 44.135 ? 395 HOH AAA O   1 ? 
HETATM 1216 O  O   . HOH G 5 .   ? 11.564  9.322   -6.342  1.000 38.071 ? 396 HOH AAA O   1 ? 
HETATM 1217 O  O   . HOH G 5 .   ? -5.330  14.288  4.652   1.000 33.822 ? 397 HOH AAA O   1 ? 
HETATM 1218 O  O   . HOH G 5 .   ? -11.206 -14.269 3.611   1.000 46.013 ? 398 HOH AAA O   1 ? 
HETATM 1219 O  O   . HOH G 5 .   ? -12.837 3.718   -11.077 1.000 35.777 ? 399 HOH AAA O   1 ? 
HETATM 1220 O  O   . HOH G 5 .   ? 3.186   16.996  -4.032  1.000 18.653 ? 400 HOH AAA O   1 ? 
HETATM 1221 O  O   . HOH G 5 .   ? 2.693   2.063   -14.970 1.000 29.715 ? 401 HOH AAA O   1 ? 
HETATM 1222 O  O   . HOH G 5 .   ? 3.237   8.739   15.390  1.000 47.258 ? 402 HOH AAA O   1 ? 
HETATM 1223 O  O   . HOH G 5 .   ? 0.765   8.539   -12.482 1.000 40.772 ? 403 HOH AAA O   1 ? 
HETATM 1224 O  O   . HOH G 5 .   ? 2.263   4.890   -13.660 1.000 38.041 ? 404 HOH AAA O   1 ? 
HETATM 1225 O  O   . HOH G 5 .   ? -4.102  7.702   9.247   1.000 37.688 ? 405 HOH AAA O   1 ? 
HETATM 1226 O  O   . HOH G 5 .   ? -11.303 -18.663 4.393   1.000 49.127 ? 406 HOH AAA O   1 ? 
HETATM 1227 O  O   . HOH G 5 .   ? -2.266  -19.457 -1.934  1.000 32.933 ? 407 HOH AAA O   1 ? 
HETATM 1228 O  O   . HOH G 5 .   ? -4.377  3.616   11.122  1.000 56.419 ? 408 HOH AAA O   1 ? 
HETATM 1229 O  O   . HOH G 5 .   ? -4.135  10.680  -11.958 1.000 23.423 ? 409 HOH AAA O   1 ? 
HETATM 1230 O  O   . HOH G 5 .   ? 1.882   -4.109  -17.061 1.000 47.374 ? 410 HOH AAA O   1 ? 
HETATM 1231 O  O   . HOH G 5 .   ? 17.180  6.913   1.206   1.000 47.928 ? 411 HOH AAA O   1 ? 
HETATM 1232 O  O   . HOH G 5 .   ? 10.659  1.951   1.662   1.000 30.456 ? 412 HOH AAA O   1 ? 
HETATM 1233 O  O   . HOH G 5 .   ? -16.007 10.162  2.375   1.000 36.441 ? 413 HOH AAA O   1 ? 
HETATM 1234 O  O   . HOH G 5 .   ? -12.986 13.080  -4.238  1.000 34.446 ? 414 HOH AAA O   1 ? 
HETATM 1235 O  O   . HOH G 5 .   ? 14.370  6.616   4.426   1.000 39.795 ? 415 HOH AAA O   1 ? 
HETATM 1236 O  O   . HOH G 5 .   ? -12.026 16.061  -4.374  1.000 36.111 ? 416 HOH AAA O   1 ? 
HETATM 1237 O  O   . HOH G 5 .   ? -6.477  13.971  -9.998  1.000 24.595 ? 417 HOH AAA O   1 ? 
HETATM 1238 O  O   . HOH G 5 .   ? -8.356  -3.529  -9.763  1.000 43.817 ? 418 HOH AAA O   1 ? 
HETATM 1239 O  O   . HOH G 5 .   ? -6.997  14.089  7.155   1.000 56.765 ? 419 HOH AAA O   1 ? 
HETATM 1240 O  O   . HOH G 5 .   ? 14.807  5.025   6.391   1.000 46.225 ? 420 HOH AAA O   1 ? 
HETATM 1241 O  O   . HOH G 5 .   ? 9.336   5.808   -8.371  1.000 38.799 ? 421 HOH AAA O   1 ? 
HETATM 1242 O  O   . HOH G 5 .   ? -6.872  9.959   -11.741 1.000 27.751 ? 422 HOH AAA O   1 ? 
HETATM 1243 O  O   . HOH G 5 .   ? -8.273  0.042   -13.032 1.000 62.775 ? 423 HOH AAA O   1 ? 
HETATM 1244 O  O   . HOH G 5 .   ? -0.708  13.097  8.192   1.000 53.251 ? 424 HOH AAA O   1 ? 
HETATM 1245 O  O   . HOH G 5 .   ? 14.929  1.469   4.382   1.000 46.422 ? 425 HOH AAA O   1 ? 
HETATM 1246 O  O   . HOH G 5 .   ? -3.319  11.632  7.953   1.000 43.887 ? 426 HOH AAA O   1 ? 
# 
